data_2FMK
# 
_entry.id   2FMK 
# 
_audit_conform.dict_name       mmcif_pdbx.dic 
_audit_conform.dict_version    5.398 
_audit_conform.dict_location   http://mmcif.pdb.org/dictionaries/ascii/mmcif_pdbx.dic 
# 
loop_
_database_2.database_id 
_database_2.database_code 
_database_2.pdbx_database_accession 
_database_2.pdbx_DOI 
PDB   2FMK         pdb_00002fmk 10.2210/pdb2fmk/pdb 
RCSB  RCSB036056   ?            ?                   
WWPDB D_1000036056 ?            ?                   
# 
loop_
_pdbx_audit_revision_history.ordinal 
_pdbx_audit_revision_history.data_content_type 
_pdbx_audit_revision_history.major_revision 
_pdbx_audit_revision_history.minor_revision 
_pdbx_audit_revision_history.revision_date 
1 'Structure model' 1 0 2006-05-23 
2 'Structure model' 1 1 2008-05-01 
3 'Structure model' 1 2 2011-07-13 
4 'Structure model' 1 3 2023-08-30 
5 'Structure model' 1 4 2024-10-30 
# 
_pdbx_audit_revision_details.ordinal             1 
_pdbx_audit_revision_details.revision_ordinal    1 
_pdbx_audit_revision_details.data_content_type   'Structure model' 
_pdbx_audit_revision_details.provider            repository 
_pdbx_audit_revision_details.type                'Initial release' 
_pdbx_audit_revision_details.description         ? 
_pdbx_audit_revision_details.details             ? 
# 
loop_
_pdbx_audit_revision_group.ordinal 
_pdbx_audit_revision_group.revision_ordinal 
_pdbx_audit_revision_group.data_content_type 
_pdbx_audit_revision_group.group 
1 2 'Structure model' 'Version format compliance' 
2 3 'Structure model' 'Source and taxonomy'       
3 3 'Structure model' 'Version format compliance' 
4 4 'Structure model' 'Data collection'           
5 4 'Structure model' 'Database references'       
6 4 'Structure model' 'Derived calculations'      
7 4 'Structure model' 'Refinement description'    
8 5 'Structure model' 'Structure summary'         
# 
loop_
_pdbx_audit_revision_category.ordinal 
_pdbx_audit_revision_category.revision_ordinal 
_pdbx_audit_revision_category.data_content_type 
_pdbx_audit_revision_category.category 
1  4 'Structure model' chem_comp_atom                
2  4 'Structure model' chem_comp_bond                
3  4 'Structure model' database_2                    
4  4 'Structure model' pdbx_initial_refinement_model 
5  4 'Structure model' pdbx_struct_conn_angle        
6  4 'Structure model' struct_conn                   
7  4 'Structure model' struct_conn_type              
8  4 'Structure model' struct_ref_seq_dif            
9  4 'Structure model' struct_site                   
10 5 'Structure model' pdbx_entry_details            
11 5 'Structure model' pdbx_modification_feature     
# 
loop_
_pdbx_audit_revision_item.ordinal 
_pdbx_audit_revision_item.revision_ordinal 
_pdbx_audit_revision_item.data_content_type 
_pdbx_audit_revision_item.item 
1  4 'Structure model' '_database_2.pdbx_DOI'                
2  4 'Structure model' '_database_2.pdbx_database_accession' 
3  4 'Structure model' '_struct_conn.conn_type_id'           
4  4 'Structure model' '_struct_conn.id'                     
5  4 'Structure model' '_struct_conn.pdbx_dist_value'        
6  4 'Structure model' '_struct_conn.pdbx_leaving_atom_flag' 
7  4 'Structure model' '_struct_conn.ptnr1_auth_asym_id'     
8  4 'Structure model' '_struct_conn.ptnr1_auth_comp_id'     
9  4 'Structure model' '_struct_conn.ptnr1_auth_seq_id'      
10 4 'Structure model' '_struct_conn.ptnr1_label_asym_id'    
11 4 'Structure model' '_struct_conn.ptnr1_label_atom_id'    
12 4 'Structure model' '_struct_conn.ptnr1_label_comp_id'    
13 4 'Structure model' '_struct_conn.ptnr1_label_seq_id'     
14 4 'Structure model' '_struct_conn.ptnr2_auth_asym_id'     
15 4 'Structure model' '_struct_conn.ptnr2_auth_comp_id'     
16 4 'Structure model' '_struct_conn.ptnr2_auth_seq_id'      
17 4 'Structure model' '_struct_conn.ptnr2_label_asym_id'    
18 4 'Structure model' '_struct_conn.ptnr2_label_atom_id'    
19 4 'Structure model' '_struct_conn.ptnr2_label_comp_id'    
20 4 'Structure model' '_struct_conn.ptnr2_label_seq_id'     
21 4 'Structure model' '_struct_conn_type.id'                
22 4 'Structure model' '_struct_ref_seq_dif.details'         
23 4 'Structure model' '_struct_site.pdbx_auth_asym_id'      
24 4 'Structure model' '_struct_site.pdbx_auth_comp_id'      
25 4 'Structure model' '_struct_site.pdbx_auth_seq_id'       
# 
_pdbx_database_status.entry_id                        2FMK 
_pdbx_database_status.status_code                     REL 
_pdbx_database_status.status_code_sf                  REL 
_pdbx_database_status.recvd_initial_deposition_date   2006-01-09 
_pdbx_database_status.deposit_site                    RCSB 
_pdbx_database_status.process_site                    RCSB 
_pdbx_database_status.SG_entry                        N 
_pdbx_database_status.status_code_mr                  ? 
_pdbx_database_status.pdb_format_compatible           Y 
_pdbx_database_status.status_code_cs                  ? 
_pdbx_database_status.status_code_nmr_data            ? 
_pdbx_database_status.methods_development_category    ? 
# 
loop_
_pdbx_database_related.db_name 
_pdbx_database_related.db_id 
_pdbx_database_related.details 
_pdbx_database_related.content_type 
PDB 2FKA 
'The Mg2+ and BeF3--bound CheY-CheZ peptide complex in the same space group but solved from crystals grown in CAPS (pH 10.5)' 
unspecified 
PDB 2FLK 
;The CheY-CheZ peptide complex in the same space group and solved from crystals grown under the same conditions but without Mg2+ and BeF3- ligands bound to CheY
;
unspecified 
PDB 2FLW 
'The Mg2+ and BeF3--bound CheY-CheZ peptide complex in the same space group but solved from crystals grown in Hepes (pH 7.5)' 
unspecified 
PDB 2FMF 
;The CheY-CheZ peptide complex in the same space group but solved from crystals grown in Hepes (pH 7.5) and without Mg2+ and BeF3- ligands bound to CheY
;
unspecified 
PDB 2FMH 
'The Mg2+ and BeF3--bound CheY-CheZ peptide complex in the same space group but solved from crystals grown in Tris (pH 8.4)' 
unspecified 
PDB 2FMI 
;The CheY-CheZ peptide complex in the same space group but solved from crystals grown in Tris (pH 8.4) and without Mg2+ and BeF3- ligands bound to CheY
;
unspecified 
# 
loop_
_audit_author.name 
_audit_author.pdbx_ordinal 
'Guhaniyogi, J.' 1 
'Robinson, V.L.' 2 
'Stock, A.M.'    3 
# 
_citation.id                        primary 
_citation.title                     
;Crystal Structures of Beryllium Fluoride-free and Beryllium Fluoride-bound CheY in Complex with the Conserved C-terminal Peptide of CheZ Reveal Dual Binding Modes Specific to CheY Conformation
;
_citation.journal_abbrev            J.Mol.Biol. 
_citation.journal_volume            359 
_citation.page_first                624 
_citation.page_last                 645 
_citation.year                      2006 
_citation.journal_id_ASTM           JMOBAK 
_citation.country                   UK 
_citation.journal_id_ISSN           0022-2836 
_citation.journal_id_CSD            0070 
_citation.book_publisher            ? 
_citation.pdbx_database_id_PubMed   16674976 
_citation.pdbx_database_id_DOI      10.1016/j.jmb.2006.03.050 
# 
loop_
_citation_author.citation_id 
_citation_author.name 
_citation_author.ordinal 
_citation_author.identifier_ORCID 
primary 'Guhaniyogi, J.' 1 ? 
primary 'Robinson, V.L.' 2 ? 
primary 'Stock, A.M.'    3 ? 
# 
loop_
_entity.id 
_entity.type 
_entity.src_method 
_entity.pdbx_description 
_entity.formula_weight 
_entity.pdbx_number_of_molecules 
_entity.pdbx_ec 
_entity.pdbx_mutation 
_entity.pdbx_fragment 
_entity.details 
1 polymer     man 'Chemotaxis protein cheY'                        14140.385 1  ? ? ?                  ? 
2 polymer     syn 'C-terminal 15-mer from Chemotaxis protein cheZ' 1648.725  1  ? ? 'residues 200-214' ? 
3 non-polymer syn 'MAGNESIUM ION'                                  24.305    1  ? ? ?                  ? 
4 non-polymer syn 'BERYLLIUM TRIFLUORIDE ION'                      66.007    1  ? ? ?                  ? 
5 water       nat water                                            18.015    90 ? ? ?                  ? 
# 
loop_
_entity_poly.entity_id 
_entity_poly.type 
_entity_poly.nstd_linkage 
_entity_poly.nstd_monomer 
_entity_poly.pdbx_seq_one_letter_code 
_entity_poly.pdbx_seq_one_letter_code_can 
_entity_poly.pdbx_strand_id 
_entity_poly.pdbx_target_identifier 
1 'polypeptide(L)' no no  
;MADKELKFLVVDDFSTMRRIVRNLLKELGFNNVEEAEDGVDALNKLQAGGFGFIISDWNMPNMDGLELLKTIRADSAMSA
LPVLMVTAEAKKENIIAAAQAGASGYVVKPFTAATLEEKLNKIFEKLGM
;
;MADKELKFLVVDDFSTMRRIVRNLLKELGFNNVEEAEDGVDALNKLQAGGFGFIISDWNMPNMDGLELLKTIRADSAMSA
LPVLMVTAEAKKENIIAAAQAGASGYVVKPFTAATLEEKLNKIFEKLGM
;
A ? 
2 'polypeptide(L)' no yes '(ACE)ASQDQVDDLLDSLGF' XASQDQVDDLLDSLGF B ? 
# 
loop_
_pdbx_entity_nonpoly.entity_id 
_pdbx_entity_nonpoly.name 
_pdbx_entity_nonpoly.comp_id 
3 'MAGNESIUM ION'             MG  
4 'BERYLLIUM TRIFLUORIDE ION' BEF 
5 water                       HOH 
# 
loop_
_entity_poly_seq.entity_id 
_entity_poly_seq.num 
_entity_poly_seq.mon_id 
_entity_poly_seq.hetero 
1 1   MET n 
1 2   ALA n 
1 3   ASP n 
1 4   LYS n 
1 5   GLU n 
1 6   LEU n 
1 7   LYS n 
1 8   PHE n 
1 9   LEU n 
1 10  VAL n 
1 11  VAL n 
1 12  ASP n 
1 13  ASP n 
1 14  PHE n 
1 15  SER n 
1 16  THR n 
1 17  MET n 
1 18  ARG n 
1 19  ARG n 
1 20  ILE n 
1 21  VAL n 
1 22  ARG n 
1 23  ASN n 
1 24  LEU n 
1 25  LEU n 
1 26  LYS n 
1 27  GLU n 
1 28  LEU n 
1 29  GLY n 
1 30  PHE n 
1 31  ASN n 
1 32  ASN n 
1 33  VAL n 
1 34  GLU n 
1 35  GLU n 
1 36  ALA n 
1 37  GLU n 
1 38  ASP n 
1 39  GLY n 
1 40  VAL n 
1 41  ASP n 
1 42  ALA n 
1 43  LEU n 
1 44  ASN n 
1 45  LYS n 
1 46  LEU n 
1 47  GLN n 
1 48  ALA n 
1 49  GLY n 
1 50  GLY n 
1 51  PHE n 
1 52  GLY n 
1 53  PHE n 
1 54  ILE n 
1 55  ILE n 
1 56  SER n 
1 57  ASP n 
1 58  TRP n 
1 59  ASN n 
1 60  MET n 
1 61  PRO n 
1 62  ASN n 
1 63  MET n 
1 64  ASP n 
1 65  GLY n 
1 66  LEU n 
1 67  GLU n 
1 68  LEU n 
1 69  LEU n 
1 70  LYS n 
1 71  THR n 
1 72  ILE n 
1 73  ARG n 
1 74  ALA n 
1 75  ASP n 
1 76  SER n 
1 77  ALA n 
1 78  MET n 
1 79  SER n 
1 80  ALA n 
1 81  LEU n 
1 82  PRO n 
1 83  VAL n 
1 84  LEU n 
1 85  MET n 
1 86  VAL n 
1 87  THR n 
1 88  ALA n 
1 89  GLU n 
1 90  ALA n 
1 91  LYS n 
1 92  LYS n 
1 93  GLU n 
1 94  ASN n 
1 95  ILE n 
1 96  ILE n 
1 97  ALA n 
1 98  ALA n 
1 99  ALA n 
1 100 GLN n 
1 101 ALA n 
1 102 GLY n 
1 103 ALA n 
1 104 SER n 
1 105 GLY n 
1 106 TYR n 
1 107 VAL n 
1 108 VAL n 
1 109 LYS n 
1 110 PRO n 
1 111 PHE n 
1 112 THR n 
1 113 ALA n 
1 114 ALA n 
1 115 THR n 
1 116 LEU n 
1 117 GLU n 
1 118 GLU n 
1 119 LYS n 
1 120 LEU n 
1 121 ASN n 
1 122 LYS n 
1 123 ILE n 
1 124 PHE n 
1 125 GLU n 
1 126 LYS n 
1 127 LEU n 
1 128 GLY n 
1 129 MET n 
2 1   ACE n 
2 2   ALA n 
2 3   SER n 
2 4   GLN n 
2 5   ASP n 
2 6   GLN n 
2 7   VAL n 
2 8   ASP n 
2 9   ASP n 
2 10  LEU n 
2 11  LEU n 
2 12  ASP n 
2 13  SER n 
2 14  LEU n 
2 15  GLY n 
2 16  PHE n 
# 
_entity_src_gen.entity_id                          1 
_entity_src_gen.pdbx_src_id                        1 
_entity_src_gen.pdbx_alt_source_flag               sample 
_entity_src_gen.pdbx_seq_type                      ? 
_entity_src_gen.pdbx_beg_seq_num                   ? 
_entity_src_gen.pdbx_end_seq_num                   ? 
_entity_src_gen.gene_src_common_name               ? 
_entity_src_gen.gene_src_genus                     Salmonella 
_entity_src_gen.pdbx_gene_src_gene                 cheY 
_entity_src_gen.gene_src_species                   'Salmonella typhimurium' 
_entity_src_gen.gene_src_strain                    LT2 
_entity_src_gen.gene_src_tissue                    ? 
_entity_src_gen.gene_src_tissue_fraction           ? 
_entity_src_gen.gene_src_details                   ? 
_entity_src_gen.pdbx_gene_src_fragment             ? 
_entity_src_gen.pdbx_gene_src_scientific_name      'Salmonella typhimurium' 
_entity_src_gen.pdbx_gene_src_ncbi_taxonomy_id     99287 
_entity_src_gen.pdbx_gene_src_variant              ? 
_entity_src_gen.pdbx_gene_src_cell_line            ? 
_entity_src_gen.pdbx_gene_src_atcc                 ? 
_entity_src_gen.pdbx_gene_src_organ                ? 
_entity_src_gen.pdbx_gene_src_organelle            ? 
_entity_src_gen.pdbx_gene_src_cell                 ? 
_entity_src_gen.pdbx_gene_src_cellular_location    ? 
_entity_src_gen.host_org_common_name               ? 
_entity_src_gen.pdbx_host_org_scientific_name      'Escherichia coli' 
_entity_src_gen.pdbx_host_org_ncbi_taxonomy_id     562 
_entity_src_gen.host_org_genus                     Escherichia 
_entity_src_gen.pdbx_host_org_gene                 ? 
_entity_src_gen.pdbx_host_org_organ                ? 
_entity_src_gen.host_org_species                   ? 
_entity_src_gen.pdbx_host_org_tissue               ? 
_entity_src_gen.pdbx_host_org_tissue_fraction      ? 
_entity_src_gen.pdbx_host_org_strain               HB101 
_entity_src_gen.pdbx_host_org_variant              ? 
_entity_src_gen.pdbx_host_org_cell_line            ? 
_entity_src_gen.pdbx_host_org_atcc                 ? 
_entity_src_gen.pdbx_host_org_culture_collection   ? 
_entity_src_gen.pdbx_host_org_cell                 ? 
_entity_src_gen.pdbx_host_org_organelle            ? 
_entity_src_gen.pdbx_host_org_cellular_location    ? 
_entity_src_gen.pdbx_host_org_vector_type          PLASMID 
_entity_src_gen.pdbx_host_org_vector               ? 
_entity_src_gen.host_org_details                   ? 
_entity_src_gen.expression_system_id               ? 
_entity_src_gen.plasmid_name                       pUC18 
_entity_src_gen.plasmid_details                    ? 
_entity_src_gen.pdbx_description                   ? 
# 
_pdbx_entity_src_syn.entity_id              2 
_pdbx_entity_src_syn.pdbx_src_id            1 
_pdbx_entity_src_syn.pdbx_alt_source_flag   sample 
_pdbx_entity_src_syn.pdbx_beg_seq_num       ? 
_pdbx_entity_src_syn.pdbx_end_seq_num       ? 
_pdbx_entity_src_syn.organism_scientific    ? 
_pdbx_entity_src_syn.organism_common_name   ? 
_pdbx_entity_src_syn.ncbi_taxonomy_id       ? 
_pdbx_entity_src_syn.details                
;This sequence corresponds to the C-terminal 15 residues of the CheZ protein occurring naturally in Salmonella enterica serovar Typhumurium
;
# 
loop_
_chem_comp.id 
_chem_comp.type 
_chem_comp.mon_nstd_flag 
_chem_comp.name 
_chem_comp.pdbx_synonyms 
_chem_comp.formula 
_chem_comp.formula_weight 
ACE non-polymer         . 'ACETYL GROUP'              ? 'C2 H4 O'        44.053  
ALA 'L-peptide linking' y ALANINE                     ? 'C3 H7 N O2'     89.093  
ARG 'L-peptide linking' y ARGININE                    ? 'C6 H15 N4 O2 1' 175.209 
ASN 'L-peptide linking' y ASPARAGINE                  ? 'C4 H8 N2 O3'    132.118 
ASP 'L-peptide linking' y 'ASPARTIC ACID'             ? 'C4 H7 N O4'     133.103 
BEF non-polymer         . 'BERYLLIUM TRIFLUORIDE ION' ? 'Be F3 -1'       66.007  
GLN 'L-peptide linking' y GLUTAMINE                   ? 'C5 H10 N2 O3'   146.144 
GLU 'L-peptide linking' y 'GLUTAMIC ACID'             ? 'C5 H9 N O4'     147.129 
GLY 'peptide linking'   y GLYCINE                     ? 'C2 H5 N O2'     75.067  
HOH non-polymer         . WATER                       ? 'H2 O'           18.015  
ILE 'L-peptide linking' y ISOLEUCINE                  ? 'C6 H13 N O2'    131.173 
LEU 'L-peptide linking' y LEUCINE                     ? 'C6 H13 N O2'    131.173 
LYS 'L-peptide linking' y LYSINE                      ? 'C6 H15 N2 O2 1' 147.195 
MET 'L-peptide linking' y METHIONINE                  ? 'C5 H11 N O2 S'  149.211 
MG  non-polymer         . 'MAGNESIUM ION'             ? 'Mg 2'           24.305  
PHE 'L-peptide linking' y PHENYLALANINE               ? 'C9 H11 N O2'    165.189 
PRO 'L-peptide linking' y PROLINE                     ? 'C5 H9 N O2'     115.130 
SER 'L-peptide linking' y SERINE                      ? 'C3 H7 N O3'     105.093 
THR 'L-peptide linking' y THREONINE                   ? 'C4 H9 N O3'     119.119 
TRP 'L-peptide linking' y TRYPTOPHAN                  ? 'C11 H12 N2 O2'  204.225 
TYR 'L-peptide linking' y TYROSINE                    ? 'C9 H11 N O3'    181.189 
VAL 'L-peptide linking' y VALINE                      ? 'C5 H11 N O2'    117.146 
# 
loop_
_pdbx_poly_seq_scheme.asym_id 
_pdbx_poly_seq_scheme.entity_id 
_pdbx_poly_seq_scheme.seq_id 
_pdbx_poly_seq_scheme.mon_id 
_pdbx_poly_seq_scheme.ndb_seq_num 
_pdbx_poly_seq_scheme.pdb_seq_num 
_pdbx_poly_seq_scheme.auth_seq_num 
_pdbx_poly_seq_scheme.pdb_mon_id 
_pdbx_poly_seq_scheme.auth_mon_id 
_pdbx_poly_seq_scheme.pdb_strand_id 
_pdbx_poly_seq_scheme.pdb_ins_code 
_pdbx_poly_seq_scheme.hetero 
A 1 1   MET 1   1   ?   ?   ?   A . n 
A 1 2   ALA 2   2   2   ALA ALA A . n 
A 1 3   ASP 3   3   3   ASP ASP A . n 
A 1 4   LYS 4   4   4   LYS LYS A . n 
A 1 5   GLU 5   5   5   GLU GLU A . n 
A 1 6   LEU 6   6   6   LEU LEU A . n 
A 1 7   LYS 7   7   7   LYS LYS A . n 
A 1 8   PHE 8   8   8   PHE PHE A . n 
A 1 9   LEU 9   9   9   LEU LEU A . n 
A 1 10  VAL 10  10  10  VAL VAL A . n 
A 1 11  VAL 11  11  11  VAL VAL A . n 
A 1 12  ASP 12  12  12  ASP ASP A . n 
A 1 13  ASP 13  13  13  ASP ASP A . n 
A 1 14  PHE 14  14  14  PHE PHE A . n 
A 1 15  SER 15  15  15  SER SER A . n 
A 1 16  THR 16  16  16  THR THR A . n 
A 1 17  MET 17  17  17  MET MET A . n 
A 1 18  ARG 18  18  18  ARG ARG A . n 
A 1 19  ARG 19  19  19  ARG ARG A . n 
A 1 20  ILE 20  20  20  ILE ILE A . n 
A 1 21  VAL 21  21  21  VAL VAL A . n 
A 1 22  ARG 22  22  22  ARG ARG A . n 
A 1 23  ASN 23  23  23  ASN ASN A . n 
A 1 24  LEU 24  24  24  LEU LEU A . n 
A 1 25  LEU 25  25  25  LEU LEU A . n 
A 1 26  LYS 26  26  26  LYS LYS A . n 
A 1 27  GLU 27  27  27  GLU GLU A . n 
A 1 28  LEU 28  28  28  LEU LEU A . n 
A 1 29  GLY 29  29  29  GLY GLY A . n 
A 1 30  PHE 30  30  30  PHE PHE A . n 
A 1 31  ASN 31  31  31  ASN ASN A . n 
A 1 32  ASN 32  32  32  ASN ASN A . n 
A 1 33  VAL 33  33  33  VAL VAL A . n 
A 1 34  GLU 34  34  34  GLU GLU A . n 
A 1 35  GLU 35  35  35  GLU GLU A . n 
A 1 36  ALA 36  36  36  ALA ALA A . n 
A 1 37  GLU 37  37  37  GLU GLU A . n 
A 1 38  ASP 38  38  38  ASP ASP A . n 
A 1 39  GLY 39  39  39  GLY GLY A . n 
A 1 40  VAL 40  40  40  VAL VAL A . n 
A 1 41  ASP 41  41  41  ASP ASP A . n 
A 1 42  ALA 42  42  42  ALA ALA A . n 
A 1 43  LEU 43  43  43  LEU LEU A . n 
A 1 44  ASN 44  44  44  ASN ASN A . n 
A 1 45  LYS 45  45  45  LYS LYS A . n 
A 1 46  LEU 46  46  46  LEU LEU A . n 
A 1 47  GLN 47  47  47  GLN GLN A . n 
A 1 48  ALA 48  48  48  ALA ALA A . n 
A 1 49  GLY 49  49  49  GLY GLY A . n 
A 1 50  GLY 50  50  50  GLY GLY A . n 
A 1 51  PHE 51  51  51  PHE PHE A . n 
A 1 52  GLY 52  52  52  GLY GLY A . n 
A 1 53  PHE 53  53  53  PHE PHE A . n 
A 1 54  ILE 54  54  54  ILE ILE A . n 
A 1 55  ILE 55  55  55  ILE ILE A . n 
A 1 56  SER 56  56  56  SER SER A . n 
A 1 57  ASP 57  57  57  ASP ASP A . n 
A 1 58  TRP 58  58  58  TRP TRP A . n 
A 1 59  ASN 59  59  59  ASN ASN A . n 
A 1 60  MET 60  60  60  MET MET A . n 
A 1 61  PRO 61  61  61  PRO PRO A . n 
A 1 62  ASN 62  62  62  ASN ASN A . n 
A 1 63  MET 63  63  63  MET MET A . n 
A 1 64  ASP 64  64  64  ASP ASP A . n 
A 1 65  GLY 65  65  65  GLY GLY A . n 
A 1 66  LEU 66  66  66  LEU LEU A . n 
A 1 67  GLU 67  67  67  GLU GLU A . n 
A 1 68  LEU 68  68  68  LEU LEU A . n 
A 1 69  LEU 69  69  69  LEU LEU A . n 
A 1 70  LYS 70  70  70  LYS LYS A . n 
A 1 71  THR 71  71  71  THR THR A . n 
A 1 72  ILE 72  72  72  ILE ILE A . n 
A 1 73  ARG 73  73  73  ARG ARG A . n 
A 1 74  ALA 74  74  74  ALA ALA A . n 
A 1 75  ASP 75  75  75  ASP ASP A . n 
A 1 76  SER 76  76  76  SER SER A . n 
A 1 77  ALA 77  77  77  ALA ALA A . n 
A 1 78  MET 78  78  78  MET MET A . n 
A 1 79  SER 79  79  79  SER SER A . n 
A 1 80  ALA 80  80  80  ALA ALA A . n 
A 1 81  LEU 81  81  81  LEU LEU A . n 
A 1 82  PRO 82  82  82  PRO PRO A . n 
A 1 83  VAL 83  83  83  VAL VAL A . n 
A 1 84  LEU 84  84  84  LEU LEU A . n 
A 1 85  MET 85  85  85  MET MET A . n 
A 1 86  VAL 86  86  86  VAL VAL A . n 
A 1 87  THR 87  87  87  THR THR A . n 
A 1 88  ALA 88  88  88  ALA ALA A . n 
A 1 89  GLU 89  89  89  GLU GLU A . n 
A 1 90  ALA 90  90  90  ALA ALA A . n 
A 1 91  LYS 91  91  91  LYS LYS A . n 
A 1 92  LYS 92  92  92  LYS LYS A . n 
A 1 93  GLU 93  93  93  GLU GLU A . n 
A 1 94  ASN 94  94  94  ASN ASN A . n 
A 1 95  ILE 95  95  95  ILE ILE A . n 
A 1 96  ILE 96  96  96  ILE ILE A . n 
A 1 97  ALA 97  97  97  ALA ALA A . n 
A 1 98  ALA 98  98  98  ALA ALA A . n 
A 1 99  ALA 99  99  99  ALA ALA A . n 
A 1 100 GLN 100 100 100 GLN GLN A . n 
A 1 101 ALA 101 101 101 ALA ALA A . n 
A 1 102 GLY 102 102 102 GLY GLY A . n 
A 1 103 ALA 103 103 103 ALA ALA A . n 
A 1 104 SER 104 104 104 SER SER A . n 
A 1 105 GLY 105 105 105 GLY GLY A . n 
A 1 106 TYR 106 106 106 TYR TYR A . n 
A 1 107 VAL 107 107 107 VAL VAL A . n 
A 1 108 VAL 108 108 108 VAL VAL A . n 
A 1 109 LYS 109 109 109 LYS LYS A . n 
A 1 110 PRO 110 110 110 PRO PRO A . n 
A 1 111 PHE 111 111 111 PHE PHE A . n 
A 1 112 THR 112 112 112 THR THR A . n 
A 1 113 ALA 113 113 113 ALA ALA A . n 
A 1 114 ALA 114 114 114 ALA ALA A . n 
A 1 115 THR 115 115 115 THR THR A . n 
A 1 116 LEU 116 116 116 LEU LEU A . n 
A 1 117 GLU 117 117 117 GLU GLU A . n 
A 1 118 GLU 118 118 118 GLU GLU A . n 
A 1 119 LYS 119 119 119 LYS LYS A . n 
A 1 120 LEU 120 120 120 LEU LEU A . n 
A 1 121 ASN 121 121 121 ASN ASN A . n 
A 1 122 LYS 122 122 122 LYS LYS A . n 
A 1 123 ILE 123 123 123 ILE ILE A . n 
A 1 124 PHE 124 124 124 PHE PHE A . n 
A 1 125 GLU 125 125 125 GLU GLU A . n 
A 1 126 LYS 126 126 126 LYS LYS A . n 
A 1 127 LEU 127 127 127 LEU LEU A . n 
A 1 128 GLY 128 128 128 GLY GLY A . n 
A 1 129 MET 129 129 129 MET MET A . n 
B 2 1   ACE 1   199 199 ACE ACE B . n 
B 2 2   ALA 2   200 200 ALA ALA B . n 
B 2 3   SER 3   201 201 SER SER B . n 
B 2 4   GLN 4   202 202 GLN GLN B . n 
B 2 5   ASP 5   203 203 ASP ASP B . n 
B 2 6   GLN 6   204 204 GLN GLN B . n 
B 2 7   VAL 7   205 205 VAL VAL B . n 
B 2 8   ASP 8   206 206 ASP ASP B . n 
B 2 9   ASP 9   207 207 ASP ASP B . n 
B 2 10  LEU 10  208 208 LEU LEU B . n 
B 2 11  LEU 11  209 209 LEU LEU B . n 
B 2 12  ASP 12  210 210 ASP ASP B . n 
B 2 13  SER 13  211 211 SER SER B . n 
B 2 14  LEU 14  212 212 LEU LEU B . n 
B 2 15  GLY 15  213 213 GLY GLY B . n 
B 2 16  PHE 16  214 214 PHE PHE B . n 
# 
loop_
_pdbx_nonpoly_scheme.asym_id 
_pdbx_nonpoly_scheme.entity_id 
_pdbx_nonpoly_scheme.mon_id 
_pdbx_nonpoly_scheme.ndb_seq_num 
_pdbx_nonpoly_scheme.pdb_seq_num 
_pdbx_nonpoly_scheme.auth_seq_num 
_pdbx_nonpoly_scheme.pdb_mon_id 
_pdbx_nonpoly_scheme.auth_mon_id 
_pdbx_nonpoly_scheme.pdb_strand_id 
_pdbx_nonpoly_scheme.pdb_ins_code 
C 3 MG  1  9001 9001 MG  MG  A . 
D 4 BEF 1  501  501  BEF BEF A . 
E 5 HOH 1  9002 1    HOH HOH A . 
E 5 HOH 2  9003 2    HOH HOH A . 
E 5 HOH 3  9004 3    HOH HOH A . 
E 5 HOH 4  9005 4    HOH HOH A . 
E 5 HOH 5  9006 5    HOH HOH A . 
E 5 HOH 6  9007 6    HOH HOH A . 
E 5 HOH 7  9008 8    HOH HOH A . 
E 5 HOH 8  9009 9    HOH HOH A . 
E 5 HOH 9  9010 10   HOH HOH A . 
E 5 HOH 10 9011 11   HOH HOH A . 
E 5 HOH 11 9012 12   HOH HOH A . 
E 5 HOH 12 9013 13   HOH HOH A . 
E 5 HOH 13 9014 14   HOH HOH A . 
E 5 HOH 14 9015 15   HOH HOH A . 
E 5 HOH 15 9016 16   HOH HOH A . 
E 5 HOH 16 9017 17   HOH HOH A . 
E 5 HOH 17 9018 18   HOH HOH A . 
E 5 HOH 18 9019 19   HOH HOH A . 
E 5 HOH 19 9020 20   HOH HOH A . 
E 5 HOH 20 9021 21   HOH HOH A . 
E 5 HOH 21 9022 22   HOH HOH A . 
E 5 HOH 22 9023 23   HOH HOH A . 
E 5 HOH 23 9024 24   HOH HOH A . 
E 5 HOH 24 9025 25   HOH HOH A . 
E 5 HOH 25 9026 27   HOH HOH A . 
E 5 HOH 26 9027 28   HOH HOH A . 
E 5 HOH 27 9028 29   HOH HOH A . 
E 5 HOH 28 9029 31   HOH HOH A . 
E 5 HOH 29 9030 32   HOH HOH A . 
E 5 HOH 30 9031 33   HOH HOH A . 
E 5 HOH 31 9032 34   HOH HOH A . 
E 5 HOH 32 9033 35   HOH HOH A . 
E 5 HOH 33 9034 36   HOH HOH A . 
E 5 HOH 34 9035 37   HOH HOH A . 
E 5 HOH 35 9036 38   HOH HOH A . 
E 5 HOH 36 9037 39   HOH HOH A . 
E 5 HOH 37 9038 40   HOH HOH A . 
E 5 HOH 38 9039 41   HOH HOH A . 
E 5 HOH 39 9040 51   HOH HOH A . 
E 5 HOH 40 9041 52   HOH HOH A . 
E 5 HOH 41 9042 53   HOH HOH A . 
E 5 HOH 42 9043 54   HOH HOH A . 
E 5 HOH 43 9044 55   HOH HOH A . 
E 5 HOH 44 9045 56   HOH HOH A . 
E 5 HOH 45 9046 57   HOH HOH A . 
E 5 HOH 46 9047 58   HOH HOH A . 
E 5 HOH 47 9048 59   HOH HOH A . 
E 5 HOH 48 9049 60   HOH HOH A . 
E 5 HOH 49 9050 61   HOH HOH A . 
E 5 HOH 50 9051 62   HOH HOH A . 
E 5 HOH 51 9052 63   HOH HOH A . 
E 5 HOH 52 9053 64   HOH HOH A . 
E 5 HOH 53 9054 65   HOH HOH A . 
E 5 HOH 54 9055 66   HOH HOH A . 
E 5 HOH 55 9056 67   HOH HOH A . 
E 5 HOH 56 9057 68   HOH HOH A . 
E 5 HOH 57 9058 69   HOH HOH A . 
E 5 HOH 58 9059 70   HOH HOH A . 
E 5 HOH 59 9060 71   HOH HOH A . 
E 5 HOH 60 9061 72   HOH HOH A . 
E 5 HOH 61 9062 73   HOH HOH A . 
E 5 HOH 62 9063 74   HOH HOH A . 
E 5 HOH 63 9064 75   HOH HOH A . 
E 5 HOH 64 9065 76   HOH HOH A . 
E 5 HOH 65 9066 77   HOH HOH A . 
E 5 HOH 66 9067 78   HOH HOH A . 
E 5 HOH 67 9068 79   HOH HOH A . 
E 5 HOH 68 9069 80   HOH HOH A . 
E 5 HOH 69 9070 81   HOH HOH A . 
E 5 HOH 70 9071 82   HOH HOH A . 
E 5 HOH 71 9072 83   HOH HOH A . 
E 5 HOH 72 9073 85   HOH HOH A . 
E 5 HOH 73 9074 86   HOH HOH A . 
E 5 HOH 74 9075 87   HOH HOH A . 
E 5 HOH 75 9076 88   HOH HOH A . 
E 5 HOH 76 9077 89   HOH HOH A . 
E 5 HOH 77 9078 90   HOH HOH A . 
F 5 HOH 1  7    7    HOH HOH B . 
F 5 HOH 2  26   26   HOH HOH B . 
F 5 HOH 3  30   30   HOH HOH B . 
F 5 HOH 4  42   42   HOH HOH B . 
F 5 HOH 5  43   43   HOH HOH B . 
F 5 HOH 6  44   44   HOH HOH B . 
F 5 HOH 7  45   45   HOH HOH B . 
F 5 HOH 8  46   46   HOH HOH B . 
F 5 HOH 9  47   47   HOH HOH B . 
F 5 HOH 10 48   48   HOH HOH B . 
F 5 HOH 11 49   49   HOH HOH B . 
F 5 HOH 12 50   50   HOH HOH B . 
F 5 HOH 13 84   84   HOH HOH B . 
# 
loop_
_software.name 
_software.classification 
_software.version 
_software.citation_id 
_software.pdbx_ordinal 
DENZO     'data reduction' .   ? 1 
SCALEPACK 'data scaling'   .   ? 2 
PHASER    phasing          .   ? 3 
REFMAC    refinement       5.2 ? 4 
# 
_cell.entry_id           2FMK 
_cell.length_a           54.189 
_cell.length_b           61.953 
_cell.length_c           36.617 
_cell.angle_alpha        90.00 
_cell.angle_beta         90.00 
_cell.angle_gamma        90.00 
_cell.Z_PDB              4 
_cell.pdbx_unique_axis   ? 
_cell.length_a_esd       ? 
_cell.length_b_esd       ? 
_cell.length_c_esd       ? 
_cell.angle_alpha_esd    ? 
_cell.angle_beta_esd     ? 
_cell.angle_gamma_esd    ? 
# 
_symmetry.entry_id                         2FMK 
_symmetry.space_group_name_H-M             'P 21 21 2' 
_symmetry.pdbx_full_space_group_name_H-M   ? 
_symmetry.cell_setting                     ? 
_symmetry.Int_Tables_number                18 
_symmetry.space_group_name_Hall            ? 
# 
_exptl.crystals_number   1 
_exptl.method            'X-RAY DIFFRACTION' 
_exptl.entry_id          2FMK 
# 
_exptl_crystal.id                    1 
_exptl_crystal.density_meas          ? 
_exptl_crystal.density_Matthews      1.95 
_exptl_crystal.density_percent_sol   36.80 
_exptl_crystal.description           ? 
_exptl_crystal.F_000                 ? 
_exptl_crystal.preparation           ? 
# 
_exptl_crystal_grow.crystal_id      1 
_exptl_crystal_grow.method          'VAPOR DIFFUSION, HANGING DROP' 
_exptl_crystal_grow.pH              6.0 
_exptl_crystal_grow.temp            298.0 
_exptl_crystal_grow.pdbx_details    
'37.5% PEG 8000, 0.05M sodium phosphate (monobasic), 0.1M MES, pH 6.0, VAPOR DIFFUSION, HANGING DROP, temperature 298.0K' 
_exptl_crystal_grow.temp_details    ? 
_exptl_crystal_grow.pdbx_pH_range   . 
# 
_diffrn.id                     1 
_diffrn.ambient_temp           100.0 
_diffrn.ambient_temp_details   ? 
_diffrn.crystal_id             1 
# 
_diffrn_detector.diffrn_id              1 
_diffrn_detector.detector               CCD 
_diffrn_detector.type                   'ADSC QUANTUM 4' 
_diffrn_detector.pdbx_collection_date   2004-11-13 
_diffrn_detector.details                ? 
# 
_diffrn_radiation.diffrn_id                        1 
_diffrn_radiation.pdbx_diffrn_protocol             'SINGLE WAVELENGTH' 
_diffrn_radiation.monochromator                    
'KOHZU double crystal monochromator with a sagittally focused second crystal. Crystal type Si(111)' 
_diffrn_radiation.wavelength_id                    1 
_diffrn_radiation.pdbx_monochromatic_or_laue_m_l   M 
_diffrn_radiation.pdbx_scattering_type             x-ray 
# 
_diffrn_radiation_wavelength.id           1 
_diffrn_radiation_wavelength.wavelength   1.0718 
_diffrn_radiation_wavelength.wt           1.0 
# 
_diffrn_source.diffrn_id                   1 
_diffrn_source.source                      SYNCHROTRON 
_diffrn_source.type                        'NSLS BEAMLINE X4A' 
_diffrn_source.pdbx_wavelength_list        1.0718 
_diffrn_source.pdbx_wavelength             ? 
_diffrn_source.pdbx_synchrotron_site       NSLS 
_diffrn_source.pdbx_synchrotron_beamline   X4A 
# 
_reflns.entry_id                     2FMK 
_reflns.observed_criterion_sigma_F   ? 
_reflns.observed_criterion_sigma_I   -3.0 
_reflns.d_resolution_high            1.999 
_reflns.d_resolution_low             30.00 
_reflns.number_all                   8820 
_reflns.number_obs                   8762 
_reflns.percent_possible_obs         99.40 
_reflns.pdbx_Rmerge_I_obs            ? 
_reflns.pdbx_Rsym_value              0.052 
_reflns.pdbx_netI_over_sigmaI        38.6 
_reflns.B_iso_Wilson_estimate        ? 
_reflns.pdbx_redundancy              ? 
_reflns.R_free_details               ? 
_reflns.limit_h_max                  ? 
_reflns.limit_h_min                  ? 
_reflns.limit_k_max                  ? 
_reflns.limit_k_min                  ? 
_reflns.limit_l_max                  ? 
_reflns.limit_l_min                  ? 
_reflns.observed_criterion_F_max     ? 
_reflns.observed_criterion_F_min     ? 
_reflns.pdbx_chi_squared             ? 
_reflns.pdbx_scaling_rejects         ? 
_reflns.pdbx_ordinal                 1 
_reflns.pdbx_diffrn_id               1 
# 
_reflns_shell.d_res_high             1.999 
_reflns_shell.d_res_low              2.07 
_reflns_shell.percent_possible_obs   ? 
_reflns_shell.percent_possible_all   99.3 
_reflns_shell.Rmerge_I_obs           ? 
_reflns_shell.meanI_over_sigI_obs    21.5 
_reflns_shell.pdbx_Rsym_value        0.08 
_reflns_shell.pdbx_redundancy        ? 
_reflns_shell.number_unique_all      845 
_reflns_shell.number_measured_all    ? 
_reflns_shell.number_measured_obs    ? 
_reflns_shell.number_unique_obs      ? 
_reflns_shell.pdbx_chi_squared       ? 
_reflns_shell.pdbx_ordinal           1 
_reflns_shell.pdbx_diffrn_id         1 
# 
_refine.ls_d_res_high                            1.999 
_refine.ls_d_res_low                             30.000 
_refine.pdbx_ls_sigma_F                          0.00 
_refine.ls_percent_reflns_obs                    99.460 
_refine.ls_number_reflns_obs                     8735 
_refine.pdbx_ls_cross_valid_method               THROUGHOUT 
_refine.pdbx_R_Free_selection_details            RANDOM 
_refine.ls_R_factor_all                          0.19064 
_refine.ls_R_factor_R_work                       0.186 
_refine.ls_R_factor_R_free                       0.232 
_refine.ls_percent_reflns_R_free                 10.000 
_refine.ls_number_reflns_R_free                  871 
_refine.B_iso_mean                               10.921 
_refine.aniso_B[1][1]                            -1.220 
_refine.aniso_B[2][2]                            -0.090 
_refine.aniso_B[3][3]                            1.310 
_refine.aniso_B[1][2]                            0.000 
_refine.aniso_B[1][3]                            0.000 
_refine.aniso_B[2][3]                            0.000 
_refine.correlation_coeff_Fo_to_Fc               0.932 
_refine.correlation_coeff_Fo_to_Fc_free          0.894 
_refine.pdbx_overall_ESU_R                       0.246 
_refine.pdbx_overall_ESU_R_Free                  0.189 
_refine.overall_SU_ML                            0.117 
_refine.overall_SU_B                             4.062 
_refine.solvent_model_details                    MASK 
_refine.pdbx_solvent_vdw_probe_radii             1.400 
_refine.pdbx_solvent_ion_probe_radii             0.800 
_refine.pdbx_solvent_shrinkage_radii             0.800 
_refine.pdbx_stereochemistry_target_values       'MAXIMUM LIKELIHOOD' 
_refine.entry_id                                 2FMK 
_refine.pdbx_ls_sigma_I                          ? 
_refine.ls_number_reflns_all                     8782 
_refine.ls_R_factor_obs                          0.19064 
_refine.ls_redundancy_reflns_obs                 ? 
_refine.pdbx_data_cutoff_high_absF               ? 
_refine.pdbx_data_cutoff_low_absF                ? 
_refine.ls_number_parameters                     ? 
_refine.ls_number_restraints                     ? 
_refine.ls_R_factor_R_free_error                 ? 
_refine.ls_R_factor_R_free_error_details         ? 
_refine.pdbx_method_to_determine_struct          'MOLECULAR REPLACEMENT' 
_refine.pdbx_starting_model                      'PDB ENTRY 1FQW' 
_refine.pdbx_stereochem_target_val_spec_case     ? 
_refine.solvent_model_param_bsol                 ? 
_refine.solvent_model_param_ksol                 ? 
_refine.occupancy_max                            ? 
_refine.occupancy_min                            ? 
_refine.pdbx_isotropic_thermal_model             ? 
_refine.details                                  ? 
_refine.B_iso_min                                ? 
_refine.B_iso_max                                ? 
_refine.overall_SU_R_Cruickshank_DPI             ? 
_refine.overall_SU_R_free                        ? 
_refine.pdbx_data_cutoff_high_rms_absF           ? 
_refine.ls_wR_factor_R_free                      ? 
_refine.ls_wR_factor_R_work                      ? 
_refine.overall_FOM_free_R_set                   ? 
_refine.overall_FOM_work_R_set                   ? 
_refine.pdbx_refine_id                           'X-RAY DIFFRACTION' 
_refine.pdbx_diffrn_id                           1 
_refine.pdbx_TLS_residual_ADP_flag               ? 
_refine.pdbx_overall_phase_error                 ? 
_refine.pdbx_overall_SU_R_free_Cruickshank_DPI   ? 
_refine.pdbx_overall_SU_R_Blow_DPI               ? 
_refine.pdbx_overall_SU_R_free_Blow_DPI          ? 
# 
_refine_hist.pdbx_refine_id                   'X-RAY DIFFRACTION' 
_refine_hist.cycle_id                         LAST 
_refine_hist.pdbx_number_atoms_protein        1098 
_refine_hist.pdbx_number_atoms_nucleic_acid   0 
_refine_hist.pdbx_number_atoms_ligand         5 
_refine_hist.number_atoms_solvent             90 
_refine_hist.number_atoms_total               1193 
_refine_hist.d_res_high                       1.999 
_refine_hist.d_res_low                        30.000 
# 
loop_
_refine_ls_restr.type 
_refine_ls_restr.number 
_refine_ls_restr.dev_ideal 
_refine_ls_restr.dev_ideal_target 
_refine_ls_restr.weight 
_refine_ls_restr.pdbx_refine_id 
_refine_ls_restr.pdbx_restraint_function 
r_bond_refined_d         1131 0.008  0.022  ? 'X-RAY DIFFRACTION' ? 
r_angle_refined_deg      1520 1.116  1.983  ? 'X-RAY DIFFRACTION' ? 
r_dihedral_angle_1_deg   141  5.260  5.000  ? 'X-RAY DIFFRACTION' ? 
r_dihedral_angle_2_deg   52   41.684 26.538 ? 'X-RAY DIFFRACTION' ? 
r_dihedral_angle_3_deg   215  12.530 15.000 ? 'X-RAY DIFFRACTION' ? 
r_dihedral_angle_4_deg   4    8.093  15.000 ? 'X-RAY DIFFRACTION' ? 
r_chiral_restr           177  0.076  0.200  ? 'X-RAY DIFFRACTION' ? 
r_gen_planes_refined     830  0.003  0.020  ? 'X-RAY DIFFRACTION' ? 
r_nbd_refined            541  0.197  0.200  ? 'X-RAY DIFFRACTION' ? 
r_nbtor_refined          785  0.298  0.200  ? 'X-RAY DIFFRACTION' ? 
r_xyhbond_nbd_refined    81   0.125  0.200  ? 'X-RAY DIFFRACTION' ? 
r_metal_ion_refined      1    0.014  0.200  ? 'X-RAY DIFFRACTION' ? 
r_symmetry_vdw_refined   52   0.175  0.200  ? 'X-RAY DIFFRACTION' ? 
r_symmetry_hbond_refined 19   0.274  0.200  ? 'X-RAY DIFFRACTION' ? 
r_mcbond_it              744  0.532  1.500  ? 'X-RAY DIFFRACTION' ? 
r_mcangle_it             1140 0.901  2.000  ? 'X-RAY DIFFRACTION' ? 
r_scbond_it              435  1.400  3.000  ? 'X-RAY DIFFRACTION' ? 
r_scangle_it             380  2.300  4.500  ? 'X-RAY DIFFRACTION' ? 
# 
_refine_ls_shell.d_res_high                       1.999 
_refine_ls_shell.d_res_low                        2.051 
_refine_ls_shell.pdbx_total_number_of_bins_used   20 
_refine_ls_shell.percent_reflns_obs               99.370 
_refine_ls_shell.number_reflns_R_work             560 
_refine_ls_shell.R_factor_all                     ? 
_refine_ls_shell.R_factor_R_work                  0.196 
_refine_ls_shell.R_factor_R_free                  0.29 
_refine_ls_shell.percent_reflns_R_free            ? 
_refine_ls_shell.number_reflns_R_free             73 
_refine_ls_shell.R_factor_R_free_error            ? 
_refine_ls_shell.number_reflns_all                ? 
_refine_ls_shell.number_reflns_obs                633 
_refine_ls_shell.redundancy_reflns_obs            ? 
_refine_ls_shell.pdbx_refine_id                   'X-RAY DIFFRACTION' 
# 
_struct.entry_id                  2FMK 
_struct.title                     
'Crystal structure of Mg2+ and BeF3- bound CheY in complex with CheZ 200-214 solved from a P2(1)2(1)2 crystal grown in MES (pH 6.0)' 
_struct.pdbx_model_details        ? 
_struct.pdbx_CASP_flag            ? 
_struct.pdbx_model_type_details   ? 
# 
_struct_keywords.entry_id        2FMK 
_struct_keywords.pdbx_keywords   'SIGNALING PROTEIN' 
_struct_keywords.text            'CHEMOTAXIS; BEF(3)(-)-BOUND CHEY; CHEY-CHEZ PEPTIDE COMPLEX, SIGNALING PROTEIN' 
# 
loop_
_struct_asym.id 
_struct_asym.pdbx_blank_PDB_chainid_flag 
_struct_asym.pdbx_modified 
_struct_asym.entity_id 
_struct_asym.details 
A N N 1 ? 
B N N 2 ? 
C N N 3 ? 
D N N 4 ? 
E N N 5 ? 
F N N 5 ? 
# 
loop_
_struct_ref.id 
_struct_ref.entity_id 
_struct_ref.db_name 
_struct_ref.db_code 
_struct_ref.pdbx_db_accession 
_struct_ref.pdbx_align_begin 
_struct_ref.pdbx_seq_one_letter_code 
_struct_ref.pdbx_db_isoform 
1 1 UNP CHEY_SALTY P0A2D5 1   
;ADKELKFLVVDDFSTMRRIVRNLLKELGFNNVEEAEDGVDALNKLQAGGFGFIISDWNMPNMDGLELLKTIRADSAMSAL
PVLMVTAEAKKENIIAAAQAGASGYVVKPFTAATLEEKLNKIFEKLGM
;
? 
2 2 UNP CHEZ_SALTY P07800 200 ASQDQVDDLLDSLGF ? 
# 
loop_
_struct_ref_seq.align_id 
_struct_ref_seq.ref_id 
_struct_ref_seq.pdbx_PDB_id_code 
_struct_ref_seq.pdbx_strand_id 
_struct_ref_seq.seq_align_beg 
_struct_ref_seq.pdbx_seq_align_beg_ins_code 
_struct_ref_seq.seq_align_end 
_struct_ref_seq.pdbx_seq_align_end_ins_code 
_struct_ref_seq.pdbx_db_accession 
_struct_ref_seq.db_align_beg 
_struct_ref_seq.pdbx_db_align_beg_ins_code 
_struct_ref_seq.db_align_end 
_struct_ref_seq.pdbx_db_align_end_ins_code 
_struct_ref_seq.pdbx_auth_seq_align_beg 
_struct_ref_seq.pdbx_auth_seq_align_end 
1 1 2FMK A 2 ? 129 ? P0A2D5 1   ? 128 ? 2   129 
2 2 2FMK B 2 ? 16  ? P07800 200 ? 214 ? 200 214 
# 
_struct_ref_seq_dif.align_id                     1 
_struct_ref_seq_dif.pdbx_pdb_id_code             2FMK 
_struct_ref_seq_dif.mon_id                       MET 
_struct_ref_seq_dif.pdbx_pdb_strand_id           A 
_struct_ref_seq_dif.seq_num                      1 
_struct_ref_seq_dif.pdbx_pdb_ins_code            ? 
_struct_ref_seq_dif.pdbx_seq_db_name             UNP 
_struct_ref_seq_dif.pdbx_seq_db_accession_code   P0A2D5 
_struct_ref_seq_dif.db_mon_id                    ? 
_struct_ref_seq_dif.pdbx_seq_db_seq_num          ? 
_struct_ref_seq_dif.details                      'initiating methionine' 
_struct_ref_seq_dif.pdbx_auth_seq_num            1 
_struct_ref_seq_dif.pdbx_ordinal                 1 
# 
_pdbx_struct_assembly.id                   1 
_pdbx_struct_assembly.details              author_and_software_defined_assembly 
_pdbx_struct_assembly.method_details       PISA 
_pdbx_struct_assembly.oligomeric_details   dimeric 
_pdbx_struct_assembly.oligomeric_count     2 
# 
loop_
_pdbx_struct_assembly_prop.biol_id 
_pdbx_struct_assembly_prop.type 
_pdbx_struct_assembly_prop.value 
_pdbx_struct_assembly_prop.details 
1 'ABSA (A^2)' 1430 ? 
1 MORE         -13  ? 
1 'SSA (A^2)'  7280 ? 
# 
_pdbx_struct_assembly_gen.assembly_id       1 
_pdbx_struct_assembly_gen.oper_expression   1 
_pdbx_struct_assembly_gen.asym_id_list      A,B,C,D,E,F 
# 
_pdbx_struct_oper_list.id                   1 
_pdbx_struct_oper_list.type                 'identity operation' 
_pdbx_struct_oper_list.name                 1_555 
_pdbx_struct_oper_list.symmetry_operation   x,y,z 
_pdbx_struct_oper_list.matrix[1][1]         1.0000000000 
_pdbx_struct_oper_list.matrix[1][2]         0.0000000000 
_pdbx_struct_oper_list.matrix[1][3]         0.0000000000 
_pdbx_struct_oper_list.vector[1]            0.0000000000 
_pdbx_struct_oper_list.matrix[2][1]         0.0000000000 
_pdbx_struct_oper_list.matrix[2][2]         1.0000000000 
_pdbx_struct_oper_list.matrix[2][3]         0.0000000000 
_pdbx_struct_oper_list.vector[2]            0.0000000000 
_pdbx_struct_oper_list.matrix[3][1]         0.0000000000 
_pdbx_struct_oper_list.matrix[3][2]         0.0000000000 
_pdbx_struct_oper_list.matrix[3][3]         1.0000000000 
_pdbx_struct_oper_list.vector[3]            0.0000000000 
# 
_struct_biol.id   1 
# 
loop_
_struct_conf.conf_type_id 
_struct_conf.id 
_struct_conf.pdbx_PDB_helix_id 
_struct_conf.beg_label_comp_id 
_struct_conf.beg_label_asym_id 
_struct_conf.beg_label_seq_id 
_struct_conf.pdbx_beg_PDB_ins_code 
_struct_conf.end_label_comp_id 
_struct_conf.end_label_asym_id 
_struct_conf.end_label_seq_id 
_struct_conf.pdbx_end_PDB_ins_code 
_struct_conf.beg_auth_comp_id 
_struct_conf.beg_auth_asym_id 
_struct_conf.beg_auth_seq_id 
_struct_conf.end_auth_comp_id 
_struct_conf.end_auth_asym_id 
_struct_conf.end_auth_seq_id 
_struct_conf.pdbx_PDB_helix_class 
_struct_conf.details 
_struct_conf.pdbx_PDB_helix_length 
HELX_P HELX_P1 1 PHE A 14  ? GLY A 29  ? PHE A 14  GLY A 29  1 ? 16 
HELX_P HELX_P2 2 ASP A 38  ? GLN A 47  ? ASP A 38  GLN A 47  1 ? 10 
HELX_P HELX_P3 3 ASP A 64  ? ALA A 74  ? ASP A 64  ALA A 74  1 ? 11 
HELX_P HELX_P4 4 LYS A 91  ? ALA A 101 ? LYS A 91  ALA A 101 1 ? 11 
HELX_P HELX_P5 5 THR A 112 ? GLY A 128 ? THR A 112 GLY A 128 1 ? 17 
HELX_P HELX_P6 6 SER B 3   ? LEU B 14  ? SER B 201 LEU B 212 1 ? 12 
# 
_struct_conf_type.id          HELX_P 
_struct_conf_type.criteria    ? 
_struct_conf_type.reference   ? 
# 
loop_
_struct_conn.id 
_struct_conn.conn_type_id 
_struct_conn.pdbx_leaving_atom_flag 
_struct_conn.pdbx_PDB_id 
_struct_conn.ptnr1_label_asym_id 
_struct_conn.ptnr1_label_comp_id 
_struct_conn.ptnr1_label_seq_id 
_struct_conn.ptnr1_label_atom_id 
_struct_conn.pdbx_ptnr1_label_alt_id 
_struct_conn.pdbx_ptnr1_PDB_ins_code 
_struct_conn.pdbx_ptnr1_standard_comp_id 
_struct_conn.ptnr1_symmetry 
_struct_conn.ptnr2_label_asym_id 
_struct_conn.ptnr2_label_comp_id 
_struct_conn.ptnr2_label_seq_id 
_struct_conn.ptnr2_label_atom_id 
_struct_conn.pdbx_ptnr2_label_alt_id 
_struct_conn.pdbx_ptnr2_PDB_ins_code 
_struct_conn.ptnr1_auth_asym_id 
_struct_conn.ptnr1_auth_comp_id 
_struct_conn.ptnr1_auth_seq_id 
_struct_conn.ptnr2_auth_asym_id 
_struct_conn.ptnr2_auth_comp_id 
_struct_conn.ptnr2_auth_seq_id 
_struct_conn.ptnr2_symmetry 
_struct_conn.pdbx_ptnr3_label_atom_id 
_struct_conn.pdbx_ptnr3_label_seq_id 
_struct_conn.pdbx_ptnr3_label_comp_id 
_struct_conn.pdbx_ptnr3_label_asym_id 
_struct_conn.pdbx_ptnr3_label_alt_id 
_struct_conn.pdbx_ptnr3_PDB_ins_code 
_struct_conn.details 
_struct_conn.pdbx_dist_value 
_struct_conn.pdbx_value_order 
_struct_conn.pdbx_role 
covale1 covale both ? B ACE 1  C   ? ? ? 1_555 B ALA 2 N  ? ? B ACE 199  B ALA 200  1_555 ? ? ? ? ? ? ? 2.047 ? ? 
metalc1 metalc ?    ? A ASP 13 OD1 ? ? ? 1_555 C MG  . MG ? ? A ASP 13   A MG  9001 1_555 ? ? ? ? ? ? ? 2.155 ? ? 
metalc2 metalc ?    ? A ASP 57 OD1 ? ? ? 1_555 D BEF . BE ? ? A ASP 57   A BEF 501  1_555 ? ? ? ? ? ? ? 1.675 ? ? 
metalc3 metalc ?    ? A ASP 57 OD2 ? ? ? 1_555 C MG  . MG ? ? A ASP 57   A MG  9001 1_555 ? ? ? ? ? ? ? 2.030 ? ? 
metalc4 metalc ?    ? A ASN 59 O   ? ? ? 1_555 C MG  . MG ? ? A ASN 59   A MG  9001 1_555 ? ? ? ? ? ? ? 2.090 ? ? 
metalc5 metalc ?    ? D BEF .  F1  ? ? ? 1_555 C MG  . MG ? ? A BEF 501  A MG  9001 1_555 ? ? ? ? ? ? ? 1.926 ? ? 
metalc6 metalc ?    ? D BEF .  BE  ? ? ? 1_555 C MG  . MG ? ? A BEF 501  A MG  9001 1_555 ? ? ? ? ? ? ? 3.087 ? ? 
metalc7 metalc ?    ? C MG  .  MG  ? ? ? 1_555 E HOH . O  ? ? A MG  9001 A HOH 9003 1_555 ? ? ? ? ? ? ? 2.175 ? ? 
metalc8 metalc ?    ? C MG  .  MG  ? ? ? 1_555 E HOH . O  ? ? A MG  9001 A HOH 9035 1_555 ? ? ? ? ? ? ? 2.069 ? ? 
# 
loop_
_struct_conn_type.id 
_struct_conn_type.criteria 
_struct_conn_type.reference 
covale ? ? 
metalc ? ? 
# 
loop_
_pdbx_struct_conn_angle.id 
_pdbx_struct_conn_angle.ptnr1_label_atom_id 
_pdbx_struct_conn_angle.ptnr1_label_alt_id 
_pdbx_struct_conn_angle.ptnr1_label_asym_id 
_pdbx_struct_conn_angle.ptnr1_label_comp_id 
_pdbx_struct_conn_angle.ptnr1_label_seq_id 
_pdbx_struct_conn_angle.ptnr1_auth_atom_id 
_pdbx_struct_conn_angle.ptnr1_auth_asym_id 
_pdbx_struct_conn_angle.ptnr1_auth_comp_id 
_pdbx_struct_conn_angle.ptnr1_auth_seq_id 
_pdbx_struct_conn_angle.ptnr1_PDB_ins_code 
_pdbx_struct_conn_angle.ptnr1_symmetry 
_pdbx_struct_conn_angle.ptnr2_label_atom_id 
_pdbx_struct_conn_angle.ptnr2_label_alt_id 
_pdbx_struct_conn_angle.ptnr2_label_asym_id 
_pdbx_struct_conn_angle.ptnr2_label_comp_id 
_pdbx_struct_conn_angle.ptnr2_label_seq_id 
_pdbx_struct_conn_angle.ptnr2_auth_atom_id 
_pdbx_struct_conn_angle.ptnr2_auth_asym_id 
_pdbx_struct_conn_angle.ptnr2_auth_comp_id 
_pdbx_struct_conn_angle.ptnr2_auth_seq_id 
_pdbx_struct_conn_angle.ptnr2_PDB_ins_code 
_pdbx_struct_conn_angle.ptnr2_symmetry 
_pdbx_struct_conn_angle.ptnr3_label_atom_id 
_pdbx_struct_conn_angle.ptnr3_label_alt_id 
_pdbx_struct_conn_angle.ptnr3_label_asym_id 
_pdbx_struct_conn_angle.ptnr3_label_comp_id 
_pdbx_struct_conn_angle.ptnr3_label_seq_id 
_pdbx_struct_conn_angle.ptnr3_auth_atom_id 
_pdbx_struct_conn_angle.ptnr3_auth_asym_id 
_pdbx_struct_conn_angle.ptnr3_auth_comp_id 
_pdbx_struct_conn_angle.ptnr3_auth_seq_id 
_pdbx_struct_conn_angle.ptnr3_PDB_ins_code 
_pdbx_struct_conn_angle.ptnr3_symmetry 
_pdbx_struct_conn_angle.value 
_pdbx_struct_conn_angle.value_esd 
1  OD1 ? A ASP 13 ? A ASP 13   ? 1_555 MG ? C MG  . ? A MG  9001 ? 1_555 OD2 ? A ASP 57 ? A ASP 57   ? 1_555 86.4  ? 
2  OD1 ? A ASP 13 ? A ASP 13   ? 1_555 MG ? C MG  . ? A MG  9001 ? 1_555 O   ? A ASN 59 ? A ASN 59   ? 1_555 89.1  ? 
3  OD2 ? A ASP 57 ? A ASP 57   ? 1_555 MG ? C MG  . ? A MG  9001 ? 1_555 O   ? A ASN 59 ? A ASN 59   ? 1_555 90.6  ? 
4  OD1 ? A ASP 13 ? A ASP 13   ? 1_555 MG ? C MG  . ? A MG  9001 ? 1_555 F1  ? D BEF .  ? A BEF 501  ? 1_555 175.4 ? 
5  OD2 ? A ASP 57 ? A ASP 57   ? 1_555 MG ? C MG  . ? A MG  9001 ? 1_555 F1  ? D BEF .  ? A BEF 501  ? 1_555 89.8  ? 
6  O   ? A ASN 59 ? A ASN 59   ? 1_555 MG ? C MG  . ? A MG  9001 ? 1_555 F1  ? D BEF .  ? A BEF 501  ? 1_555 93.7  ? 
7  OD1 ? A ASP 13 ? A ASP 13   ? 1_555 MG ? C MG  . ? A MG  9001 ? 1_555 O   ? E HOH .  ? A HOH 9003 ? 1_555 82.8  ? 
8  OD2 ? A ASP 57 ? A ASP 57   ? 1_555 MG ? C MG  . ? A MG  9001 ? 1_555 O   ? E HOH .  ? A HOH 9003 ? 1_555 84.5  ? 
9  O   ? A ASN 59 ? A ASN 59   ? 1_555 MG ? C MG  . ? A MG  9001 ? 1_555 O   ? E HOH .  ? A HOH 9003 ? 1_555 170.7 ? 
10 F1  ? D BEF .  ? A BEF 501  ? 1_555 MG ? C MG  . ? A MG  9001 ? 1_555 O   ? E HOH .  ? A HOH 9003 ? 1_555 94.2  ? 
11 OD1 ? A ASP 13 ? A ASP 13   ? 1_555 MG ? C MG  . ? A MG  9001 ? 1_555 O   ? E HOH .  ? A HOH 9035 ? 1_555 87.0  ? 
12 OD2 ? A ASP 57 ? A ASP 57   ? 1_555 MG ? C MG  . ? A MG  9001 ? 1_555 O   ? E HOH .  ? A HOH 9035 ? 1_555 173.4 ? 
13 O   ? A ASN 59 ? A ASN 59   ? 1_555 MG ? C MG  . ? A MG  9001 ? 1_555 O   ? E HOH .  ? A HOH 9035 ? 1_555 88.6  ? 
14 F1  ? D BEF .  ? A BEF 501  ? 1_555 MG ? C MG  . ? A MG  9001 ? 1_555 O   ? E HOH .  ? A HOH 9035 ? 1_555 96.7  ? 
15 O   ? E HOH .  ? A HOH 9003 ? 1_555 MG ? C MG  . ? A MG  9001 ? 1_555 O   ? E HOH .  ? A HOH 9035 ? 1_555 95.4  ? 
16 OD1 ? A ASP 57 ? A ASP 57   ? 1_555 BE ? D BEF . ? A BEF 501  ? 1_555 F1  ? D BEF .  ? A BEF 501  ? 1_555 113.1 ? 
17 OD1 ? A ASP 57 ? A ASP 57   ? 1_555 BE ? D BEF . ? A BEF 501  ? 1_555 F2  ? D BEF .  ? A BEF 501  ? 1_555 104.0 ? 
18 F1  ? D BEF .  ? A BEF 501  ? 1_555 BE ? D BEF . ? A BEF 501  ? 1_555 F2  ? D BEF .  ? A BEF 501  ? 1_555 109.6 ? 
19 OD1 ? A ASP 57 ? A ASP 57   ? 1_555 BE ? D BEF . ? A BEF 501  ? 1_555 F3  ? D BEF .  ? A BEF 501  ? 1_555 110.6 ? 
20 F1  ? D BEF .  ? A BEF 501  ? 1_555 BE ? D BEF . ? A BEF 501  ? 1_555 F3  ? D BEF .  ? A BEF 501  ? 1_555 109.9 ? 
21 F2  ? D BEF .  ? A BEF 501  ? 1_555 BE ? D BEF . ? A BEF 501  ? 1_555 F3  ? D BEF .  ? A BEF 501  ? 1_555 109.5 ? 
22 OD1 ? A ASP 57 ? A ASP 57   ? 1_555 BE ? D BEF . ? A BEF 501  ? 1_555 MG  ? C MG  .  ? A MG  9001 ? 1_555 84.0  ? 
23 F1  ? D BEF .  ? A BEF 501  ? 1_555 BE ? D BEF . ? A BEF 501  ? 1_555 MG  ? C MG  .  ? A MG  9001 ? 1_555 29.5  ? 
24 F2  ? D BEF .  ? A BEF 501  ? 1_555 BE ? D BEF . ? A BEF 501  ? 1_555 MG  ? C MG  .  ? A MG  9001 ? 1_555 124.5 ? 
25 F3  ? D BEF .  ? A BEF 501  ? 1_555 BE ? D BEF . ? A BEF 501  ? 1_555 MG  ? C MG  .  ? A MG  9001 ? 1_555 118.6 ? 
# 
_pdbx_modification_feature.ordinal                            1 
_pdbx_modification_feature.label_comp_id                      ACE 
_pdbx_modification_feature.label_asym_id                      B 
_pdbx_modification_feature.label_seq_id                       1 
_pdbx_modification_feature.label_alt_id                       ? 
_pdbx_modification_feature.modified_residue_label_comp_id     ALA 
_pdbx_modification_feature.modified_residue_label_asym_id     B 
_pdbx_modification_feature.modified_residue_label_seq_id      2 
_pdbx_modification_feature.modified_residue_label_alt_id      ? 
_pdbx_modification_feature.auth_comp_id                       ACE 
_pdbx_modification_feature.auth_asym_id                       B 
_pdbx_modification_feature.auth_seq_id                        199 
_pdbx_modification_feature.PDB_ins_code                       ? 
_pdbx_modification_feature.symmetry                           1_555 
_pdbx_modification_feature.modified_residue_auth_comp_id      ALA 
_pdbx_modification_feature.modified_residue_auth_asym_id      B 
_pdbx_modification_feature.modified_residue_auth_seq_id       200 
_pdbx_modification_feature.modified_residue_PDB_ins_code      ? 
_pdbx_modification_feature.modified_residue_symmetry          1_555 
_pdbx_modification_feature.comp_id_linking_atom               . 
_pdbx_modification_feature.modified_residue_id_linking_atom   . 
_pdbx_modification_feature.modified_residue_id                ALA 
_pdbx_modification_feature.ref_pcm_id                         1 
_pdbx_modification_feature.ref_comp_id                        ACE 
_pdbx_modification_feature.type                               None 
_pdbx_modification_feature.category                           'Terminal acetylation' 
# 
_struct_mon_prot_cis.pdbx_id                1 
_struct_mon_prot_cis.label_comp_id          LYS 
_struct_mon_prot_cis.label_seq_id           109 
_struct_mon_prot_cis.label_asym_id          A 
_struct_mon_prot_cis.label_alt_id           . 
_struct_mon_prot_cis.pdbx_PDB_ins_code      ? 
_struct_mon_prot_cis.auth_comp_id           LYS 
_struct_mon_prot_cis.auth_seq_id            109 
_struct_mon_prot_cis.auth_asym_id           A 
_struct_mon_prot_cis.pdbx_label_comp_id_2   PRO 
_struct_mon_prot_cis.pdbx_label_seq_id_2    110 
_struct_mon_prot_cis.pdbx_label_asym_id_2   A 
_struct_mon_prot_cis.pdbx_PDB_ins_code_2    ? 
_struct_mon_prot_cis.pdbx_auth_comp_id_2    PRO 
_struct_mon_prot_cis.pdbx_auth_seq_id_2     110 
_struct_mon_prot_cis.pdbx_auth_asym_id_2    A 
_struct_mon_prot_cis.pdbx_PDB_model_num     1 
_struct_mon_prot_cis.pdbx_omega_angle       -2.30 
# 
_struct_sheet.id               A 
_struct_sheet.type             ? 
_struct_sheet.number_strands   5 
_struct_sheet.details          ? 
# 
loop_
_struct_sheet_order.sheet_id 
_struct_sheet_order.range_id_1 
_struct_sheet_order.range_id_2 
_struct_sheet_order.offset 
_struct_sheet_order.sense 
A 1 2 ? parallel 
A 2 3 ? parallel 
A 3 4 ? parallel 
A 4 5 ? parallel 
# 
loop_
_struct_sheet_range.sheet_id 
_struct_sheet_range.id 
_struct_sheet_range.beg_label_comp_id 
_struct_sheet_range.beg_label_asym_id 
_struct_sheet_range.beg_label_seq_id 
_struct_sheet_range.pdbx_beg_PDB_ins_code 
_struct_sheet_range.end_label_comp_id 
_struct_sheet_range.end_label_asym_id 
_struct_sheet_range.end_label_seq_id 
_struct_sheet_range.pdbx_end_PDB_ins_code 
_struct_sheet_range.beg_auth_comp_id 
_struct_sheet_range.beg_auth_asym_id 
_struct_sheet_range.beg_auth_seq_id 
_struct_sheet_range.end_auth_comp_id 
_struct_sheet_range.end_auth_asym_id 
_struct_sheet_range.end_auth_seq_id 
A 1 VAL A 33  ? ALA A 36  ? VAL A 33  ALA A 36  
A 2 LYS A 7   ? VAL A 11  ? LYS A 7   VAL A 11  
A 3 PHE A 51  ? SER A 56  ? PHE A 51  SER A 56  
A 4 VAL A 83  ? THR A 87  ? VAL A 83  THR A 87  
A 5 GLY A 105 ? VAL A 108 ? GLY A 105 VAL A 108 
# 
loop_
_pdbx_struct_sheet_hbond.sheet_id 
_pdbx_struct_sheet_hbond.range_id_1 
_pdbx_struct_sheet_hbond.range_id_2 
_pdbx_struct_sheet_hbond.range_1_label_atom_id 
_pdbx_struct_sheet_hbond.range_1_label_comp_id 
_pdbx_struct_sheet_hbond.range_1_label_asym_id 
_pdbx_struct_sheet_hbond.range_1_label_seq_id 
_pdbx_struct_sheet_hbond.range_1_PDB_ins_code 
_pdbx_struct_sheet_hbond.range_1_auth_atom_id 
_pdbx_struct_sheet_hbond.range_1_auth_comp_id 
_pdbx_struct_sheet_hbond.range_1_auth_asym_id 
_pdbx_struct_sheet_hbond.range_1_auth_seq_id 
_pdbx_struct_sheet_hbond.range_2_label_atom_id 
_pdbx_struct_sheet_hbond.range_2_label_comp_id 
_pdbx_struct_sheet_hbond.range_2_label_asym_id 
_pdbx_struct_sheet_hbond.range_2_label_seq_id 
_pdbx_struct_sheet_hbond.range_2_PDB_ins_code 
_pdbx_struct_sheet_hbond.range_2_auth_atom_id 
_pdbx_struct_sheet_hbond.range_2_auth_comp_id 
_pdbx_struct_sheet_hbond.range_2_auth_asym_id 
_pdbx_struct_sheet_hbond.range_2_auth_seq_id 
A 1 2 O GLU A 34 ? O GLU A 34 N VAL A 10  ? N VAL A 10  
A 2 3 N VAL A 11 ? N VAL A 11 O ILE A 55  ? O ILE A 55  
A 3 4 N SER A 56 ? N SER A 56 O LEU A 84  ? O LEU A 84  
A 4 5 N MET A 85 ? N MET A 85 O VAL A 107 ? O VAL A 107 
# 
loop_
_struct_site.id 
_struct_site.pdbx_evidence_code 
_struct_site.pdbx_auth_asym_id 
_struct_site.pdbx_auth_comp_id 
_struct_site.pdbx_auth_seq_id 
_struct_site.pdbx_auth_ins_code 
_struct_site.pdbx_num_residues 
_struct_site.details 
AC1 Software A MG  9001 ? 6  'BINDING SITE FOR RESIDUE MG A 9001' 
AC2 Software A BEF 501  ? 10 'BINDING SITE FOR RESIDUE BEF A 501' 
# 
loop_
_struct_site_gen.id 
_struct_site_gen.site_id 
_struct_site_gen.pdbx_num_res 
_struct_site_gen.label_comp_id 
_struct_site_gen.label_asym_id 
_struct_site_gen.label_seq_id 
_struct_site_gen.pdbx_auth_ins_code 
_struct_site_gen.auth_comp_id 
_struct_site_gen.auth_asym_id 
_struct_site_gen.auth_seq_id 
_struct_site_gen.label_atom_id 
_struct_site_gen.label_alt_id 
_struct_site_gen.symmetry 
_struct_site_gen.details 
1  AC1 6  ASP A 13  ? ASP A 13   . ? 1_555 ? 
2  AC1 6  ASP A 57  ? ASP A 57   . ? 1_555 ? 
3  AC1 6  ASN A 59  ? ASN A 59   . ? 1_555 ? 
4  AC1 6  BEF D .   ? BEF A 501  . ? 1_555 ? 
5  AC1 6  HOH E .   ? HOH A 9003 . ? 1_555 ? 
6  AC1 6  HOH E .   ? HOH A 9035 . ? 1_555 ? 
7  AC2 10 ASP A 57  ? ASP A 57   . ? 1_555 ? 
8  AC2 10 TRP A 58  ? TRP A 58   . ? 1_555 ? 
9  AC2 10 ASN A 59  ? ASN A 59   . ? 1_555 ? 
10 AC2 10 THR A 87  ? THR A 87   . ? 1_555 ? 
11 AC2 10 ALA A 88  ? ALA A 88   . ? 1_555 ? 
12 AC2 10 LYS A 109 ? LYS A 109  . ? 1_555 ? 
13 AC2 10 MG  C .   ? MG  A 9001 . ? 1_555 ? 
14 AC2 10 HOH E .   ? HOH A 9003 . ? 1_555 ? 
15 AC2 10 HOH E .   ? HOH A 9009 . ? 1_555 ? 
16 AC2 10 HOH E .   ? HOH A 9035 . ? 1_555 ? 
# 
_pdbx_entry_details.entry_id                   2FMK 
_pdbx_entry_details.compound_details           ? 
_pdbx_entry_details.source_details             ? 
_pdbx_entry_details.nonpolymer_details         ? 
_pdbx_entry_details.sequence_details           ? 
_pdbx_entry_details.has_ligand_of_interest     ? 
_pdbx_entry_details.has_protein_modification   Y 
# 
loop_
_pdbx_validate_torsion.id 
_pdbx_validate_torsion.PDB_model_num 
_pdbx_validate_torsion.auth_comp_id 
_pdbx_validate_torsion.auth_asym_id 
_pdbx_validate_torsion.auth_seq_id 
_pdbx_validate_torsion.PDB_ins_code 
_pdbx_validate_torsion.label_alt_id 
_pdbx_validate_torsion.phi 
_pdbx_validate_torsion.psi 
1 1 TRP A 58 ? ? -97.94  -70.26 
2 1 ASN A 62 ? ? 75.01   -58.10 
3 1 MET A 78 ? ? -162.87 21.06  
# 
_pdbx_validate_polymer_linkage.id               1 
_pdbx_validate_polymer_linkage.PDB_model_num    1 
_pdbx_validate_polymer_linkage.auth_atom_id_1   C 
_pdbx_validate_polymer_linkage.auth_asym_id_1   B 
_pdbx_validate_polymer_linkage.auth_comp_id_1   ACE 
_pdbx_validate_polymer_linkage.auth_seq_id_1    199 
_pdbx_validate_polymer_linkage.PDB_ins_code_1   ? 
_pdbx_validate_polymer_linkage.label_alt_id_1   ? 
_pdbx_validate_polymer_linkage.auth_atom_id_2   N 
_pdbx_validate_polymer_linkage.auth_asym_id_2   B 
_pdbx_validate_polymer_linkage.auth_comp_id_2   ALA 
_pdbx_validate_polymer_linkage.auth_seq_id_2    200 
_pdbx_validate_polymer_linkage.PDB_ins_code_2   ? 
_pdbx_validate_polymer_linkage.label_alt_id_2   ? 
_pdbx_validate_polymer_linkage.dist             2.05 
# 
_pdbx_struct_special_symmetry.id              1 
_pdbx_struct_special_symmetry.PDB_model_num   1 
_pdbx_struct_special_symmetry.auth_asym_id    A 
_pdbx_struct_special_symmetry.auth_comp_id    HOH 
_pdbx_struct_special_symmetry.auth_seq_id     9077 
_pdbx_struct_special_symmetry.PDB_ins_code    ? 
_pdbx_struct_special_symmetry.label_asym_id   E 
_pdbx_struct_special_symmetry.label_comp_id   HOH 
_pdbx_struct_special_symmetry.label_seq_id    . 
# 
_pdbx_unobs_or_zero_occ_residues.id               1 
_pdbx_unobs_or_zero_occ_residues.PDB_model_num    1 
_pdbx_unobs_or_zero_occ_residues.polymer_flag     Y 
_pdbx_unobs_or_zero_occ_residues.occupancy_flag   1 
_pdbx_unobs_or_zero_occ_residues.auth_asym_id     A 
_pdbx_unobs_or_zero_occ_residues.auth_comp_id     MET 
_pdbx_unobs_or_zero_occ_residues.auth_seq_id      1 
_pdbx_unobs_or_zero_occ_residues.PDB_ins_code     ? 
_pdbx_unobs_or_zero_occ_residues.label_asym_id    A 
_pdbx_unobs_or_zero_occ_residues.label_comp_id    MET 
_pdbx_unobs_or_zero_occ_residues.label_seq_id     1 
# 
loop_
_chem_comp_atom.comp_id 
_chem_comp_atom.atom_id 
_chem_comp_atom.type_symbol 
_chem_comp_atom.pdbx_aromatic_flag 
_chem_comp_atom.pdbx_stereo_config 
_chem_comp_atom.pdbx_ordinal 
ACE C    C  N N 1   
ACE O    O  N N 2   
ACE CH3  C  N N 3   
ACE H    H  N N 4   
ACE H1   H  N N 5   
ACE H2   H  N N 6   
ACE H3   H  N N 7   
ALA N    N  N N 8   
ALA CA   C  N S 9   
ALA C    C  N N 10  
ALA O    O  N N 11  
ALA CB   C  N N 12  
ALA OXT  O  N N 13  
ALA H    H  N N 14  
ALA H2   H  N N 15  
ALA HA   H  N N 16  
ALA HB1  H  N N 17  
ALA HB2  H  N N 18  
ALA HB3  H  N N 19  
ALA HXT  H  N N 20  
ARG N    N  N N 21  
ARG CA   C  N S 22  
ARG C    C  N N 23  
ARG O    O  N N 24  
ARG CB   C  N N 25  
ARG CG   C  N N 26  
ARG CD   C  N N 27  
ARG NE   N  N N 28  
ARG CZ   C  N N 29  
ARG NH1  N  N N 30  
ARG NH2  N  N N 31  
ARG OXT  O  N N 32  
ARG H    H  N N 33  
ARG H2   H  N N 34  
ARG HA   H  N N 35  
ARG HB2  H  N N 36  
ARG HB3  H  N N 37  
ARG HG2  H  N N 38  
ARG HG3  H  N N 39  
ARG HD2  H  N N 40  
ARG HD3  H  N N 41  
ARG HE   H  N N 42  
ARG HH11 H  N N 43  
ARG HH12 H  N N 44  
ARG HH21 H  N N 45  
ARG HH22 H  N N 46  
ARG HXT  H  N N 47  
ASN N    N  N N 48  
ASN CA   C  N S 49  
ASN C    C  N N 50  
ASN O    O  N N 51  
ASN CB   C  N N 52  
ASN CG   C  N N 53  
ASN OD1  O  N N 54  
ASN ND2  N  N N 55  
ASN OXT  O  N N 56  
ASN H    H  N N 57  
ASN H2   H  N N 58  
ASN HA   H  N N 59  
ASN HB2  H  N N 60  
ASN HB3  H  N N 61  
ASN HD21 H  N N 62  
ASN HD22 H  N N 63  
ASN HXT  H  N N 64  
ASP N    N  N N 65  
ASP CA   C  N S 66  
ASP C    C  N N 67  
ASP O    O  N N 68  
ASP CB   C  N N 69  
ASP CG   C  N N 70  
ASP OD1  O  N N 71  
ASP OD2  O  N N 72  
ASP OXT  O  N N 73  
ASP H    H  N N 74  
ASP H2   H  N N 75  
ASP HA   H  N N 76  
ASP HB2  H  N N 77  
ASP HB3  H  N N 78  
ASP HD2  H  N N 79  
ASP HXT  H  N N 80  
BEF BE   BE N N 81  
BEF F1   F  N N 82  
BEF F2   F  N N 83  
BEF F3   F  N N 84  
GLN N    N  N N 85  
GLN CA   C  N S 86  
GLN C    C  N N 87  
GLN O    O  N N 88  
GLN CB   C  N N 89  
GLN CG   C  N N 90  
GLN CD   C  N N 91  
GLN OE1  O  N N 92  
GLN NE2  N  N N 93  
GLN OXT  O  N N 94  
GLN H    H  N N 95  
GLN H2   H  N N 96  
GLN HA   H  N N 97  
GLN HB2  H  N N 98  
GLN HB3  H  N N 99  
GLN HG2  H  N N 100 
GLN HG3  H  N N 101 
GLN HE21 H  N N 102 
GLN HE22 H  N N 103 
GLN HXT  H  N N 104 
GLU N    N  N N 105 
GLU CA   C  N S 106 
GLU C    C  N N 107 
GLU O    O  N N 108 
GLU CB   C  N N 109 
GLU CG   C  N N 110 
GLU CD   C  N N 111 
GLU OE1  O  N N 112 
GLU OE2  O  N N 113 
GLU OXT  O  N N 114 
GLU H    H  N N 115 
GLU H2   H  N N 116 
GLU HA   H  N N 117 
GLU HB2  H  N N 118 
GLU HB3  H  N N 119 
GLU HG2  H  N N 120 
GLU HG3  H  N N 121 
GLU HE2  H  N N 122 
GLU HXT  H  N N 123 
GLY N    N  N N 124 
GLY CA   C  N N 125 
GLY C    C  N N 126 
GLY O    O  N N 127 
GLY OXT  O  N N 128 
GLY H    H  N N 129 
GLY H2   H  N N 130 
GLY HA2  H  N N 131 
GLY HA3  H  N N 132 
GLY HXT  H  N N 133 
HOH O    O  N N 134 
HOH H1   H  N N 135 
HOH H2   H  N N 136 
ILE N    N  N N 137 
ILE CA   C  N S 138 
ILE C    C  N N 139 
ILE O    O  N N 140 
ILE CB   C  N S 141 
ILE CG1  C  N N 142 
ILE CG2  C  N N 143 
ILE CD1  C  N N 144 
ILE OXT  O  N N 145 
ILE H    H  N N 146 
ILE H2   H  N N 147 
ILE HA   H  N N 148 
ILE HB   H  N N 149 
ILE HG12 H  N N 150 
ILE HG13 H  N N 151 
ILE HG21 H  N N 152 
ILE HG22 H  N N 153 
ILE HG23 H  N N 154 
ILE HD11 H  N N 155 
ILE HD12 H  N N 156 
ILE HD13 H  N N 157 
ILE HXT  H  N N 158 
LEU N    N  N N 159 
LEU CA   C  N S 160 
LEU C    C  N N 161 
LEU O    O  N N 162 
LEU CB   C  N N 163 
LEU CG   C  N N 164 
LEU CD1  C  N N 165 
LEU CD2  C  N N 166 
LEU OXT  O  N N 167 
LEU H    H  N N 168 
LEU H2   H  N N 169 
LEU HA   H  N N 170 
LEU HB2  H  N N 171 
LEU HB3  H  N N 172 
LEU HG   H  N N 173 
LEU HD11 H  N N 174 
LEU HD12 H  N N 175 
LEU HD13 H  N N 176 
LEU HD21 H  N N 177 
LEU HD22 H  N N 178 
LEU HD23 H  N N 179 
LEU HXT  H  N N 180 
LYS N    N  N N 181 
LYS CA   C  N S 182 
LYS C    C  N N 183 
LYS O    O  N N 184 
LYS CB   C  N N 185 
LYS CG   C  N N 186 
LYS CD   C  N N 187 
LYS CE   C  N N 188 
LYS NZ   N  N N 189 
LYS OXT  O  N N 190 
LYS H    H  N N 191 
LYS H2   H  N N 192 
LYS HA   H  N N 193 
LYS HB2  H  N N 194 
LYS HB3  H  N N 195 
LYS HG2  H  N N 196 
LYS HG3  H  N N 197 
LYS HD2  H  N N 198 
LYS HD3  H  N N 199 
LYS HE2  H  N N 200 
LYS HE3  H  N N 201 
LYS HZ1  H  N N 202 
LYS HZ2  H  N N 203 
LYS HZ3  H  N N 204 
LYS HXT  H  N N 205 
MET N    N  N N 206 
MET CA   C  N S 207 
MET C    C  N N 208 
MET O    O  N N 209 
MET CB   C  N N 210 
MET CG   C  N N 211 
MET SD   S  N N 212 
MET CE   C  N N 213 
MET OXT  O  N N 214 
MET H    H  N N 215 
MET H2   H  N N 216 
MET HA   H  N N 217 
MET HB2  H  N N 218 
MET HB3  H  N N 219 
MET HG2  H  N N 220 
MET HG3  H  N N 221 
MET HE1  H  N N 222 
MET HE2  H  N N 223 
MET HE3  H  N N 224 
MET HXT  H  N N 225 
MG  MG   MG N N 226 
PHE N    N  N N 227 
PHE CA   C  N S 228 
PHE C    C  N N 229 
PHE O    O  N N 230 
PHE CB   C  N N 231 
PHE CG   C  Y N 232 
PHE CD1  C  Y N 233 
PHE CD2  C  Y N 234 
PHE CE1  C  Y N 235 
PHE CE2  C  Y N 236 
PHE CZ   C  Y N 237 
PHE OXT  O  N N 238 
PHE H    H  N N 239 
PHE H2   H  N N 240 
PHE HA   H  N N 241 
PHE HB2  H  N N 242 
PHE HB3  H  N N 243 
PHE HD1  H  N N 244 
PHE HD2  H  N N 245 
PHE HE1  H  N N 246 
PHE HE2  H  N N 247 
PHE HZ   H  N N 248 
PHE HXT  H  N N 249 
PRO N    N  N N 250 
PRO CA   C  N S 251 
PRO C    C  N N 252 
PRO O    O  N N 253 
PRO CB   C  N N 254 
PRO CG   C  N N 255 
PRO CD   C  N N 256 
PRO OXT  O  N N 257 
PRO H    H  N N 258 
PRO HA   H  N N 259 
PRO HB2  H  N N 260 
PRO HB3  H  N N 261 
PRO HG2  H  N N 262 
PRO HG3  H  N N 263 
PRO HD2  H  N N 264 
PRO HD3  H  N N 265 
PRO HXT  H  N N 266 
SER N    N  N N 267 
SER CA   C  N S 268 
SER C    C  N N 269 
SER O    O  N N 270 
SER CB   C  N N 271 
SER OG   O  N N 272 
SER OXT  O  N N 273 
SER H    H  N N 274 
SER H2   H  N N 275 
SER HA   H  N N 276 
SER HB2  H  N N 277 
SER HB3  H  N N 278 
SER HG   H  N N 279 
SER HXT  H  N N 280 
THR N    N  N N 281 
THR CA   C  N S 282 
THR C    C  N N 283 
THR O    O  N N 284 
THR CB   C  N R 285 
THR OG1  O  N N 286 
THR CG2  C  N N 287 
THR OXT  O  N N 288 
THR H    H  N N 289 
THR H2   H  N N 290 
THR HA   H  N N 291 
THR HB   H  N N 292 
THR HG1  H  N N 293 
THR HG21 H  N N 294 
THR HG22 H  N N 295 
THR HG23 H  N N 296 
THR HXT  H  N N 297 
TRP N    N  N N 298 
TRP CA   C  N S 299 
TRP C    C  N N 300 
TRP O    O  N N 301 
TRP CB   C  N N 302 
TRP CG   C  Y N 303 
TRP CD1  C  Y N 304 
TRP CD2  C  Y N 305 
TRP NE1  N  Y N 306 
TRP CE2  C  Y N 307 
TRP CE3  C  Y N 308 
TRP CZ2  C  Y N 309 
TRP CZ3  C  Y N 310 
TRP CH2  C  Y N 311 
TRP OXT  O  N N 312 
TRP H    H  N N 313 
TRP H2   H  N N 314 
TRP HA   H  N N 315 
TRP HB2  H  N N 316 
TRP HB3  H  N N 317 
TRP HD1  H  N N 318 
TRP HE1  H  N N 319 
TRP HE3  H  N N 320 
TRP HZ2  H  N N 321 
TRP HZ3  H  N N 322 
TRP HH2  H  N N 323 
TRP HXT  H  N N 324 
TYR N    N  N N 325 
TYR CA   C  N S 326 
TYR C    C  N N 327 
TYR O    O  N N 328 
TYR CB   C  N N 329 
TYR CG   C  Y N 330 
TYR CD1  C  Y N 331 
TYR CD2  C  Y N 332 
TYR CE1  C  Y N 333 
TYR CE2  C  Y N 334 
TYR CZ   C  Y N 335 
TYR OH   O  N N 336 
TYR OXT  O  N N 337 
TYR H    H  N N 338 
TYR H2   H  N N 339 
TYR HA   H  N N 340 
TYR HB2  H  N N 341 
TYR HB3  H  N N 342 
TYR HD1  H  N N 343 
TYR HD2  H  N N 344 
TYR HE1  H  N N 345 
TYR HE2  H  N N 346 
TYR HH   H  N N 347 
TYR HXT  H  N N 348 
VAL N    N  N N 349 
VAL CA   C  N S 350 
VAL C    C  N N 351 
VAL O    O  N N 352 
VAL CB   C  N N 353 
VAL CG1  C  N N 354 
VAL CG2  C  N N 355 
VAL OXT  O  N N 356 
VAL H    H  N N 357 
VAL H2   H  N N 358 
VAL HA   H  N N 359 
VAL HB   H  N N 360 
VAL HG11 H  N N 361 
VAL HG12 H  N N 362 
VAL HG13 H  N N 363 
VAL HG21 H  N N 364 
VAL HG22 H  N N 365 
VAL HG23 H  N N 366 
VAL HXT  H  N N 367 
# 
loop_
_chem_comp_bond.comp_id 
_chem_comp_bond.atom_id_1 
_chem_comp_bond.atom_id_2 
_chem_comp_bond.value_order 
_chem_comp_bond.pdbx_aromatic_flag 
_chem_comp_bond.pdbx_stereo_config 
_chem_comp_bond.pdbx_ordinal 
ACE C   O    doub N N 1   
ACE C   CH3  sing N N 2   
ACE C   H    sing N N 3   
ACE CH3 H1   sing N N 4   
ACE CH3 H2   sing N N 5   
ACE CH3 H3   sing N N 6   
ALA N   CA   sing N N 7   
ALA N   H    sing N N 8   
ALA N   H2   sing N N 9   
ALA CA  C    sing N N 10  
ALA CA  CB   sing N N 11  
ALA CA  HA   sing N N 12  
ALA C   O    doub N N 13  
ALA C   OXT  sing N N 14  
ALA CB  HB1  sing N N 15  
ALA CB  HB2  sing N N 16  
ALA CB  HB3  sing N N 17  
ALA OXT HXT  sing N N 18  
ARG N   CA   sing N N 19  
ARG N   H    sing N N 20  
ARG N   H2   sing N N 21  
ARG CA  C    sing N N 22  
ARG CA  CB   sing N N 23  
ARG CA  HA   sing N N 24  
ARG C   O    doub N N 25  
ARG C   OXT  sing N N 26  
ARG CB  CG   sing N N 27  
ARG CB  HB2  sing N N 28  
ARG CB  HB3  sing N N 29  
ARG CG  CD   sing N N 30  
ARG CG  HG2  sing N N 31  
ARG CG  HG3  sing N N 32  
ARG CD  NE   sing N N 33  
ARG CD  HD2  sing N N 34  
ARG CD  HD3  sing N N 35  
ARG NE  CZ   sing N N 36  
ARG NE  HE   sing N N 37  
ARG CZ  NH1  sing N N 38  
ARG CZ  NH2  doub N N 39  
ARG NH1 HH11 sing N N 40  
ARG NH1 HH12 sing N N 41  
ARG NH2 HH21 sing N N 42  
ARG NH2 HH22 sing N N 43  
ARG OXT HXT  sing N N 44  
ASN N   CA   sing N N 45  
ASN N   H    sing N N 46  
ASN N   H2   sing N N 47  
ASN CA  C    sing N N 48  
ASN CA  CB   sing N N 49  
ASN CA  HA   sing N N 50  
ASN C   O    doub N N 51  
ASN C   OXT  sing N N 52  
ASN CB  CG   sing N N 53  
ASN CB  HB2  sing N N 54  
ASN CB  HB3  sing N N 55  
ASN CG  OD1  doub N N 56  
ASN CG  ND2  sing N N 57  
ASN ND2 HD21 sing N N 58  
ASN ND2 HD22 sing N N 59  
ASN OXT HXT  sing N N 60  
ASP N   CA   sing N N 61  
ASP N   H    sing N N 62  
ASP N   H2   sing N N 63  
ASP CA  C    sing N N 64  
ASP CA  CB   sing N N 65  
ASP CA  HA   sing N N 66  
ASP C   O    doub N N 67  
ASP C   OXT  sing N N 68  
ASP CB  CG   sing N N 69  
ASP CB  HB2  sing N N 70  
ASP CB  HB3  sing N N 71  
ASP CG  OD1  doub N N 72  
ASP CG  OD2  sing N N 73  
ASP OD2 HD2  sing N N 74  
ASP OXT HXT  sing N N 75  
BEF BE  F1   sing N N 76  
BEF BE  F2   sing N N 77  
BEF BE  F3   sing N N 78  
GLN N   CA   sing N N 79  
GLN N   H    sing N N 80  
GLN N   H2   sing N N 81  
GLN CA  C    sing N N 82  
GLN CA  CB   sing N N 83  
GLN CA  HA   sing N N 84  
GLN C   O    doub N N 85  
GLN C   OXT  sing N N 86  
GLN CB  CG   sing N N 87  
GLN CB  HB2  sing N N 88  
GLN CB  HB3  sing N N 89  
GLN CG  CD   sing N N 90  
GLN CG  HG2  sing N N 91  
GLN CG  HG3  sing N N 92  
GLN CD  OE1  doub N N 93  
GLN CD  NE2  sing N N 94  
GLN NE2 HE21 sing N N 95  
GLN NE2 HE22 sing N N 96  
GLN OXT HXT  sing N N 97  
GLU N   CA   sing N N 98  
GLU N   H    sing N N 99  
GLU N   H2   sing N N 100 
GLU CA  C    sing N N 101 
GLU CA  CB   sing N N 102 
GLU CA  HA   sing N N 103 
GLU C   O    doub N N 104 
GLU C   OXT  sing N N 105 
GLU CB  CG   sing N N 106 
GLU CB  HB2  sing N N 107 
GLU CB  HB3  sing N N 108 
GLU CG  CD   sing N N 109 
GLU CG  HG2  sing N N 110 
GLU CG  HG3  sing N N 111 
GLU CD  OE1  doub N N 112 
GLU CD  OE2  sing N N 113 
GLU OE2 HE2  sing N N 114 
GLU OXT HXT  sing N N 115 
GLY N   CA   sing N N 116 
GLY N   H    sing N N 117 
GLY N   H2   sing N N 118 
GLY CA  C    sing N N 119 
GLY CA  HA2  sing N N 120 
GLY CA  HA3  sing N N 121 
GLY C   O    doub N N 122 
GLY C   OXT  sing N N 123 
GLY OXT HXT  sing N N 124 
HOH O   H1   sing N N 125 
HOH O   H2   sing N N 126 
ILE N   CA   sing N N 127 
ILE N   H    sing N N 128 
ILE N   H2   sing N N 129 
ILE CA  C    sing N N 130 
ILE CA  CB   sing N N 131 
ILE CA  HA   sing N N 132 
ILE C   O    doub N N 133 
ILE C   OXT  sing N N 134 
ILE CB  CG1  sing N N 135 
ILE CB  CG2  sing N N 136 
ILE CB  HB   sing N N 137 
ILE CG1 CD1  sing N N 138 
ILE CG1 HG12 sing N N 139 
ILE CG1 HG13 sing N N 140 
ILE CG2 HG21 sing N N 141 
ILE CG2 HG22 sing N N 142 
ILE CG2 HG23 sing N N 143 
ILE CD1 HD11 sing N N 144 
ILE CD1 HD12 sing N N 145 
ILE CD1 HD13 sing N N 146 
ILE OXT HXT  sing N N 147 
LEU N   CA   sing N N 148 
LEU N   H    sing N N 149 
LEU N   H2   sing N N 150 
LEU CA  C    sing N N 151 
LEU CA  CB   sing N N 152 
LEU CA  HA   sing N N 153 
LEU C   O    doub N N 154 
LEU C   OXT  sing N N 155 
LEU CB  CG   sing N N 156 
LEU CB  HB2  sing N N 157 
LEU CB  HB3  sing N N 158 
LEU CG  CD1  sing N N 159 
LEU CG  CD2  sing N N 160 
LEU CG  HG   sing N N 161 
LEU CD1 HD11 sing N N 162 
LEU CD1 HD12 sing N N 163 
LEU CD1 HD13 sing N N 164 
LEU CD2 HD21 sing N N 165 
LEU CD2 HD22 sing N N 166 
LEU CD2 HD23 sing N N 167 
LEU OXT HXT  sing N N 168 
LYS N   CA   sing N N 169 
LYS N   H    sing N N 170 
LYS N   H2   sing N N 171 
LYS CA  C    sing N N 172 
LYS CA  CB   sing N N 173 
LYS CA  HA   sing N N 174 
LYS C   O    doub N N 175 
LYS C   OXT  sing N N 176 
LYS CB  CG   sing N N 177 
LYS CB  HB2  sing N N 178 
LYS CB  HB3  sing N N 179 
LYS CG  CD   sing N N 180 
LYS CG  HG2  sing N N 181 
LYS CG  HG3  sing N N 182 
LYS CD  CE   sing N N 183 
LYS CD  HD2  sing N N 184 
LYS CD  HD3  sing N N 185 
LYS CE  NZ   sing N N 186 
LYS CE  HE2  sing N N 187 
LYS CE  HE3  sing N N 188 
LYS NZ  HZ1  sing N N 189 
LYS NZ  HZ2  sing N N 190 
LYS NZ  HZ3  sing N N 191 
LYS OXT HXT  sing N N 192 
MET N   CA   sing N N 193 
MET N   H    sing N N 194 
MET N   H2   sing N N 195 
MET CA  C    sing N N 196 
MET CA  CB   sing N N 197 
MET CA  HA   sing N N 198 
MET C   O    doub N N 199 
MET C   OXT  sing N N 200 
MET CB  CG   sing N N 201 
MET CB  HB2  sing N N 202 
MET CB  HB3  sing N N 203 
MET CG  SD   sing N N 204 
MET CG  HG2  sing N N 205 
MET CG  HG3  sing N N 206 
MET SD  CE   sing N N 207 
MET CE  HE1  sing N N 208 
MET CE  HE2  sing N N 209 
MET CE  HE3  sing N N 210 
MET OXT HXT  sing N N 211 
PHE N   CA   sing N N 212 
PHE N   H    sing N N 213 
PHE N   H2   sing N N 214 
PHE CA  C    sing N N 215 
PHE CA  CB   sing N N 216 
PHE CA  HA   sing N N 217 
PHE C   O    doub N N 218 
PHE C   OXT  sing N N 219 
PHE CB  CG   sing N N 220 
PHE CB  HB2  sing N N 221 
PHE CB  HB3  sing N N 222 
PHE CG  CD1  doub Y N 223 
PHE CG  CD2  sing Y N 224 
PHE CD1 CE1  sing Y N 225 
PHE CD1 HD1  sing N N 226 
PHE CD2 CE2  doub Y N 227 
PHE CD2 HD2  sing N N 228 
PHE CE1 CZ   doub Y N 229 
PHE CE1 HE1  sing N N 230 
PHE CE2 CZ   sing Y N 231 
PHE CE2 HE2  sing N N 232 
PHE CZ  HZ   sing N N 233 
PHE OXT HXT  sing N N 234 
PRO N   CA   sing N N 235 
PRO N   CD   sing N N 236 
PRO N   H    sing N N 237 
PRO CA  C    sing N N 238 
PRO CA  CB   sing N N 239 
PRO CA  HA   sing N N 240 
PRO C   O    doub N N 241 
PRO C   OXT  sing N N 242 
PRO CB  CG   sing N N 243 
PRO CB  HB2  sing N N 244 
PRO CB  HB3  sing N N 245 
PRO CG  CD   sing N N 246 
PRO CG  HG2  sing N N 247 
PRO CG  HG3  sing N N 248 
PRO CD  HD2  sing N N 249 
PRO CD  HD3  sing N N 250 
PRO OXT HXT  sing N N 251 
SER N   CA   sing N N 252 
SER N   H    sing N N 253 
SER N   H2   sing N N 254 
SER CA  C    sing N N 255 
SER CA  CB   sing N N 256 
SER CA  HA   sing N N 257 
SER C   O    doub N N 258 
SER C   OXT  sing N N 259 
SER CB  OG   sing N N 260 
SER CB  HB2  sing N N 261 
SER CB  HB3  sing N N 262 
SER OG  HG   sing N N 263 
SER OXT HXT  sing N N 264 
THR N   CA   sing N N 265 
THR N   H    sing N N 266 
THR N   H2   sing N N 267 
THR CA  C    sing N N 268 
THR CA  CB   sing N N 269 
THR CA  HA   sing N N 270 
THR C   O    doub N N 271 
THR C   OXT  sing N N 272 
THR CB  OG1  sing N N 273 
THR CB  CG2  sing N N 274 
THR CB  HB   sing N N 275 
THR OG1 HG1  sing N N 276 
THR CG2 HG21 sing N N 277 
THR CG2 HG22 sing N N 278 
THR CG2 HG23 sing N N 279 
THR OXT HXT  sing N N 280 
TRP N   CA   sing N N 281 
TRP N   H    sing N N 282 
TRP N   H2   sing N N 283 
TRP CA  C    sing N N 284 
TRP CA  CB   sing N N 285 
TRP CA  HA   sing N N 286 
TRP C   O    doub N N 287 
TRP C   OXT  sing N N 288 
TRP CB  CG   sing N N 289 
TRP CB  HB2  sing N N 290 
TRP CB  HB3  sing N N 291 
TRP CG  CD1  doub Y N 292 
TRP CG  CD2  sing Y N 293 
TRP CD1 NE1  sing Y N 294 
TRP CD1 HD1  sing N N 295 
TRP CD2 CE2  doub Y N 296 
TRP CD2 CE3  sing Y N 297 
TRP NE1 CE2  sing Y N 298 
TRP NE1 HE1  sing N N 299 
TRP CE2 CZ2  sing Y N 300 
TRP CE3 CZ3  doub Y N 301 
TRP CE3 HE3  sing N N 302 
TRP CZ2 CH2  doub Y N 303 
TRP CZ2 HZ2  sing N N 304 
TRP CZ3 CH2  sing Y N 305 
TRP CZ3 HZ3  sing N N 306 
TRP CH2 HH2  sing N N 307 
TRP OXT HXT  sing N N 308 
TYR N   CA   sing N N 309 
TYR N   H    sing N N 310 
TYR N   H2   sing N N 311 
TYR CA  C    sing N N 312 
TYR CA  CB   sing N N 313 
TYR CA  HA   sing N N 314 
TYR C   O    doub N N 315 
TYR C   OXT  sing N N 316 
TYR CB  CG   sing N N 317 
TYR CB  HB2  sing N N 318 
TYR CB  HB3  sing N N 319 
TYR CG  CD1  doub Y N 320 
TYR CG  CD2  sing Y N 321 
TYR CD1 CE1  sing Y N 322 
TYR CD1 HD1  sing N N 323 
TYR CD2 CE2  doub Y N 324 
TYR CD2 HD2  sing N N 325 
TYR CE1 CZ   doub Y N 326 
TYR CE1 HE1  sing N N 327 
TYR CE2 CZ   sing Y N 328 
TYR CE2 HE2  sing N N 329 
TYR CZ  OH   sing N N 330 
TYR OH  HH   sing N N 331 
TYR OXT HXT  sing N N 332 
VAL N   CA   sing N N 333 
VAL N   H    sing N N 334 
VAL N   H2   sing N N 335 
VAL CA  C    sing N N 336 
VAL CA  CB   sing N N 337 
VAL CA  HA   sing N N 338 
VAL C   O    doub N N 339 
VAL C   OXT  sing N N 340 
VAL CB  CG1  sing N N 341 
VAL CB  CG2  sing N N 342 
VAL CB  HB   sing N N 343 
VAL CG1 HG11 sing N N 344 
VAL CG1 HG12 sing N N 345 
VAL CG1 HG13 sing N N 346 
VAL CG2 HG21 sing N N 347 
VAL CG2 HG22 sing N N 348 
VAL CG2 HG23 sing N N 349 
VAL OXT HXT  sing N N 350 
# 
_pdbx_initial_refinement_model.id               1 
_pdbx_initial_refinement_model.entity_id_list   ? 
_pdbx_initial_refinement_model.type             'experimental model' 
_pdbx_initial_refinement_model.source_name      PDB 
_pdbx_initial_refinement_model.accession_code   1FQW 
_pdbx_initial_refinement_model.details          'PDB ENTRY 1FQW' 
# 
_atom_sites.entry_id                    2FMK 
_atom_sites.fract_transf_matrix[1][1]   -0.01150068 
_atom_sites.fract_transf_matrix[1][2]   0.00744972 
_atom_sites.fract_transf_matrix[1][3]   0.01236067 
_atom_sites.fract_transf_matrix[2][1]   -0.01112999 
_atom_sites.fract_transf_matrix[2][2]   0.00194391 
_atom_sites.fract_transf_matrix[2][3]   -0.01152721 
_atom_sites.fract_transf_matrix[3][1]   -0.01007646 
_atom_sites.fract_transf_matrix[3][2]   -0.02476837 
_atom_sites.fract_transf_matrix[3][3]   0.00555238 
_atom_sites.fract_transf_vector[1]      -0.303376 
_atom_sites.fract_transf_vector[2]      0.173578 
_atom_sites.fract_transf_vector[3]      -0.284900 
# 
loop_
_atom_type.symbol 
BE 
C  
F  
MG 
N  
O  
S  
# 
loop_
_atom_site.group_PDB 
_atom_site.id 
_atom_site.type_symbol 
_atom_site.label_atom_id 
_atom_site.label_alt_id 
_atom_site.label_comp_id 
_atom_site.label_asym_id 
_atom_site.label_entity_id 
_atom_site.label_seq_id 
_atom_site.pdbx_PDB_ins_code 
_atom_site.Cartn_x 
_atom_site.Cartn_y 
_atom_site.Cartn_z 
_atom_site.occupancy 
_atom_site.B_iso_or_equiv 
_atom_site.pdbx_formal_charge 
_atom_site.auth_seq_id 
_atom_site.auth_comp_id 
_atom_site.auth_asym_id 
_atom_site.auth_atom_id 
_atom_site.pdbx_PDB_model_num 
ATOM   1    N  N   . ALA A 1 2   ? 8.614   3.497   20.012  1.00 22.76 ? 2    ALA A N   1 
ATOM   2    C  CA  . ALA A 1 2   ? 8.155   2.923   18.722  1.00 21.73 ? 2    ALA A CA  1 
ATOM   3    C  C   . ALA A 1 2   ? 8.779   3.713   17.584  1.00 21.23 ? 2    ALA A C   1 
ATOM   4    O  O   . ALA A 1 2   ? 8.876   4.939   17.651  1.00 21.02 ? 2    ALA A O   1 
ATOM   5    C  CB  . ALA A 1 2   ? 6.640   2.951   18.637  1.00 22.22 ? 2    ALA A CB  1 
ATOM   6    N  N   . ASP A 1 3   ? 9.201   2.989   16.551  1.00 20.65 ? 3    ASP A N   1 
ATOM   7    C  CA  . ASP A 1 3   ? 9.859   3.556   15.378  1.00 19.71 ? 3    ASP A CA  1 
ATOM   8    C  C   . ASP A 1 3   ? 8.912   4.382   14.520  1.00 18.78 ? 3    ASP A C   1 
ATOM   9    O  O   . ASP A 1 3   ? 8.135   3.846   13.722  1.00 19.13 ? 3    ASP A O   1 
ATOM   10   C  CB  . ASP A 1 3   ? 10.499  2.436   14.546  1.00 20.13 ? 3    ASP A CB  1 
ATOM   11   C  CG  . ASP A 1 3   ? 11.087  2.934   13.234  1.00 21.38 ? 3    ASP A CG  1 
ATOM   12   O  OD1 . ASP A 1 3   ? 11.511  4.107   13.158  1.00 22.47 ? 3    ASP A OD1 1 
ATOM   13   O  OD2 . ASP A 1 3   ? 11.124  2.140   12.265  1.00 24.44 ? 3    ASP A OD2 1 
ATOM   14   N  N   . LYS A 1 4   ? 9.017   5.696   14.665  1.00 17.34 ? 4    LYS A N   1 
ATOM   15   C  CA  . LYS A 1 4   ? 8.196   6.621   13.904  1.00 16.19 ? 4    LYS A CA  1 
ATOM   16   C  C   . LYS A 1 4   ? 8.974   7.228   12.750  1.00 15.46 ? 4    LYS A C   1 
ATOM   17   O  O   . LYS A 1 4   ? 8.498   8.156   12.084  1.00 15.44 ? 4    LYS A O   1 
ATOM   18   C  CB  . LYS A 1 4   ? 7.634   7.705   14.824  1.00 16.02 ? 4    LYS A CB  1 
ATOM   19   C  CG  . LYS A 1 4   ? 6.674   7.173   15.879  1.00 16.00 ? 4    LYS A CG  1 
ATOM   20   C  CD  . LYS A 1 4   ? 5.411   6.575   15.272  1.00 17.26 ? 4    LYS A CD  1 
ATOM   21   C  CE  . LYS A 1 4   ? 4.535   5.947   16.345  1.00 18.53 ? 4    LYS A CE  1 
ATOM   22   N  NZ  . LYS A 1 4   ? 3.296   5.355   15.767  1.00 19.09 ? 4    LYS A NZ  1 
ATOM   23   N  N   . GLU A 1 5   ? 10.173  6.711   12.499  1.00 14.25 ? 5    GLU A N   1 
ATOM   24   C  CA  . GLU A 1 5   ? 10.925  7.231   11.364  1.00 13.40 ? 5    GLU A CA  1 
ATOM   25   C  C   . GLU A 1 5   ? 10.729  6.420   10.081  1.00 12.20 ? 5    GLU A C   1 
ATOM   26   O  O   . GLU A 1 5   ? 11.174  6.844   9.009   1.00 11.97 ? 5    GLU A O   1 
ATOM   27   C  CB  . GLU A 1 5   ? 12.395  7.494   11.699  1.00 13.94 ? 5    GLU A CB  1 
ATOM   28   C  CG  . GLU A 1 5   ? 13.380  6.391   11.420  1.00 14.42 ? 5    GLU A CG  1 
ATOM   29   C  CD  . GLU A 1 5   ? 14.780  6.963   11.230  1.00 16.80 ? 5    GLU A CD  1 
ATOM   30   O  OE1 . GLU A 1 5   ? 15.276  7.675   12.133  1.00 15.24 ? 5    GLU A OE1 1 
ATOM   31   O  OE2 . GLU A 1 5   ? 15.387  6.711   10.171  1.00 19.17 ? 5    GLU A OE2 1 
ATOM   32   N  N   . LEU A 1 6   ? 10.039  5.283   10.199  1.00 10.69 ? 6    LEU A N   1 
ATOM   33   C  CA  . LEU A 1 6   ? 9.652   4.489   9.038   1.00 9.52  ? 6    LEU A CA  1 
ATOM   34   C  C   . LEU A 1 6   ? 9.208   5.423   7.920   1.00 8.60  ? 6    LEU A C   1 
ATOM   35   O  O   . LEU A 1 6   ? 8.274   6.201   8.094   1.00 8.42  ? 6    LEU A O   1 
ATOM   36   C  CB  . LEU A 1 6   ? 8.532   3.505   9.398   1.00 9.52  ? 6    LEU A CB  1 
ATOM   37   C  CG  . LEU A 1 6   ? 8.025   2.550   8.309   1.00 9.77  ? 6    LEU A CG  1 
ATOM   38   C  CD1 . LEU A 1 6   ? 9.129   1.594   7.874   1.00 9.47  ? 6    LEU A CD1 1 
ATOM   39   C  CD2 . LEU A 1 6   ? 6.824   1.769   8.828   1.00 9.58  ? 6    LEU A CD2 1 
ATOM   40   N  N   . LYS A 1 7   ? 9.905   5.359   6.784   1.00 7.66  ? 7    LYS A N   1 
ATOM   41   C  CA  . LYS A 1 7   ? 9.659   6.254   5.659   1.00 7.18  ? 7    LYS A CA  1 
ATOM   42   C  C   . LYS A 1 7   ? 8.669   5.645   4.646   1.00 6.80  ? 7    LYS A C   1 
ATOM   43   O  O   . LYS A 1 7   ? 8.913   4.572   4.078   1.00 7.27  ? 7    LYS A O   1 
ATOM   44   C  CB  . LYS A 1 7   ? 10.990  6.594   4.988   1.00 7.27  ? 7    LYS A CB  1 
ATOM   45   C  CG  . LYS A 1 7   ? 10.930  7.649   3.892   1.00 8.32  ? 7    LYS A CG  1 
ATOM   46   C  CD  . LYS A 1 7   ? 12.189  7.518   3.041   1.00 11.80 ? 7    LYS A CD  1 
ATOM   47   C  CE  . LYS A 1 7   ? 12.530  8.782   2.311   1.00 13.52 ? 7    LYS A CE  1 
ATOM   48   N  NZ  . LYS A 1 7   ? 13.853  8.598   1.615   1.00 13.21 ? 7    LYS A NZ  1 
ATOM   49   N  N   . PHE A 1 8   ? 7.551   6.333   4.440   1.00 6.00  ? 8    PHE A N   1 
ATOM   50   C  CA  . PHE A 1 8   ? 6.469   5.846   3.582   1.00 5.00  ? 8    PHE A CA  1 
ATOM   51   C  C   . PHE A 1 8   ? 6.521   6.461   2.197   1.00 4.45  ? 8    PHE A C   1 
ATOM   52   O  O   . PHE A 1 8   ? 6.813   7.643   2.043   1.00 4.25  ? 8    PHE A O   1 
ATOM   53   C  CB  . PHE A 1 8   ? 5.101   6.188   4.198   1.00 5.14  ? 8    PHE A CB  1 
ATOM   54   C  CG  . PHE A 1 8   ? 4.715   5.304   5.355   1.00 5.55  ? 8    PHE A CG  1 
ATOM   55   C  CD1 . PHE A 1 8   ? 5.272   5.505   6.620   1.00 4.96  ? 8    PHE A CD1 1 
ATOM   56   C  CD2 . PHE A 1 8   ? 3.789   4.268   5.179   1.00 4.25  ? 8    PHE A CD2 1 
ATOM   57   C  CE1 . PHE A 1 8   ? 4.925   4.677   7.684   1.00 5.70  ? 8    PHE A CE1 1 
ATOM   58   C  CE2 . PHE A 1 8   ? 3.428   3.453   6.242   1.00 5.54  ? 8    PHE A CE2 1 
ATOM   59   C  CZ  . PHE A 1 8   ? 3.996   3.653   7.490   1.00 5.14  ? 8    PHE A CZ  1 
ATOM   60   N  N   . LEU A 1 9   ? 6.219   5.657   1.188   1.00 3.96  ? 9    LEU A N   1 
ATOM   61   C  CA  . LEU A 1 9   ? 5.915   6.204   -0.127  1.00 3.88  ? 9    LEU A CA  1 
ATOM   62   C  C   . LEU A 1 9   ? 4.419   6.032   -0.386  1.00 3.48  ? 9    LEU A C   1 
ATOM   63   O  O   . LEU A 1 9   ? 3.909   4.920   -0.360  1.00 2.61  ? 9    LEU A O   1 
ATOM   64   C  CB  . LEU A 1 9   ? 6.727   5.514   -1.225  1.00 4.14  ? 9    LEU A CB  1 
ATOM   65   C  CG  . LEU A 1 9   ? 6.540   6.155   -2.608  1.00 3.72  ? 9    LEU A CG  1 
ATOM   66   C  CD1 . LEU A 1 9   ? 7.029   7.605   -2.603  1.00 4.82  ? 9    LEU A CD1 1 
ATOM   67   C  CD2 . LEU A 1 9   ? 7.238   5.364   -3.685  1.00 4.69  ? 9    LEU A CD2 1 
ATOM   68   N  N   . VAL A 1 10  ? 3.742   7.147   -0.637  1.00 3.24  ? 10   VAL A N   1 
ATOM   69   C  CA  . VAL A 1 10  ? 2.311   7.168   -0.908  1.00 3.22  ? 10   VAL A CA  1 
ATOM   70   C  C   . VAL A 1 10  ? 2.064   7.370   -2.408  1.00 3.09  ? 10   VAL A C   1 
ATOM   71   O  O   . VAL A 1 10  ? 2.371   8.426   -2.967  1.00 2.85  ? 10   VAL A O   1 
ATOM   72   C  CB  . VAL A 1 10  ? 1.612   8.258   -0.067  1.00 2.86  ? 10   VAL A CB  1 
ATOM   73   C  CG1 . VAL A 1 10  ? 0.133   8.415   -0.444  1.00 3.37  ? 10   VAL A CG1 1 
ATOM   74   C  CG2 . VAL A 1 10  ? 1.742   7.937   1.405   1.00 4.50  ? 10   VAL A CG2 1 
ATOM   75   N  N   . VAL A 1 11  ? 1.500   6.350   -3.048  1.00 2.63  ? 11   VAL A N   1 
ATOM   76   C  CA  . VAL A 1 11  ? 1.327   6.354   -4.506  1.00 2.34  ? 11   VAL A CA  1 
ATOM   77   C  C   . VAL A 1 11  ? -0.145  6.344   -4.886  1.00 2.72  ? 11   VAL A C   1 
ATOM   78   O  O   . VAL A 1 11  ? -0.872  5.414   -4.547  1.00 2.50  ? 11   VAL A O   1 
ATOM   79   C  CB  . VAL A 1 11  ? 2.001   5.128   -5.155  1.00 2.50  ? 11   VAL A CB  1 
ATOM   80   C  CG1 . VAL A 1 11  ? 2.109   5.309   -6.686  1.00 2.02  ? 11   VAL A CG1 1 
ATOM   81   C  CG2 . VAL A 1 11  ? 3.373   4.875   -4.531  1.00 2.00  ? 11   VAL A CG2 1 
ATOM   82   N  N   . ASP A 1 12  ? -0.568  7.390   -5.592  1.00 2.63  ? 12   ASP A N   1 
ATOM   83   C  CA  . ASP A 1 12  ? -1.938  7.543   -6.074  1.00 3.26  ? 12   ASP A CA  1 
ATOM   84   C  C   . ASP A 1 12  ? -1.924  8.686   -7.080  1.00 3.49  ? 12   ASP A C   1 
ATOM   85   O  O   . ASP A 1 12  ? -1.272  9.698   -6.846  1.00 3.25  ? 12   ASP A O   1 
ATOM   86   C  CB  . ASP A 1 12  ? -2.890  7.880   -4.910  1.00 3.25  ? 12   ASP A CB  1 
ATOM   87   C  CG  . ASP A 1 12  ? -4.357  7.581   -5.235  1.00 3.97  ? 12   ASP A CG  1 
ATOM   88   O  OD1 . ASP A 1 12  ? -4.933  8.205   -6.145  1.00 4.82  ? 12   ASP A OD1 1 
ATOM   89   O  OD2 . ASP A 1 12  ? -4.947  6.725   -4.560  1.00 4.84  ? 12   ASP A OD2 1 
ATOM   90   N  N   . ASP A 1 13  ? -2.635  8.522   -8.191  1.00 4.35  ? 13   ASP A N   1 
ATOM   91   C  CA  . ASP A 1 13  ? -2.716  9.573   -9.210  1.00 5.30  ? 13   ASP A CA  1 
ATOM   92   C  C   . ASP A 1 13  ? -3.623  10.735  -8.767  1.00 5.71  ? 13   ASP A C   1 
ATOM   93   O  O   . ASP A 1 13  ? -3.566  11.816  -9.351  1.00 5.87  ? 13   ASP A O   1 
ATOM   94   C  CB  . ASP A 1 13  ? -3.172  8.997   -10.566 1.00 5.13  ? 13   ASP A CB  1 
ATOM   95   C  CG  . ASP A 1 13  ? -4.555  8.340   -10.503 1.00 5.43  ? 13   ASP A CG  1 
ATOM   96   O  OD1 . ASP A 1 13  ? -4.794  7.493   -9.621  1.00 5.35  ? 13   ASP A OD1 1 
ATOM   97   O  OD2 . ASP A 1 13  ? -5.410  8.660   -11.358 1.00 6.39  ? 13   ASP A OD2 1 
ATOM   98   N  N   . PHE A 1 14  ? -4.437  10.510  -7.732  1.00 6.33  ? 14   PHE A N   1 
ATOM   99   C  CA  . PHE A 1 14  ? -5.383  11.517  -7.228  1.00 6.95  ? 14   PHE A CA  1 
ATOM   100  C  C   . PHE A 1 14  ? -4.769  12.305  -6.078  1.00 7.05  ? 14   PHE A C   1 
ATOM   101  O  O   . PHE A 1 14  ? -4.460  11.743  -5.025  1.00 6.83  ? 14   PHE A O   1 
ATOM   102  C  CB  . PHE A 1 14  ? -6.690  10.824  -6.793  1.00 7.05  ? 14   PHE A CB  1 
ATOM   103  C  CG  . PHE A 1 14  ? -7.808  11.762  -6.398  1.00 7.39  ? 14   PHE A CG  1 
ATOM   104  C  CD1 . PHE A 1 14  ? -8.703  11.394  -5.385  1.00 8.95  ? 14   PHE A CD1 1 
ATOM   105  C  CD2 . PHE A 1 14  ? -7.986  12.991  -7.031  1.00 7.93  ? 14   PHE A CD2 1 
ATOM   106  C  CE1 . PHE A 1 14  ? -9.768  12.234  -5.013  1.00 9.35  ? 14   PHE A CE1 1 
ATOM   107  C  CE2 . PHE A 1 14  ? -9.039  13.843  -6.661  1.00 9.44  ? 14   PHE A CE2 1 
ATOM   108  C  CZ  . PHE A 1 14  ? -9.936  13.456  -5.659  1.00 8.56  ? 14   PHE A CZ  1 
ATOM   109  N  N   . SER A 1 15  ? -4.581  13.611  -6.282  1.00 7.67  ? 15   SER A N   1 
ATOM   110  C  CA  . SER A 1 15  ? -3.909  14.443  -5.279  1.00 7.72  ? 15   SER A CA  1 
ATOM   111  C  C   . SER A 1 15  ? -4.623  14.416  -3.930  1.00 7.56  ? 15   SER A C   1 
ATOM   112  O  O   . SER A 1 15  ? -3.978  14.350  -2.896  1.00 7.91  ? 15   SER A O   1 
ATOM   113  C  CB  . SER A 1 15  ? -3.743  15.886  -5.756  1.00 7.60  ? 15   SER A CB  1 
ATOM   114  O  OG  A SER A 1 15  ? -3.412  16.730  -4.662  0.50 7.80  ? 15   SER A OG  1 
ATOM   115  O  OG  B SER A 1 15  ? -4.994  16.493  -6.013  0.50 7.92  ? 15   SER A OG  1 
ATOM   116  N  N   . THR A 1 16  ? -5.949  14.467  -3.950  1.00 7.42  ? 16   THR A N   1 
ATOM   117  C  CA  . THR A 1 16  ? -6.725  14.473  -2.708  1.00 7.58  ? 16   THR A CA  1 
ATOM   118  C  C   . THR A 1 16  ? -6.433  13.215  -1.892  1.00 7.05  ? 16   THR A C   1 
ATOM   119  O  O   . THR A 1 16  ? -6.289  13.292  -0.672  1.00 7.28  ? 16   THR A O   1 
ATOM   120  C  CB  . THR A 1 16  ? -8.240  14.612  -2.965  1.00 7.50  ? 16   THR A CB  1 
ATOM   121  O  OG1 . THR A 1 16  ? -8.504  15.860  -3.611  1.00 8.13  ? 16   THR A OG1 1 
ATOM   122  C  CG2 . THR A 1 16  ? -9.049  14.556  -1.664  1.00 8.39  ? 16   THR A CG2 1 
ATOM   123  N  N   . MET A 1 17  ? -6.334  12.064  -2.562  1.00 6.32  ? 17   MET A N   1 
ATOM   124  C  CA  . MET A 1 17  ? -6.096  10.797  -1.850  1.00 6.04  ? 17   MET A CA  1 
ATOM   125  C  C   . MET A 1 17  ? -4.701  10.706  -1.237  1.00 5.79  ? 17   MET A C   1 
ATOM   126  O  O   . MET A 1 17  ? -4.555  10.226  -0.113  1.00 5.99  ? 17   MET A O   1 
ATOM   127  C  CB  . MET A 1 17  ? -6.390  9.579   -2.738  1.00 5.64  ? 17   MET A CB  1 
ATOM   128  C  CG  . MET A 1 17  ? -6.254  8.232   -1.995  1.00 6.09  ? 17   MET A CG  1 
ATOM   129  S  SD  . MET A 1 17  ? -7.196  8.100   -0.448  1.00 6.77  ? 17   MET A SD  1 
ATOM   130  C  CE  . MET A 1 17  ? -8.874  8.277   -1.057  1.00 3.50  ? 17   MET A CE  1 
ATOM   131  N  N   . ARG A 1 18  ? -3.674  11.144  -1.966  1.00 5.82  ? 18   ARG A N   1 
ATOM   132  C  CA  . ARG A 1 18  ? -2.330  11.258  -1.393  1.00 6.28  ? 18   ARG A CA  1 
ATOM   133  C  C   . ARG A 1 18  ? -2.353  12.166  -0.155  1.00 6.57  ? 18   ARG A C   1 
ATOM   134  O  O   . ARG A 1 18  ? -1.709  11.864  0.841   1.00 6.50  ? 18   ARG A O   1 
ATOM   135  C  CB  . ARG A 1 18  ? -1.314  11.819  -2.411  1.00 6.31  ? 18   ARG A CB  1 
ATOM   136  C  CG  . ARG A 1 18  ? -1.103  10.966  -3.665  1.00 5.97  ? 18   ARG A CG  1 
ATOM   137  C  CD  . ARG A 1 18  ? 0.168   11.369  -4.423  1.00 6.88  ? 18   ARG A CD  1 
ATOM   138  N  NE  . ARG A 1 18  ? 0.178   12.787  -4.804  1.00 7.74  ? 18   ARG A NE  1 
ATOM   139  C  CZ  . ARG A 1 18  ? -0.268  13.258  -5.966  1.00 8.39  ? 18   ARG A CZ  1 
ATOM   140  N  NH1 . ARG A 1 18  ? -0.770  12.440  -6.883  1.00 6.91  ? 18   ARG A NH1 1 
ATOM   141  N  NH2 . ARG A 1 18  ? -0.210  14.553  -6.215  1.00 8.70  ? 18   ARG A NH2 1 
ATOM   142  N  N   . ARG A 1 19  ? -3.093  13.273  -0.235  1.00 6.79  ? 19   ARG A N   1 
ATOM   143  C  CA  . ARG A 1 19  ? -3.251  14.204  0.897   1.00 7.63  ? 19   ARG A CA  1 
ATOM   144  C  C   . ARG A 1 19  ? -3.942  13.529  2.084   1.00 6.88  ? 19   ARG A C   1 
ATOM   145  O  O   . ARG A 1 19  ? -3.517  13.682  3.228   1.00 7.14  ? 19   ARG A O   1 
ATOM   146  C  CB  . ARG A 1 19  ? -4.030  15.454  0.462   1.00 7.43  ? 19   ARG A CB  1 
ATOM   147  C  CG  . ARG A 1 19  ? -3.818  16.683  1.347   1.00 8.79  ? 19   ARG A CG  1 
ATOM   148  C  CD  . ARG A 1 19  ? -4.300  17.965  0.656   1.00 9.40  ? 19   ARG A CD  1 
ATOM   149  N  NE  . ARG A 1 19  ? -3.756  19.165  1.295   1.00 11.98 ? 19   ARG A NE  1 
ATOM   150  C  CZ  . ARG A 1 19  ? -3.749  20.382  0.754   1.00 13.37 ? 19   ARG A CZ  1 
ATOM   151  N  NH1 . ARG A 1 19  ? -4.257  20.594  -0.457  1.00 12.86 ? 19   ARG A NH1 1 
ATOM   152  N  NH2 . ARG A 1 19  ? -3.214  21.395  1.425   1.00 13.38 ? 19   ARG A NH2 1 
ATOM   153  N  N   . ILE A 1 20  ? -4.999  12.774  1.810   1.00 6.66  ? 20   ILE A N   1 
ATOM   154  C  CA  . ILE A 1 20  ? -5.682  12.013  2.856   1.00 6.32  ? 20   ILE A CA  1 
ATOM   155  C  C   . ILE A 1 20  ? -4.728  11.020  3.533   1.00 6.13  ? 20   ILE A C   1 
ATOM   156  O  O   . ILE A 1 20  ? -4.617  10.988  4.769   1.00 5.62  ? 20   ILE A O   1 
ATOM   157  C  CB  . ILE A 1 20  ? -6.929  11.283  2.312   1.00 6.14  ? 20   ILE A CB  1 
ATOM   158  C  CG1 . ILE A 1 20  ? -8.021  12.308  1.983   1.00 7.07  ? 20   ILE A CG1 1 
ATOM   159  C  CG2 . ILE A 1 20  ? -7.435  10.241  3.326   1.00 6.38  ? 20   ILE A CG2 1 
ATOM   160  C  CD1 . ILE A 1 20  ? -9.117  11.798  1.044   1.00 7.30  ? 20   ILE A CD1 1 
ATOM   161  N  N   . VAL A 1 21  ? -4.029  10.224  2.725   1.00 5.74  ? 21   VAL A N   1 
ATOM   162  C  CA  . VAL A 1 21  ? -3.116  9.219   3.268   1.00 5.88  ? 21   VAL A CA  1 
ATOM   163  C  C   . VAL A 1 21  ? -1.953  9.863   4.049   1.00 6.52  ? 21   VAL A C   1 
ATOM   164  O  O   . VAL A 1 21  ? -1.610  9.395   5.122   1.00 6.83  ? 21   VAL A O   1 
ATOM   165  C  CB  . VAL A 1 21  ? -2.622  8.217   2.185   1.00 5.54  ? 21   VAL A CB  1 
ATOM   166  C  CG1 . VAL A 1 21  ? -1.643  7.205   2.786   1.00 6.15  ? 21   VAL A CG1 1 
ATOM   167  C  CG2 . VAL A 1 21  ? -3.805  7.475   1.575   1.00 4.48  ? 21   VAL A CG2 1 
ATOM   168  N  N   . ARG A 1 22  ? -1.360  10.928  3.510   1.00 7.27  ? 22   ARG A N   1 
ATOM   169  C  CA  . ARG A 1 22  ? -0.273  11.632  4.209   1.00 8.88  ? 22   ARG A CA  1 
ATOM   170  C  C   . ARG A 1 22  ? -0.740  12.171  5.575   1.00 8.28  ? 22   ARG A C   1 
ATOM   171  O  O   . ARG A 1 22  ? -0.036  12.049  6.584   1.00 8.84  ? 22   ARG A O   1 
ATOM   172  C  CB  . ARG A 1 22  ? 0.263   12.782  3.349   1.00 8.46  ? 22   ARG A CB  1 
ATOM   173  C  CG  . ARG A 1 22  ? 1.368   13.589  4.016   1.00 10.72 ? 22   ARG A CG  1 
ATOM   174  C  CD  . ARG A 1 22  ? 1.773   14.789  3.179   1.00 11.83 ? 22   ARG A CD  1 
ATOM   175  N  NE  . ARG A 1 22  ? 2.614   14.420  2.034   1.00 18.44 ? 22   ARG A NE  1 
ATOM   176  C  CZ  . ARG A 1 22  ? 3.951   14.393  2.039   1.00 19.89 ? 22   ARG A CZ  1 
ATOM   177  N  NH1 . ARG A 1 22  ? 4.641   14.703  3.136   1.00 20.71 ? 22   ARG A NH1 1 
ATOM   178  N  NH2 . ARG A 1 22  ? 4.604   14.053  0.935   1.00 20.88 ? 22   ARG A NH2 1 
ATOM   179  N  N   . ASN A 1 23  ? -1.928  12.776  5.591   1.00 7.93  ? 23   ASN A N   1 
ATOM   180  C  CA  . ASN A 1 23  ? -2.495  13.325  6.821   1.00 6.92  ? 23   ASN A CA  1 
ATOM   181  C  C   . ASN A 1 23  ? -2.779  12.245  7.870   1.00 6.47  ? 23   ASN A C   1 
ATOM   182  O  O   . ASN A 1 23  ? -2.525  12.454  9.056   1.00 5.85  ? 23   ASN A O   1 
ATOM   183  C  CB  . ASN A 1 23  ? -3.751  14.150  6.523   1.00 6.96  ? 23   ASN A CB  1 
ATOM   184  C  CG  . ASN A 1 23  ? -3.441  15.599  6.188   1.00 6.78  ? 23   ASN A CG  1 
ATOM   185  O  OD1 . ASN A 1 23  ? -3.591  16.024  5.046   1.00 8.39  ? 23   ASN A OD1 1 
ATOM   186  N  ND2 . ASN A 1 23  ? -3.015  16.361  7.180   1.00 4.69  ? 23   ASN A ND2 1 
ATOM   187  N  N   . LEU A 1 24  ? -3.298  11.102  7.418   1.00 5.76  ? 24   LEU A N   1 
ATOM   188  C  CA  . LEU A 1 24  ? -3.559  9.947   8.283   1.00 6.13  ? 24   LEU A CA  1 
ATOM   189  C  C   . LEU A 1 24  ? -2.279  9.352   8.880   1.00 6.31  ? 24   LEU A C   1 
ATOM   190  O  O   . LEU A 1 24  ? -2.241  9.002   10.068  1.00 6.13  ? 24   LEU A O   1 
ATOM   191  C  CB  . LEU A 1 24  ? -4.334  8.864   7.525   1.00 5.59  ? 24   LEU A CB  1 
ATOM   192  C  CG  . LEU A 1 24  ? -5.816  9.132   7.241   1.00 5.91  ? 24   LEU A CG  1 
ATOM   193  C  CD1 . LEU A 1 24  ? -6.411  8.065   6.322   1.00 5.85  ? 24   LEU A CD1 1 
ATOM   194  C  CD2 . LEU A 1 24  ? -6.596  9.216   8.550   1.00 5.53  ? 24   LEU A CD2 1 
ATOM   195  N  N   . LEU A 1 25  ? -1.245  9.214   8.049   1.00 6.29  ? 25   LEU A N   1 
ATOM   196  C  CA  . LEU A 1 25  ? 0.059   8.759   8.522   1.00 6.51  ? 25   LEU A CA  1 
ATOM   197  C  C   . LEU A 1 25  ? 0.624   9.745   9.557   1.00 6.94  ? 25   LEU A C   1 
ATOM   198  O  O   . LEU A 1 25  ? 1.169   9.331   10.567  1.00 6.65  ? 25   LEU A O   1 
ATOM   199  C  CB  . LEU A 1 25  ? 1.037   8.585   7.357   1.00 6.19  ? 25   LEU A CB  1 
ATOM   200  C  CG  . LEU A 1 25  ? 0.824   7.354   6.463   1.00 5.28  ? 25   LEU A CG  1 
ATOM   201  C  CD1 . LEU A 1 25  ? 1.651   7.463   5.188   1.00 5.72  ? 25   LEU A CD1 1 
ATOM   202  C  CD2 . LEU A 1 25  ? 1.123   6.086   7.229   1.00 5.42  ? 25   LEU A CD2 1 
ATOM   203  N  N   . LYS A 1 26  ? 0.474   11.045  9.294   1.00 8.03  ? 26   LYS A N   1 
ATOM   204  C  CA  . LYS A 1 26  ? 0.904   12.078  10.235  1.00 8.95  ? 26   LYS A CA  1 
ATOM   205  C  C   . LYS A 1 26  ? 0.226   11.898  11.599  1.00 9.33  ? 26   LYS A C   1 
ATOM   206  O  O   . LYS A 1 26  ? 0.879   12.002  12.634  1.00 9.82  ? 26   LYS A O   1 
ATOM   207  C  CB  . LYS A 1 26  ? 0.631   13.479  9.676   1.00 8.78  ? 26   LYS A CB  1 
ATOM   208  C  CG  . LYS A 1 26  ? 1.005   14.644  10.620  1.00 9.61  ? 26   LYS A CG  1 
ATOM   209  C  CD  . LYS A 1 26  ? 0.639   15.992  10.001  1.00 9.96  ? 26   LYS A CD  1 
ATOM   210  C  CE  . LYS A 1 26  ? 0.602   17.107  11.044  1.00 13.03 ? 26   LYS A CE  1 
ATOM   211  N  NZ  . LYS A 1 26  ? 0.113   18.412  10.479  1.00 14.56 ? 26   LYS A NZ  1 
ATOM   212  N  N   . GLU A 1 27  ? -1.079  11.626  11.583  1.00 9.36  ? 27   GLU A N   1 
ATOM   213  C  CA  . GLU A 1 27  ? -1.843  11.371  12.797  1.00 9.66  ? 27   GLU A CA  1 
ATOM   214  C  C   . GLU A 1 27  ? -1.271  10.179  13.580  1.00 10.11 ? 27   GLU A C   1 
ATOM   215  O  O   . GLU A 1 27  ? -1.177  10.214  14.814  1.00 9.88  ? 27   GLU A O   1 
ATOM   216  C  CB  . GLU A 1 27  ? -3.314  11.139  12.436  1.00 9.57  ? 27   GLU A CB  1 
ATOM   217  C  CG  . GLU A 1 27  ? -4.250  10.884  13.615  1.00 11.27 ? 27   GLU A CG  1 
ATOM   218  C  CD  . GLU A 1 27  ? -4.201  11.968  14.678  1.00 12.00 ? 27   GLU A CD  1 
ATOM   219  O  OE1 . GLU A 1 27  ? -4.055  13.164  14.330  1.00 11.70 ? 27   GLU A OE1 1 
ATOM   220  O  OE2 . GLU A 1 27  ? -4.318  11.617  15.870  1.00 14.36 ? 27   GLU A OE2 1 
ATOM   221  N  N   . LEU A 1 28  ? -0.882  9.139   12.847  1.00 9.65  ? 28   LEU A N   1 
ATOM   222  C  CA  . LEU A 1 28  ? -0.299  7.934   13.424  1.00 9.77  ? 28   LEU A CA  1 
ATOM   223  C  C   . LEU A 1 28  ? 1.140   8.120   13.911  1.00 9.86  ? 28   LEU A C   1 
ATOM   224  O  O   . LEU A 1 28  ? 1.692   7.238   14.554  1.00 10.14 ? 28   LEU A O   1 
ATOM   225  C  CB  . LEU A 1 28  ? -0.389  6.775   12.420  1.00 9.56  ? 28   LEU A CB  1 
ATOM   226  C  CG  . LEU A 1 28  ? -1.816  6.297   12.117  1.00 9.11  ? 28   LEU A CG  1 
ATOM   227  C  CD1 . LEU A 1 28  ? -1.802  5.250   11.010  1.00 9.43  ? 28   LEU A CD1 1 
ATOM   228  C  CD2 . LEU A 1 28  ? -2.493  5.742   13.368  1.00 9.11  ? 28   LEU A CD2 1 
ATOM   229  N  N   . GLY A 1 29  ? 1.738   9.265   13.601  1.00 10.06 ? 29   GLY A N   1 
ATOM   230  C  CA  . GLY A 1 29  ? 3.066   9.604   14.098  1.00 10.52 ? 29   GLY A CA  1 
ATOM   231  C  C   . GLY A 1 29  ? 4.172   9.478   13.062  1.00 10.82 ? 29   GLY A C   1 
ATOM   232  O  O   . GLY A 1 29  ? 5.346   9.596   13.403  1.00 10.89 ? 29   GLY A O   1 
ATOM   233  N  N   . PHE A 1 30  ? 3.792   9.230   11.808  1.00 10.80 ? 30   PHE A N   1 
ATOM   234  C  CA  . PHE A 1 30  ? 4.742   9.074   10.705  1.00 11.01 ? 30   PHE A CA  1 
ATOM   235  C  C   . PHE A 1 30  ? 4.816   10.328  9.849   1.00 11.48 ? 30   PHE A C   1 
ATOM   236  O  O   . PHE A 1 30  ? 3.895   10.618  9.074   1.00 11.95 ? 30   PHE A O   1 
ATOM   237  C  CB  . PHE A 1 30  ? 4.388   7.849   9.846   1.00 10.69 ? 30   PHE A CB  1 
ATOM   238  C  CG  . PHE A 1 30  ? 4.319   6.573   10.623  1.00 10.43 ? 30   PHE A CG  1 
ATOM   239  C  CD1 . PHE A 1 30  ? 5.483   5.937   11.048  1.00 10.04 ? 30   PHE A CD1 1 
ATOM   240  C  CD2 . PHE A 1 30  ? 3.092   6.011   10.954  1.00 9.85  ? 30   PHE A CD2 1 
ATOM   241  C  CE1 . PHE A 1 30  ? 5.423   4.751   11.774  1.00 10.24 ? 30   PHE A CE1 1 
ATOM   242  C  CE2 . PHE A 1 30  ? 3.022   4.828   11.679  1.00 10.21 ? 30   PHE A CE2 1 
ATOM   243  C  CZ  . PHE A 1 30  ? 4.185   4.195   12.095  1.00 10.40 ? 30   PHE A CZ  1 
ATOM   244  N  N   . ASN A 1 31  ? 5.916   11.071  10.003  1.00 11.61 ? 31   ASN A N   1 
ATOM   245  C  CA  . ASN A 1 31  ? 6.128   12.331  9.297   1.00 12.40 ? 31   ASN A CA  1 
ATOM   246  C  C   . ASN A 1 31  ? 7.079   12.204  8.109   1.00 11.95 ? 31   ASN A C   1 
ATOM   247  O  O   . ASN A 1 31  ? 7.178   13.114  7.285   1.00 12.03 ? 31   ASN A O   1 
ATOM   248  C  CB  . ASN A 1 31  ? 6.641   13.420  10.254  1.00 13.50 ? 31   ASN A CB  1 
ATOM   249  C  CG  . ASN A 1 31  ? 5.748   13.609  11.472  1.00 15.42 ? 31   ASN A CG  1 
ATOM   250  O  OD1 . ASN A 1 31  ? 6.152   13.324  12.599  1.00 20.11 ? 31   ASN A OD1 1 
ATOM   251  N  ND2 . ASN A 1 31  ? 4.537   14.087  11.250  1.00 17.84 ? 31   ASN A ND2 1 
ATOM   252  N  N   . ASN A 1 32  ? 7.772   11.077  8.030   1.00 11.13 ? 32   ASN A N   1 
ATOM   253  C  CA  . ASN A 1 32  ? 8.662   10.809  6.915   1.00 10.80 ? 32   ASN A CA  1 
ATOM   254  C  C   . ASN A 1 32  ? 7.874   10.145  5.790   1.00 10.17 ? 32   ASN A C   1 
ATOM   255  O  O   . ASN A 1 32  ? 7.809   8.923   5.685   1.00 9.44  ? 32   ASN A O   1 
ATOM   256  C  CB  A ASN A 1 32  ? 9.832   9.921   7.380   0.50 10.91 ? 32   ASN A CB  1 
ATOM   257  C  CB  B ASN A 1 32  ? 9.856   9.963   7.366   0.50 10.45 ? 32   ASN A CB  1 
ATOM   258  C  CG  A ASN A 1 32  ? 11.097  10.115  6.554   0.50 11.80 ? 32   ASN A CG  1 
ATOM   259  C  CG  B ASN A 1 32  ? 10.711  10.683  8.380   0.50 10.46 ? 32   ASN A CG  1 
ATOM   260  O  OD1 A ASN A 1 32  ? 11.137  10.905  5.606   0.50 13.69 ? 32   ASN A OD1 1 
ATOM   261  O  OD1 B ASN A 1 32  ? 11.108  11.832  8.166   0.50 10.44 ? 32   ASN A OD1 1 
ATOM   262  N  ND2 A ASN A 1 32  ? 12.147  9.389   6.921   0.50 14.27 ? 32   ASN A ND2 1 
ATOM   263  N  ND2 B ASN A 1 32  ? 10.979  10.026  9.503   0.50 9.83  ? 32   ASN A ND2 1 
ATOM   264  N  N   . VAL A 1 33  ? 7.242   10.987  4.977   1.00 9.57  ? 33   VAL A N   1 
ATOM   265  C  CA  . VAL A 1 33  ? 6.328   10.544  3.928   1.00 9.12  ? 33   VAL A CA  1 
ATOM   266  C  C   . VAL A 1 33  ? 6.663   11.284  2.642   1.00 9.22  ? 33   VAL A C   1 
ATOM   267  O  O   . VAL A 1 33  ? 6.785   12.518  2.636   1.00 8.96  ? 33   VAL A O   1 
ATOM   268  C  CB  . VAL A 1 33  ? 4.833   10.811  4.310   1.00 9.06  ? 33   VAL A CB  1 
ATOM   269  C  CG1 . VAL A 1 33  ? 3.877   10.293  3.223   1.00 8.41  ? 33   VAL A CG1 1 
ATOM   270  C  CG2 . VAL A 1 33  ? 4.496   10.181  5.654   1.00 8.28  ? 33   VAL A CG2 1 
ATOM   271  N  N   . GLU A 1 34  ? 6.838   10.525  1.563   1.00 8.98  ? 34   GLU A N   1 
ATOM   272  C  CA  . GLU A 1 34  ? 6.952   11.101  0.220   1.00 9.29  ? 34   GLU A CA  1 
ATOM   273  C  C   . GLU A 1 34  ? 5.836   10.559  -0.658  1.00 8.59  ? 34   GLU A C   1 
ATOM   274  O  O   . GLU A 1 34  ? 5.239   9.527   -0.346  1.00 8.00  ? 34   GLU A O   1 
ATOM   275  C  CB  . GLU A 1 34  ? 8.316   10.794  -0.423  1.00 9.76  ? 34   GLU A CB  1 
ATOM   276  C  CG  . GLU A 1 34  ? 9.546   11.262  0.366   1.00 13.00 ? 34   GLU A CG  1 
ATOM   277  C  CD  . GLU A 1 34  ? 9.600   12.759  0.609   1.00 17.10 ? 34   GLU A CD  1 
ATOM   278  O  OE1 . GLU A 1 34  ? 8.986   13.534  -0.168  1.00 19.02 ? 34   GLU A OE1 1 
ATOM   279  O  OE2 . GLU A 1 34  ? 10.276  13.169  1.585   1.00 20.88 ? 34   GLU A OE2 1 
ATOM   280  N  N   . GLU A 1 35  ? 5.569   11.255  -1.760  1.00 8.21  ? 35   GLU A N   1 
ATOM   281  C  CA  . GLU A 1 35  ? 4.483   10.903  -2.665  1.00 8.72  ? 35   GLU A CA  1 
ATOM   282  C  C   . GLU A 1 35  ? 4.956   10.573  -4.080  1.00 8.38  ? 35   GLU A C   1 
ATOM   283  O  O   . GLU A 1 35  ? 5.988   11.070  -4.534  1.00 8.41  ? 35   GLU A O   1 
ATOM   284  C  CB  . GLU A 1 35  ? 3.478   12.058  -2.734  1.00 9.07  ? 35   GLU A CB  1 
ATOM   285  C  CG  . GLU A 1 35  ? 2.777   12.316  -1.418  1.00 11.31 ? 35   GLU A CG  1 
ATOM   286  C  CD  . GLU A 1 35  ? 1.829   13.490  -1.453  1.00 14.55 ? 35   GLU A CD  1 
ATOM   287  O  OE1 . GLU A 1 35  ? 1.441   13.953  -2.552  1.00 15.79 ? 35   GLU A OE1 1 
ATOM   288  O  OE2 . GLU A 1 35  ? 1.454   13.946  -0.356  1.00 18.82 ? 35   GLU A OE2 1 
ATOM   289  N  N   . ALA A 1 36  ? 4.182   9.732   -4.763  1.00 7.92  ? 36   ALA A N   1 
ATOM   290  C  CA  . ALA A 1 36  ? 4.320   9.506   -6.201  1.00 7.89  ? 36   ALA A CA  1 
ATOM   291  C  C   . ALA A 1 36  ? 2.927   9.455   -6.841  1.00 7.70  ? 36   ALA A C   1 
ATOM   292  O  O   . ALA A 1 36  ? 1.954   9.143   -6.163  1.00 7.41  ? 36   ALA A O   1 
ATOM   293  C  CB  . ALA A 1 36  ? 5.094   8.219   -6.471  1.00 7.36  ? 36   ALA A CB  1 
ATOM   294  N  N   . GLU A 1 37  ? 2.833   9.762   -8.135  1.00 7.26  ? 37   GLU A N   1 
ATOM   295  C  CA  . GLU A 1 37  ? 1.539   9.813   -8.836  1.00 7.77  ? 37   GLU A CA  1 
ATOM   296  C  C   . GLU A 1 37  ? 1.228   8.569   -9.691  1.00 7.07  ? 37   GLU A C   1 
ATOM   297  O  O   . GLU A 1 37  ? 0.105   8.384   -10.159 1.00 6.63  ? 37   GLU A O   1 
ATOM   298  C  CB  . GLU A 1 37  ? 1.442   11.087  -9.687  1.00 7.90  ? 37   GLU A CB  1 
ATOM   299  C  CG  . GLU A 1 37  ? 2.483   11.188  -10.808 1.00 9.22  ? 37   GLU A CG  1 
ATOM   300  C  CD  . GLU A 1 37  ? 2.340   12.457  -11.652 1.00 10.41 ? 37   GLU A CD  1 
ATOM   301  O  OE1 . GLU A 1 37  ? 3.252   12.712  -12.477 1.00 12.35 ? 37   GLU A OE1 1 
ATOM   302  O  OE2 . GLU A 1 37  ? 1.333   13.195  -11.485 1.00 12.39 ? 37   GLU A OE2 1 
ATOM   303  N  N   . ASP A 1 38  ? 2.235   7.722   -9.892  1.00 7.05  ? 38   ASP A N   1 
ATOM   304  C  CA  . ASP A 1 38  ? 2.056   6.447   -10.588 1.00 6.98  ? 38   ASP A CA  1 
ATOM   305  C  C   . ASP A 1 38  ? 3.281   5.576   -10.304 1.00 6.44  ? 38   ASP A C   1 
ATOM   306  O  O   . ASP A 1 38  ? 4.207   6.023   -9.608  1.00 6.67  ? 38   ASP A O   1 
ATOM   307  C  CB  . ASP A 1 38  ? 1.880   6.673   -12.096 1.00 6.85  ? 38   ASP A CB  1 
ATOM   308  C  CG  . ASP A 1 38  ? 3.043   7.429   -12.708 1.00 7.49  ? 38   ASP A CG  1 
ATOM   309  O  OD1 . ASP A 1 38  ? 4.181   6.926   -12.626 1.00 7.96  ? 38   ASP A OD1 1 
ATOM   310  O  OD2 . ASP A 1 38  ? 2.820   8.533   -13.262 1.00 9.02  ? 38   ASP A OD2 1 
ATOM   311  N  N   . GLY A 1 39  ? 3.286   4.361   -10.860 1.00 5.94  ? 39   GLY A N   1 
ATOM   312  C  CA  . GLY A 1 39  ? 4.362   3.386   -10.663 1.00 5.34  ? 39   GLY A CA  1 
ATOM   313  C  C   . GLY A 1 39  ? 5.737   3.799   -11.183 1.00 6.17  ? 39   GLY A C   1 
ATOM   314  O  O   . GLY A 1 39  ? 6.751   3.404   -10.613 1.00 5.02  ? 39   GLY A O   1 
ATOM   315  N  N   . VAL A 1 40  ? 5.769   4.583   -12.271 1.00 5.62  ? 40   VAL A N   1 
ATOM   316  C  CA  . VAL A 1 40  ? 7.040   5.070   -12.845 1.00 5.44  ? 40   VAL A CA  1 
ATOM   317  C  C   . VAL A 1 40  ? 7.668   6.121   -11.927 1.00 5.44  ? 40   VAL A C   1 
ATOM   318  O  O   . VAL A 1 40  ? 8.861   6.074   -11.613 1.00 4.97  ? 40   VAL A O   1 
ATOM   319  C  CB  . VAL A 1 40  ? 6.844   5.611   -14.292 1.00 5.43  ? 40   VAL A CB  1 
ATOM   320  C  CG1 . VAL A 1 40  ? 8.115   6.327   -14.816 1.00 5.12  ? 40   VAL A CG1 1 
ATOM   321  C  CG2 . VAL A 1 40  ? 6.427   4.470   -15.230 1.00 4.25  ? 40   VAL A CG2 1 
ATOM   322  N  N   . ASP A 1 41  ? 6.841   7.070   -11.500 1.00 5.72  ? 41   ASP A N   1 
ATOM   323  C  CA  . ASP A 1 41  ? 7.224   8.049   -10.504 1.00 5.60  ? 41   ASP A CA  1 
ATOM   324  C  C   . ASP A 1 41  ? 7.693   7.346   -9.222  1.00 5.27  ? 41   ASP A C   1 
ATOM   325  O  O   . ASP A 1 41  ? 8.736   7.700   -8.653  1.00 5.71  ? 41   ASP A O   1 
ATOM   326  C  CB  . ASP A 1 41  ? 6.038   8.978   -10.229 1.00 6.19  ? 41   ASP A CB  1 
ATOM   327  C  CG  . ASP A 1 41  ? 6.417   10.186  -9.391  1.00 7.32  ? 41   ASP A CG  1 
ATOM   328  O  OD1 . ASP A 1 41  ? 7.615   10.539  -9.341  1.00 10.62 ? 41   ASP A OD1 1 
ATOM   329  O  OD2 . ASP A 1 41  ? 5.510   10.787  -8.782  1.00 9.58  ? 41   ASP A OD2 1 
ATOM   330  N  N   . ALA A 1 42  ? 6.946   6.332   -8.799  1.00 4.74  ? 42   ALA A N   1 
ATOM   331  C  CA  . ALA A 1 42  ? 7.254   5.577   -7.590  1.00 4.67  ? 42   ALA A CA  1 
ATOM   332  C  C   . ALA A 1 42  ? 8.621   4.903   -7.671  1.00 4.91  ? 42   ALA A C   1 
ATOM   333  O  O   . ALA A 1 42  ? 9.390   4.946   -6.712  1.00 3.88  ? 42   ALA A O   1 
ATOM   334  C  CB  . ALA A 1 42  ? 6.165   4.537   -7.311  1.00 4.44  ? 42   ALA A CB  1 
ATOM   335  N  N   . LEU A 1 43  ? 8.919   4.273   -8.807  1.00 4.96  ? 43   LEU A N   1 
ATOM   336  C  CA  . LEU A 1 43  ? 10.195  3.572   -8.946  1.00 5.45  ? 43   LEU A CA  1 
ATOM   337  C  C   . LEU A 1 43  ? 11.374  4.538   -8.928  1.00 5.72  ? 43   LEU A C   1 
ATOM   338  O  O   . LEU A 1 43  ? 12.424  4.224   -8.371  1.00 5.84  ? 43   LEU A O   1 
ATOM   339  C  CB  . LEU A 1 43  ? 10.204  2.671   -10.185 1.00 5.09  ? 43   LEU A CB  1 
ATOM   340  C  CG  . LEU A 1 43  ? 9.310   1.427   -10.050 1.00 6.08  ? 43   LEU A CG  1 
ATOM   341  C  CD1 . LEU A 1 43  ? 9.014   0.784   -11.416 1.00 6.29  ? 43   LEU A CD1 1 
ATOM   342  C  CD2 . LEU A 1 43  ? 9.935   0.401   -9.083  1.00 4.12  ? 43   LEU A CD2 1 
ATOM   343  N  N   . ASN A 1 44  ? 11.188  5.717   -9.513  1.00 6.28  ? 44   ASN A N   1 
ATOM   344  C  CA  . ASN A 1 44  ? 12.185  6.785   -9.421  1.00 6.96  ? 44   ASN A CA  1 
ATOM   345  C  C   . ASN A 1 44  ? 12.438  7.250   -7.989  1.00 7.76  ? 44   ASN A C   1 
ATOM   346  O  O   . ASN A 1 44  ? 13.591  7.407   -7.576  1.00 7.66  ? 44   ASN A O   1 
ATOM   347  C  CB  . ASN A 1 44  ? 11.805  7.966   -10.312 1.00 6.75  ? 44   ASN A CB  1 
ATOM   348  C  CG  . ASN A 1 44  ? 12.177  7.738   -11.771 1.00 6.85  ? 44   ASN A CG  1 
ATOM   349  O  OD1 . ASN A 1 44  ? 11.544  8.287   -12.677 1.00 7.54  ? 44   ASN A OD1 1 
ATOM   350  N  ND2 . ASN A 1 44  ? 13.197  6.919   -12.000 1.00 6.28  ? 44   ASN A ND2 1 
ATOM   351  N  N   . LYS A 1 45  ? 11.360  7.453   -7.229  1.00 8.50  ? 45   LYS A N   1 
ATOM   352  C  CA  . LYS A 1 45  ? 11.473  7.898   -5.837  1.00 9.13  ? 45   LYS A CA  1 
ATOM   353  C  C   . LYS A 1 45  ? 12.215  6.853   -5.002  1.00 9.37  ? 45   LYS A C   1 
ATOM   354  O  O   . LYS A 1 45  ? 13.084  7.194   -4.191  1.00 9.75  ? 45   LYS A O   1 
ATOM   355  C  CB  . LYS A 1 45  ? 10.086  8.181   -5.241  1.00 9.28  ? 45   LYS A CB  1 
ATOM   356  C  CG  . LYS A 1 45  ? 9.274   9.236   -5.983  1.00 10.61 ? 45   LYS A CG  1 
ATOM   357  C  CD  . LYS A 1 45  ? 9.521   10.638  -5.461  1.00 14.23 ? 45   LYS A CD  1 
ATOM   358  C  CE  . LYS A 1 45  ? 8.785   11.684  -6.298  1.00 14.97 ? 45   LYS A CE  1 
ATOM   359  N  NZ  . LYS A 1 45  ? 8.068   12.616  -5.401  1.00 17.04 ? 45   LYS A NZ  1 
ATOM   360  N  N   . LEU A 1 46  ? 11.891  5.583   -5.238  1.00 9.25  ? 46   LEU A N   1 
ATOM   361  C  CA  . LEU A 1 46  ? 12.447  4.467   -4.476  1.00 9.57  ? 46   LEU A CA  1 
ATOM   362  C  C   . LEU A 1 46  ? 13.958  4.276   -4.611  1.00 10.56 ? 46   LEU A C   1 
ATOM   363  O  O   . LEU A 1 46  ? 14.594  3.734   -3.701  1.00 9.71  ? 46   LEU A O   1 
ATOM   364  C  CB  . LEU A 1 46  ? 11.717  3.164   -4.822  1.00 9.12  ? 46   LEU A CB  1 
ATOM   365  C  CG  . LEU A 1 46  ? 10.268  3.046   -4.325  1.00 7.07  ? 46   LEU A CG  1 
ATOM   366  C  CD1 . LEU A 1 46  ? 9.547   1.919   -5.042  1.00 5.58  ? 46   LEU A CD1 1 
ATOM   367  C  CD2 . LEU A 1 46  ? 10.205  2.862   -2.819  1.00 6.07  ? 46   LEU A CD2 1 
ATOM   368  N  N   . GLN A 1 47  ? 14.538  4.728   -5.724  1.00 12.25 ? 47   GLN A N   1 
ATOM   369  C  CA  . GLN A 1 47  ? 16.002  4.643   -5.888  1.00 13.53 ? 47   GLN A CA  1 
ATOM   370  C  C   . GLN A 1 47  ? 16.791  5.670   -5.060  1.00 14.12 ? 47   GLN A C   1 
ATOM   371  O  O   . GLN A 1 47  ? 18.015  5.566   -4.937  1.00 15.14 ? 47   GLN A O   1 
ATOM   372  C  CB  A GLN A 1 47  ? 16.466  4.579   -7.357  0.50 13.65 ? 47   GLN A CB  1 
ATOM   373  C  CB  B GLN A 1 47  ? 16.376  4.760   -7.372  0.50 13.82 ? 47   GLN A CB  1 
ATOM   374  C  CG  A GLN A 1 47  ? 15.545  5.172   -8.397  0.50 13.39 ? 47   GLN A CG  1 
ATOM   375  C  CG  B GLN A 1 47  ? 15.823  3.648   -8.265  0.50 14.28 ? 47   GLN A CG  1 
ATOM   376  C  CD  A GLN A 1 47  ? 16.113  5.062   -9.800  0.50 13.31 ? 47   GLN A CD  1 
ATOM   377  C  CD  B GLN A 1 47  ? 16.363  2.263   -7.914  0.50 16.21 ? 47   GLN A CD  1 
ATOM   378  O  OE1 A GLN A 1 47  ? 16.637  4.018   -10.196 0.50 14.35 ? 47   GLN A OE1 1 
ATOM   379  O  OE1 B GLN A 1 47  ? 15.932  1.640   -6.939  0.50 16.25 ? 47   GLN A OE1 1 
ATOM   380  N  NE2 A GLN A 1 47  ? 16.015  6.141   -10.558 0.50 12.08 ? 47   GLN A NE2 1 
ATOM   381  N  NE2 B GLN A 1 47  ? 17.299  1.772   -8.721  0.50 16.83 ? 47   GLN A NE2 1 
ATOM   382  N  N   . ALA A 1 48  ? 16.084  6.619   -4.448  1.00 14.41 ? 48   ALA A N   1 
ATOM   383  C  CA  . ALA A 1 48  ? 16.705  7.557   -3.513  1.00 14.48 ? 48   ALA A CA  1 
ATOM   384  C  C   . ALA A 1 48  ? 16.996  6.918   -2.156  1.00 14.48 ? 48   ALA A C   1 
ATOM   385  O  O   . ALA A 1 48  ? 17.698  7.509   -1.323  1.00 15.38 ? 48   ALA A O   1 
ATOM   386  C  CB  . ALA A 1 48  ? 15.843  8.814   -3.351  1.00 15.07 ? 48   ALA A CB  1 
ATOM   387  N  N   . GLY A 1 49  ? 16.460  5.714   -1.940  1.00 13.69 ? 49   GLY A N   1 
ATOM   388  C  CA  . GLY A 1 49  ? 16.732  4.928   -0.741  1.00 12.51 ? 49   GLY A CA  1 
ATOM   389  C  C   . GLY A 1 49  ? 15.892  5.271   0.473   1.00 11.79 ? 49   GLY A C   1 
ATOM   390  O  O   . GLY A 1 49  ? 15.193  6.291   0.493   1.00 11.83 ? 49   GLY A O   1 
ATOM   391  N  N   . GLY A 1 50  ? 15.957  4.395   1.468   1.00 11.17 ? 50   GLY A N   1 
ATOM   392  C  CA  . GLY A 1 50  ? 15.396  4.645   2.797   1.00 10.21 ? 50   GLY A CA  1 
ATOM   393  C  C   . GLY A 1 50  ? 13.936  4.295   2.999   1.00 9.11  ? 50   GLY A C   1 
ATOM   394  O  O   . GLY A 1 50  ? 13.462  4.256   4.132   1.00 8.97  ? 50   GLY A O   1 
ATOM   395  N  N   . PHE A 1 51  ? 13.211  4.036   1.912   1.00 8.50  ? 51   PHE A N   1 
ATOM   396  C  CA  . PHE A 1 51  ? 11.788  3.703   2.012   1.00 6.87  ? 51   PHE A CA  1 
ATOM   397  C  C   . PHE A 1 51  ? 11.549  2.342   2.644   1.00 6.49  ? 51   PHE A C   1 
ATOM   398  O  O   . PHE A 1 51  ? 12.124  1.336   2.211   1.00 5.86  ? 51   PHE A O   1 
ATOM   399  C  CB  . PHE A 1 51  ? 11.110  3.795   0.647   1.00 6.48  ? 51   PHE A CB  1 
ATOM   400  C  CG  . PHE A 1 51  ? 10.953  5.197   0.159   1.00 6.00  ? 51   PHE A CG  1 
ATOM   401  C  CD1 . PHE A 1 51  ? 9.883   5.978   0.592   1.00 5.17  ? 51   PHE A CD1 1 
ATOM   402  C  CD2 . PHE A 1 51  ? 11.890  5.759   -0.703  1.00 4.74  ? 51   PHE A CD2 1 
ATOM   403  C  CE1 . PHE A 1 51  ? 9.744   7.300   0.156   1.00 6.10  ? 51   PHE A CE1 1 
ATOM   404  C  CE2 . PHE A 1 51  ? 11.752  7.071   -1.147  1.00 4.34  ? 51   PHE A CE2 1 
ATOM   405  C  CZ  . PHE A 1 51  ? 10.675  7.842   -0.720  1.00 5.57  ? 51   PHE A CZ  1 
ATOM   406  N  N   . GLY A 1 52  ? 10.678  2.325   3.654   1.00 5.67  ? 52   GLY A N   1 
ATOM   407  C  CA  . GLY A 1 52  ? 10.384  1.117   4.421   1.00 5.14  ? 52   GLY A CA  1 
ATOM   408  C  C   . GLY A 1 52  ? 8.972   0.578   4.246   1.00 4.52  ? 52   GLY A C   1 
ATOM   409  O  O   . GLY A 1 52  ? 8.642   -0.502  4.749   1.00 4.26  ? 52   GLY A O   1 
ATOM   410  N  N   . PHE A 1 53  ? 8.133   1.325   3.530   1.00 4.07  ? 53   PHE A N   1 
ATOM   411  C  CA  . PHE A 1 53  ? 6.719   0.987   3.416   1.00 3.69  ? 53   PHE A CA  1 
ATOM   412  C  C   . PHE A 1 53  ? 6.087   1.698   2.235   1.00 3.24  ? 53   PHE A C   1 
ATOM   413  O  O   . PHE A 1 53  ? 6.320   2.887   2.011   1.00 2.67  ? 53   PHE A O   1 
ATOM   414  C  CB  . PHE A 1 53  ? 5.967   1.345   4.711   1.00 3.53  ? 53   PHE A CB  1 
ATOM   415  C  CG  . PHE A 1 53  ? 4.799   0.444   5.000   1.00 4.91  ? 53   PHE A CG  1 
ATOM   416  C  CD1 . PHE A 1 53  ? 3.627   0.520   4.234   1.00 4.76  ? 53   PHE A CD1 1 
ATOM   417  C  CD2 . PHE A 1 53  ? 4.864   -0.486  6.037   1.00 5.33  ? 53   PHE A CD2 1 
ATOM   418  C  CE1 . PHE A 1 53  ? 2.544   -0.313  4.508   1.00 4.51  ? 53   PHE A CE1 1 
ATOM   419  C  CE2 . PHE A 1 53  ? 3.784   -1.336  6.312   1.00 5.74  ? 53   PHE A CE2 1 
ATOM   420  C  CZ  . PHE A 1 53  ? 2.626   -1.249  5.541   1.00 4.39  ? 53   PHE A CZ  1 
ATOM   421  N  N   . ILE A 1 54  ? 5.291   0.958   1.474   1.00 2.87  ? 54   ILE A N   1 
ATOM   422  C  CA  . ILE A 1 54  ? 4.560   1.544   0.354   1.00 3.28  ? 54   ILE A CA  1 
ATOM   423  C  C   . ILE A 1 54  ? 3.057   1.407   0.545   1.00 2.88  ? 54   ILE A C   1 
ATOM   424  O  O   . ILE A 1 54  ? 2.568   0.352   0.917   1.00 3.23  ? 54   ILE A O   1 
ATOM   425  C  CB  . ILE A 1 54  ? 4.968   0.893   -0.985  1.00 3.50  ? 54   ILE A CB  1 
ATOM   426  C  CG1 . ILE A 1 54  ? 6.435   1.199   -1.294  1.00 4.00  ? 54   ILE A CG1 1 
ATOM   427  C  CG2 . ILE A 1 54  ? 4.063   1.354   -2.133  1.00 2.26  ? 54   ILE A CG2 1 
ATOM   428  C  CD1 . ILE A 1 54  ? 6.944   0.435   -2.498  1.00 5.97  ? 54   ILE A CD1 1 
ATOM   429  N  N   . ILE A 1 55  ? 2.338   2.494   0.306   1.00 2.77  ? 55   ILE A N   1 
ATOM   430  C  CA  . ILE A 1 55  ? 0.876   2.448   0.233   1.00 2.70  ? 55   ILE A CA  1 
ATOM   431  C  C   . ILE A 1 55  ? 0.520   2.844   -1.199  1.00 2.82  ? 55   ILE A C   1 
ATOM   432  O  O   . ILE A 1 55  ? 0.901   3.917   -1.659  1.00 3.34  ? 55   ILE A O   1 
ATOM   433  C  CB  . ILE A 1 55  ? 0.236   3.403   1.258   1.00 2.40  ? 55   ILE A CB  1 
ATOM   434  C  CG1 . ILE A 1 55  ? 0.620   2.966   2.687   1.00 2.71  ? 55   ILE A CG1 1 
ATOM   435  C  CG2 . ILE A 1 55  ? -1.276  3.450   1.066   1.00 2.26  ? 55   ILE A CG2 1 
ATOM   436  C  CD1 . ILE A 1 55  ? 0.091   3.867   3.801   1.00 2.40  ? 55   ILE A CD1 1 
ATOM   437  N  N   . SER A 1 56  ? -0.173  1.971   -1.919  1.00 2.99  ? 56   SER A N   1 
ATOM   438  C  CA  . SER A 1 56  ? -0.343  2.183   -3.354  1.00 2.94  ? 56   SER A CA  1 
ATOM   439  C  C   . SER A 1 56  ? -1.758  1.992   -3.875  1.00 2.90  ? 56   SER A C   1 
ATOM   440  O  O   . SER A 1 56  ? -2.470  1.050   -3.501  1.00 2.53  ? 56   SER A O   1 
ATOM   441  C  CB  . SER A 1 56  ? 0.613   1.280   -4.145  1.00 3.06  ? 56   SER A CB  1 
ATOM   442  O  OG  . SER A 1 56  ? 0.541   1.552   -5.537  1.00 4.05  ? 56   SER A OG  1 
ATOM   443  N  N   . ASP A 1 57  ? -2.123  2.889   -4.782  1.00 2.47  ? 57   ASP A N   1 
ATOM   444  C  CA  . ASP A 1 57  ? -3.360  2.837   -5.544  1.00 2.48  ? 57   ASP A CA  1 
ATOM   445  C  C   . ASP A 1 57  ? -3.199  1.744   -6.596  1.00 2.96  ? 57   ASP A C   1 
ATOM   446  O  O   . ASP A 1 57  ? -2.087  1.258   -6.813  1.00 2.80  ? 57   ASP A O   1 
ATOM   447  C  CB  . ASP A 1 57  ? -3.517  4.209   -6.202  1.00 2.73  ? 57   ASP A CB  1 
ATOM   448  C  CG  . ASP A 1 57  ? -4.813  4.391   -6.952  1.00 2.26  ? 57   ASP A CG  1 
ATOM   449  O  OD1 . ASP A 1 57  ? -5.846  3.770   -6.633  1.00 3.04  ? 57   ASP A OD1 1 
ATOM   450  O  OD2 . ASP A 1 57  ? -4.796  5.211   -7.884  1.00 3.98  ? 57   ASP A OD2 1 
ATOM   451  N  N   . TRP A 1 58  ? -4.295  1.340   -7.235  1.00 3.30  ? 58   TRP A N   1 
ATOM   452  C  CA  . TRP A 1 58  ? -4.219  0.423   -8.373  1.00 3.59  ? 58   TRP A CA  1 
ATOM   453  C  C   . TRP A 1 58  ? -4.279  1.194   -9.695  1.00 4.06  ? 58   TRP A C   1 
ATOM   454  O  O   . TRP A 1 58  ? -3.277  1.275   -10.415 1.00 3.79  ? 58   TRP A O   1 
ATOM   455  C  CB  . TRP A 1 58  ? -5.335  -0.628  -8.311  1.00 4.13  ? 58   TRP A CB  1 
ATOM   456  C  CG  . TRP A 1 58  ? -5.189  -1.777  -9.307  1.00 4.11  ? 58   TRP A CG  1 
ATOM   457  C  CD1 . TRP A 1 58  ? -4.875  -1.683  -10.636 1.00 5.15  ? 58   TRP A CD1 1 
ATOM   458  C  CD2 . TRP A 1 58  ? -5.402  -3.171  -9.044  1.00 3.66  ? 58   TRP A CD2 1 
ATOM   459  N  NE1 . TRP A 1 58  ? -4.856  -2.935  -11.209 1.00 4.05  ? 58   TRP A NE1 1 
ATOM   460  C  CE2 . TRP A 1 58  ? -5.187  -3.864  -10.257 1.00 4.32  ? 58   TRP A CE2 1 
ATOM   461  C  CE3 . TRP A 1 58  ? -5.754  -3.901  -7.900  1.00 3.89  ? 58   TRP A CE3 1 
ATOM   462  C  CZ2 . TRP A 1 58  ? -5.302  -5.261  -10.359 1.00 4.98  ? 58   TRP A CZ2 1 
ATOM   463  C  CZ3 . TRP A 1 58  ? -5.870  -5.294  -8.000  1.00 5.42  ? 58   TRP A CZ3 1 
ATOM   464  C  CH2 . TRP A 1 58  ? -5.638  -5.956  -9.223  1.00 4.35  ? 58   TRP A CH2 1 
ATOM   465  N  N   . ASN A 1 59  ? -5.451  1.751   -10.010 1.00 4.22  ? 59   ASN A N   1 
ATOM   466  C  CA  . ASN A 1 59  ? -5.662  2.475   -11.274 1.00 4.62  ? 59   ASN A CA  1 
ATOM   467  C  C   . ASN A 1 59  ? -4.901  3.794   -11.369 1.00 4.54  ? 59   ASN A C   1 
ATOM   468  O  O   . ASN A 1 59  ? -5.276  4.777   -10.742 1.00 4.68  ? 59   ASN A O   1 
ATOM   469  C  CB  . ASN A 1 59  ? -7.163  2.707   -11.505 1.00 5.07  ? 59   ASN A CB  1 
ATOM   470  C  CG  . ASN A 1 59  ? -7.969  1.422   -11.406 1.00 6.77  ? 59   ASN A CG  1 
ATOM   471  O  OD1 . ASN A 1 59  ? -7.519  0.361   -11.845 1.00 7.59  ? 59   ASN A OD1 1 
ATOM   472  N  ND2 . ASN A 1 59  ? -9.165  1.510   -10.826 1.00 8.97  ? 59   ASN A ND2 1 
ATOM   473  N  N   . MET A 1 60  ? -3.828  3.799   -12.157 1.00 4.48  ? 60   MET A N   1 
ATOM   474  C  CA  . MET A 1 60  ? -2.957  4.962   -12.343 1.00 4.50  ? 60   MET A CA  1 
ATOM   475  C  C   . MET A 1 60  ? -2.402  4.922   -13.765 1.00 5.31  ? 60   MET A C   1 
ATOM   476  O  O   . MET A 1 60  ? -2.189  3.837   -14.300 1.00 4.72  ? 60   MET A O   1 
ATOM   477  C  CB  . MET A 1 60  ? -1.778  4.929   -11.348 1.00 4.80  ? 60   MET A CB  1 
ATOM   478  C  CG  . MET A 1 60  ? -2.174  4.892   -9.870  1.00 3.39  ? 60   MET A CG  1 
ATOM   479  S  SD  . MET A 1 60  ? -0.793  4.957   -8.718  1.00 3.57  ? 60   MET A SD  1 
ATOM   480  C  CE  . MET A 1 60  ? -0.195  3.268   -8.829  1.00 2.00  ? 60   MET A CE  1 
ATOM   481  N  N   . PRO A 1 61  ? -2.178  6.096   -14.392 1.00 6.09  ? 61   PRO A N   1 
ATOM   482  C  CA  . PRO A 1 61  ? -1.534  6.082   -15.717 1.00 6.38  ? 61   PRO A CA  1 
ATOM   483  C  C   . PRO A 1 61  ? -0.042  5.750   -15.608 1.00 6.97  ? 61   PRO A C   1 
ATOM   484  O  O   . PRO A 1 61  ? 0.492   5.706   -14.494 1.00 6.38  ? 61   PRO A O   1 
ATOM   485  C  CB  . PRO A 1 61  ? -1.719  7.522   -16.208 1.00 6.43  ? 61   PRO A CB  1 
ATOM   486  C  CG  . PRO A 1 61  ? -1.793  8.334   -14.964 1.00 6.72  ? 61   PRO A CG  1 
ATOM   487  C  CD  . PRO A 1 61  ? -2.509  7.467   -13.958 1.00 6.10  ? 61   PRO A CD  1 
ATOM   488  N  N   . ASN A 1 62  ? 0.607   5.509   -16.754 1.00 7.14  ? 62   ASN A N   1 
ATOM   489  C  CA  . ASN A 1 62  ? 2.068   5.305   -16.847 1.00 7.53  ? 62   ASN A CA  1 
ATOM   490  C  C   . ASN A 1 62  ? 2.533   3.940   -16.348 1.00 7.64  ? 62   ASN A C   1 
ATOM   491  O  O   . ASN A 1 62  ? 3.156   3.188   -17.106 1.00 8.05  ? 62   ASN A O   1 
ATOM   492  C  CB  . ASN A 1 62  ? 2.857   6.451   -16.190 1.00 7.52  ? 62   ASN A CB  1 
ATOM   493  C  CG  . ASN A 1 62  ? 2.674   7.778   -16.910 1.00 7.40  ? 62   ASN A CG  1 
ATOM   494  O  OD1 . ASN A 1 62  ? 2.729   7.848   -18.133 1.00 9.46  ? 62   ASN A OD1 1 
ATOM   495  N  ND2 . ASN A 1 62  ? 2.477   8.841   -16.147 1.00 7.70  ? 62   ASN A ND2 1 
ATOM   496  N  N   . MET A 1 63  ? 2.233   3.624   -15.086 1.00 7.40  ? 63   MET A N   1 
ATOM   497  C  CA  . MET A 1 63  ? 2.305   2.242   -14.579 1.00 7.10  ? 63   MET A CA  1 
ATOM   498  C  C   . MET A 1 63  ? 1.305   2.049   -13.443 1.00 6.96  ? 63   MET A C   1 
ATOM   499  O  O   . MET A 1 63  ? 1.323   2.802   -12.456 1.00 7.23  ? 63   MET A O   1 
ATOM   500  C  CB  . MET A 1 63  ? 3.720   1.882   -14.107 1.00 6.96  ? 63   MET A CB  1 
ATOM   501  C  CG  . MET A 1 63  ? 3.838   0.457   -13.532 1.00 6.19  ? 63   MET A CG  1 
ATOM   502  S  SD  . MET A 1 63  ? 5.443   0.094   -12.762 1.00 7.27  ? 63   MET A SD  1 
ATOM   503  C  CE  . MET A 1 63  ? 6.497   0.365   -14.186 1.00 3.28  ? 63   MET A CE  1 
ATOM   504  N  N   . ASP A 1 64  ? 0.428   1.057   -13.583 1.00 6.68  ? 64   ASP A N   1 
ATOM   505  C  CA  . ASP A 1 64  ? -0.576  0.794   -12.541 1.00 6.62  ? 64   ASP A CA  1 
ATOM   506  C  C   . ASP A 1 64  ? 0.010   0.123   -11.290 1.00 5.97  ? 64   ASP A C   1 
ATOM   507  O  O   . ASP A 1 64  ? 1.154   -0.332  -11.303 1.00 5.83  ? 64   ASP A O   1 
ATOM   508  C  CB  . ASP A 1 64  ? -1.817  0.063   -13.086 1.00 6.83  ? 64   ASP A CB  1 
ATOM   509  C  CG  . ASP A 1 64  ? -1.564  -1.397  -13.456 1.00 8.39  ? 64   ASP A CG  1 
ATOM   510  O  OD1 . ASP A 1 64  ? -0.821  -2.109  -12.760 1.00 8.67  ? 64   ASP A OD1 1 
ATOM   511  O  OD2 . ASP A 1 64  ? -2.162  -1.851  -14.453 1.00 12.99 ? 64   ASP A OD2 1 
ATOM   512  N  N   . GLY A 1 65  ? -0.779  0.077   -10.220 1.00 5.33  ? 65   GLY A N   1 
ATOM   513  C  CA  . GLY A 1 65  ? -0.325  -0.444  -8.936  1.00 5.08  ? 65   GLY A CA  1 
ATOM   514  C  C   . GLY A 1 65  ? -0.014  -1.933  -8.913  1.00 5.25  ? 65   GLY A C   1 
ATOM   515  O  O   . GLY A 1 65  ? 0.843   -2.377  -8.146  1.00 5.02  ? 65   GLY A O   1 
ATOM   516  N  N   . LEU A 1 66  ? -0.704  -2.710  -9.743  1.00 5.00  ? 66   LEU A N   1 
ATOM   517  C  CA  . LEU A 1 66  ? -0.402  -4.137  -9.823  1.00 5.22  ? 66   LEU A CA  1 
ATOM   518  C  C   . LEU A 1 66  ? 0.953   -4.356  -10.486 1.00 5.03  ? 66   LEU A C   1 
ATOM   519  O  O   . LEU A 1 66  ? 1.742   -5.152  -9.999  1.00 4.92  ? 66   LEU A O   1 
ATOM   520  C  CB  . LEU A 1 66  ? -1.510  -4.930  -10.531 1.00 4.99  ? 66   LEU A CB  1 
ATOM   521  C  CG  . LEU A 1 66  ? -1.385  -6.462  -10.420 1.00 5.79  ? 66   LEU A CG  1 
ATOM   522  C  CD1 . LEU A 1 66  ? -1.598  -6.933  -8.978  1.00 5.03  ? 66   LEU A CD1 1 
ATOM   523  C  CD2 . LEU A 1 66  ? -2.340  -7.193  -11.354 1.00 4.99  ? 66   LEU A CD2 1 
ATOM   524  N  N   . GLU A 1 67  ? 1.230   -3.626  -11.569 1.00 5.26  ? 67   GLU A N   1 
ATOM   525  C  CA  . GLU A 1 67  ? 2.550   -3.675  -12.213 1.00 5.63  ? 67   GLU A CA  1 
ATOM   526  C  C   . GLU A 1 67  ? 3.651   -3.213  -11.258 1.00 5.01  ? 67   GLU A C   1 
ATOM   527  O  O   . GLU A 1 67  ? 4.710   -3.839  -11.178 1.00 5.13  ? 67   GLU A O   1 
ATOM   528  C  CB  . GLU A 1 67  ? 2.581   -2.825  -13.494 1.00 6.07  ? 67   GLU A CB  1 
ATOM   529  C  CG  . GLU A 1 67  ? 2.079   -3.530  -14.764 1.00 7.99  ? 67   GLU A CG  1 
ATOM   530  C  CD  . GLU A 1 67  ? 2.976   -4.677  -15.193 1.00 10.23 ? 67   GLU A CD  1 
ATOM   531  O  OE1 . GLU A 1 67  ? 4.065   -4.401  -15.739 1.00 9.94  ? 67   GLU A OE1 1 
ATOM   532  O  OE2 . GLU A 1 67  ? 2.593   -5.851  -14.972 1.00 11.11 ? 67   GLU A OE2 1 
ATOM   533  N  N   . LEU A 1 68  ? 3.398   -2.109  -10.554 1.00 4.53  ? 68   LEU A N   1 
ATOM   534  C  CA  . LEU A 1 68  ? 4.324   -1.578  -9.555  1.00 3.85  ? 68   LEU A CA  1 
ATOM   535  C  C   . LEU A 1 68  ? 4.648   -2.637  -8.503  1.00 3.54  ? 68   LEU A C   1 
ATOM   536  O  O   . LEU A 1 68  ? 5.809   -2.882  -8.197  1.00 3.59  ? 68   LEU A O   1 
ATOM   537  C  CB  . LEU A 1 68  ? 3.742   -0.324  -8.872  1.00 4.09  ? 68   LEU A CB  1 
ATOM   538  C  CG  . LEU A 1 68  ? 4.602   0.304   -7.762  1.00 3.76  ? 68   LEU A CG  1 
ATOM   539  C  CD1 . LEU A 1 68  ? 6.022   0.643   -8.269  1.00 3.31  ? 68   LEU A CD1 1 
ATOM   540  C  CD2 . LEU A 1 68  ? 3.932   1.542   -7.171  1.00 2.94  ? 68   LEU A CD2 1 
ATOM   541  N  N   . LEU A 1 69  ? 3.610   -3.261  -7.966  1.00 3.77  ? 69   LEU A N   1 
ATOM   542  C  CA  . LEU A 1 69  ? 3.758   -4.272  -6.921  1.00 4.45  ? 69   LEU A CA  1 
ATOM   543  C  C   . LEU A 1 69  ? 4.605   -5.460  -7.395  1.00 4.76  ? 69   LEU A C   1 
ATOM   544  O  O   . LEU A 1 69  ? 5.478   -5.924  -6.669  1.00 4.81  ? 69   LEU A O   1 
ATOM   545  C  CB  . LEU A 1 69  ? 2.376   -4.738  -6.434  1.00 4.01  ? 69   LEU A CB  1 
ATOM   546  C  CG  . LEU A 1 69  ? 2.205   -5.964  -5.526  1.00 4.83  ? 69   LEU A CG  1 
ATOM   547  C  CD1 . LEU A 1 69  ? 2.829   -5.785  -4.134  1.00 3.90  ? 69   LEU A CD1 1 
ATOM   548  C  CD2 . LEU A 1 69  ? 0.729   -6.278  -5.392  1.00 4.29  ? 69   LEU A CD2 1 
ATOM   549  N  N   . LYS A 1 70  ? 4.343   -5.940  -8.607  1.00 5.20  ? 70   LYS A N   1 
ATOM   550  C  CA  . LYS A 1 70  ? 5.100   -7.063  -9.174  1.00 6.22  ? 70   LYS A CA  1 
ATOM   551  C  C   . LYS A 1 70  ? 6.562   -6.681  -9.381  1.00 6.81  ? 70   LYS A C   1 
ATOM   552  O  O   . LYS A 1 70  ? 7.455   -7.489  -9.140  1.00 7.53  ? 70   LYS A O   1 
ATOM   553  C  CB  . LYS A 1 70  ? 4.485   -7.523  -10.500 1.00 5.63  ? 70   LYS A CB  1 
ATOM   554  C  CG  . LYS A 1 70  ? 3.120   -8.190  -10.361 1.00 5.61  ? 70   LYS A CG  1 
ATOM   555  C  CD  . LYS A 1 70  ? 2.481   -8.448  -11.736 1.00 6.15  ? 70   LYS A CD  1 
ATOM   556  C  CE  . LYS A 1 70  ? 1.095   -9.056  -11.590 1.00 6.99  ? 70   LYS A CE  1 
ATOM   557  N  NZ  . LYS A 1 70  ? 0.453   -9.307  -12.918 1.00 7.74  ? 70   LYS A NZ  1 
ATOM   558  N  N   . THR A 1 71  ? 6.787   -5.449  -9.831  1.00 7.42  ? 71   THR A N   1 
ATOM   559  C  CA  . THR A 1 71  ? 8.130   -4.930  -10.081 1.00 8.59  ? 71   THR A CA  1 
ATOM   560  C  C   . THR A 1 71  ? 8.946   -4.907  -8.794  1.00 8.71  ? 71   THR A C   1 
ATOM   561  O  O   . THR A 1 71  ? 10.098  -5.346  -8.778  1.00 8.96  ? 71   THR A O   1 
ATOM   562  C  CB  . THR A 1 71  ? 8.075   -3.519  -10.698 1.00 8.56  ? 71   THR A CB  1 
ATOM   563  O  OG1 . THR A 1 71  ? 7.420   -3.589  -11.966 1.00 8.92  ? 71   THR A OG1 1 
ATOM   564  C  CG2 . THR A 1 71  ? 9.474   -2.952  -10.901 1.00 9.44  ? 71   THR A CG2 1 
ATOM   565  N  N   . ILE A 1 72  ? 8.332   -4.394  -7.730  1.00 8.96  ? 72   ILE A N   1 
ATOM   566  C  CA  . ILE A 1 72  ? 8.927   -4.364  -6.389  1.00 9.58  ? 72   ILE A CA  1 
ATOM   567  C  C   . ILE A 1 72  ? 9.217   -5.759  -5.829  1.00 9.99  ? 72   ILE A C   1 
ATOM   568  O  O   . ILE A 1 72  ? 10.278  -5.994  -5.237  1.00 10.01 ? 72   ILE A O   1 
ATOM   569  C  CB  . ILE A 1 72  ? 8.036   -3.585  -5.398  1.00 9.21  ? 72   ILE A CB  1 
ATOM   570  C  CG1 . ILE A 1 72  ? 8.102   -2.084  -5.710  1.00 9.41  ? 72   ILE A CG1 1 
ATOM   571  C  CG2 . ILE A 1 72  ? 8.460   -3.851  -3.948  1.00 9.54  ? 72   ILE A CG2 1 
ATOM   572  C  CD1 . ILE A 1 72  ? 6.920   -1.314  -5.196  1.00 9.56  ? 72   ILE A CD1 1 
ATOM   573  N  N   . ARG A 1 73  ? 8.267   -6.676  -5.999  1.00 10.45 ? 73   ARG A N   1 
ATOM   574  C  CA  . ARG A 1 73  ? 8.435   -8.044  -5.506  1.00 10.58 ? 73   ARG A CA  1 
ATOM   575  C  C   . ARG A 1 73  ? 9.558   -8.795  -6.244  1.00 10.96 ? 73   ARG A C   1 
ATOM   576  O  O   . ARG A 1 73  ? 10.126  -9.739  -5.697  1.00 10.74 ? 73   ARG A O   1 
ATOM   577  C  CB  . ARG A 1 73  ? 7.121   -8.824  -5.594  1.00 10.59 ? 73   ARG A CB  1 
ATOM   578  C  CG  . ARG A 1 73  ? 6.042   -8.419  -4.571  1.00 10.28 ? 73   ARG A CG  1 
ATOM   579  C  CD  . ARG A 1 73  ? 6.331   -8.941  -3.161  1.00 9.99  ? 73   ARG A CD  1 
ATOM   580  N  NE  . ARG A 1 73  ? 5.489   -8.250  -2.188  1.00 9.50  ? 73   ARG A NE  1 
ATOM   581  C  CZ  . ARG A 1 73  ? 5.847   -7.149  -1.530  1.00 8.72  ? 73   ARG A CZ  1 
ATOM   582  N  NH1 . ARG A 1 73  ? 7.052   -6.623  -1.710  1.00 8.15  ? 73   ARG A NH1 1 
ATOM   583  N  NH2 . ARG A 1 73  ? 5.005   -6.580  -0.678  1.00 6.88  ? 73   ARG A NH2 1 
ATOM   584  N  N   . ALA A 1 74  ? 9.877   -8.363  -7.468  1.00 11.58 ? 74   ALA A N   1 
ATOM   585  C  CA  . ALA A 1 74  ? 10.893  -9.023  -8.308  1.00 12.32 ? 74   ALA A CA  1 
ATOM   586  C  C   . ALA A 1 74  ? 12.284  -8.390  -8.212  1.00 13.53 ? 74   ALA A C   1 
ATOM   587  O  O   . ALA A 1 74  ? 13.250  -8.904  -8.792  1.00 13.49 ? 74   ALA A O   1 
ATOM   588  C  CB  . ALA A 1 74  ? 10.442  -9.048  -9.758  1.00 11.94 ? 74   ALA A CB  1 
ATOM   589  N  N   . ASP A 1 75  ? 12.376  -7.269  -7.501  1.00 14.35 ? 75   ASP A N   1 
ATOM   590  C  CA  . ASP A 1 75  ? 13.625  -6.520  -7.388  1.00 15.50 ? 75   ASP A CA  1 
ATOM   591  C  C   . ASP A 1 75  ? 14.352  -6.987  -6.126  1.00 15.44 ? 75   ASP A C   1 
ATOM   592  O  O   . ASP A 1 75  ? 13.768  -7.013  -5.051  1.00 15.66 ? 75   ASP A O   1 
ATOM   593  C  CB  . ASP A 1 75  ? 13.322  -5.011  -7.345  1.00 16.28 ? 75   ASP A CB  1 
ATOM   594  C  CG  . ASP A 1 75  ? 14.491  -4.148  -7.836  1.00 18.46 ? 75   ASP A CG  1 
ATOM   595  O  OD1 . ASP A 1 75  ? 15.593  -4.271  -7.277  1.00 20.39 ? 75   ASP A OD1 1 
ATOM   596  O  OD2 . ASP A 1 75  ? 14.296  -3.330  -8.774  1.00 21.33 ? 75   ASP A OD2 1 
ATOM   597  N  N   . SER A 1 76  ? 15.610  -7.404  -6.262  1.00 15.36 ? 76   SER A N   1 
ATOM   598  C  CA  . SER A 1 76  ? 16.383  -7.870  -5.102  1.00 15.50 ? 76   SER A CA  1 
ATOM   599  C  C   . SER A 1 76  ? 16.671  -6.705  -4.154  1.00 15.84 ? 76   SER A C   1 
ATOM   600  O  O   . SER A 1 76  ? 16.861  -6.902  -2.961  1.00 16.13 ? 76   SER A O   1 
ATOM   601  C  CB  . SER A 1 76  ? 17.698  -8.520  -5.539  1.00 15.23 ? 76   SER A CB  1 
ATOM   602  O  OG  . SER A 1 76  ? 18.563  -7.565  -6.133  1.00 16.13 ? 76   SER A OG  1 
ATOM   603  N  N   . ALA A 1 77  ? 16.690  -5.494  -4.711  1.00 16.37 ? 77   ALA A N   1 
ATOM   604  C  CA  . ALA A 1 77  ? 16.931  -4.272  -3.943  1.00 16.57 ? 77   ALA A CA  1 
ATOM   605  C  C   . ALA A 1 77  ? 15.780  -3.917  -2.999  1.00 16.65 ? 77   ALA A C   1 
ATOM   606  O  O   . ALA A 1 77  ? 15.955  -3.041  -2.146  1.00 16.92 ? 77   ALA A O   1 
ATOM   607  C  CB  . ALA A 1 77  ? 17.241  -3.092  -4.887  1.00 16.38 ? 77   ALA A CB  1 
ATOM   608  N  N   . MET A 1 78  ? 14.634  -4.609  -3.138  1.00 16.42 ? 78   MET A N   1 
ATOM   609  C  CA  . MET A 1 78  ? 13.371  -4.285  -2.414  1.00 15.74 ? 78   MET A CA  1 
ATOM   610  C  C   . MET A 1 78  ? 12.293  -5.391  -2.368  1.00 15.71 ? 78   MET A C   1 
ATOM   611  O  O   . MET A 1 78  ? 11.106  -5.080  -2.162  1.00 15.67 ? 78   MET A O   1 
ATOM   612  C  CB  A MET A 1 78  ? 12.693  -3.082  -3.063  0.50 15.99 ? 78   MET A CB  1 
ATOM   613  C  CB  B MET A 1 78  ? 12.765  -2.982  -2.958  0.50 15.96 ? 78   MET A CB  1 
ATOM   614  C  CG  A MET A 1 78  ? 13.248  -1.731  -2.725  0.50 15.18 ? 78   MET A CG  1 
ATOM   615  C  CG  B MET A 1 78  ? 12.518  -2.989  -4.463  0.50 15.32 ? 78   MET A CG  1 
ATOM   616  S  SD  A MET A 1 78  ? 12.403  -0.518  -3.738  0.50 15.87 ? 78   MET A SD  1 
ATOM   617  S  SD  B MET A 1 78  ? 11.987  -1.397  -5.107  0.50 15.07 ? 78   MET A SD  1 
ATOM   618  C  CE  A MET A 1 78  ? 12.703  -1.119  -5.400  0.50 15.38 ? 78   MET A CE  1 
ATOM   619  C  CE  B MET A 1 78  ? 13.503  -0.445  -5.023  0.50 15.56 ? 78   MET A CE  1 
ATOM   620  N  N   . SER A 1 79  ? 12.668  -6.653  -2.569  1.00 14.98 ? 79   SER A N   1 
ATOM   621  C  CA  . SER A 1 79  ? 11.670  -7.732  -2.761  1.00 14.84 ? 79   SER A CA  1 
ATOM   622  C  C   . SER A 1 79  ? 10.591  -7.902  -1.678  1.00 14.56 ? 79   SER A C   1 
ATOM   623  O  O   . SER A 1 79  ? 9.464   -8.306  -1.985  1.00 14.76 ? 79   SER A O   1 
ATOM   624  C  CB  . SER A 1 79  ? 12.350  -9.085  -3.008  1.00 14.83 ? 79   SER A CB  1 
ATOM   625  O  OG  . SER A 1 79  ? 12.756  -9.672  -1.785  1.00 14.18 ? 79   SER A OG  1 
ATOM   626  N  N   . ALA A 1 80  ? 10.936  -7.626  -0.420  1.00 14.04 ? 80   ALA A N   1 
ATOM   627  C  CA  . ALA A 1 80  ? 10.016  -7.874  0.693   1.00 13.40 ? 80   ALA A CA  1 
ATOM   628  C  C   . ALA A 1 80  ? 9.421   -6.591  1.286   1.00 13.02 ? 80   ALA A C   1 
ATOM   629  O  O   . ALA A 1 80  ? 8.775   -6.614  2.332   1.00 13.30 ? 80   ALA A O   1 
ATOM   630  C  CB  . ALA A 1 80  ? 10.702  -8.700  1.769   1.00 13.86 ? 80   ALA A CB  1 
ATOM   631  N  N   . LEU A 1 81  ? 9.632   -5.478  0.597   1.00 12.61 ? 81   LEU A N   1 
ATOM   632  C  CA  . LEU A 1 81  ? 9.117   -4.172  1.011   1.00 12.06 ? 81   LEU A CA  1 
ATOM   633  C  C   . LEU A 1 81  ? 7.586   -4.214  1.128   1.00 11.08 ? 81   LEU A C   1 
ATOM   634  O  O   . LEU A 1 81  ? 6.912   -4.564  0.159   1.00 11.29 ? 81   LEU A O   1 
ATOM   635  C  CB  . LEU A 1 81  ? 9.559   -3.085  0.028   1.00 12.10 ? 81   LEU A CB  1 
ATOM   636  C  CG  . LEU A 1 81  ? 9.182   -1.648  0.391   1.00 12.98 ? 81   LEU A CG  1 
ATOM   637  C  CD1 . LEU A 1 81  ? 9.827   -1.238  1.706   1.00 12.15 ? 81   LEU A CD1 1 
ATOM   638  C  CD2 . LEU A 1 81  ? 9.579   -0.690  -0.721  1.00 12.84 ? 81   LEU A CD2 1 
ATOM   639  N  N   . PRO A 1 82  ? 7.036   -3.880  2.316   1.00 9.90  ? 82   PRO A N   1 
ATOM   640  C  CA  . PRO A 1 82  ? 5.586   -3.977  2.497   1.00 9.05  ? 82   PRO A CA  1 
ATOM   641  C  C   . PRO A 1 82  ? 4.836   -3.065  1.530   1.00 7.81  ? 82   PRO A C   1 
ATOM   642  O  O   . PRO A 1 82  ? 5.235   -1.928  1.312   1.00 7.33  ? 82   PRO A O   1 
ATOM   643  C  CB  . PRO A 1 82  ? 5.367   -3.528  3.949   1.00 9.04  ? 82   PRO A CB  1 
ATOM   644  C  CG  . PRO A 1 82  ? 6.685   -3.643  4.603   1.00 9.47  ? 82   PRO A CG  1 
ATOM   645  C  CD  . PRO A 1 82  ? 7.704   -3.396  3.534   1.00 10.05 ? 82   PRO A CD  1 
ATOM   646  N  N   . VAL A 1 83  ? 3.781   -3.591  0.925   1.00 6.85  ? 83   VAL A N   1 
ATOM   647  C  CA  . VAL A 1 83  ? 2.962   -2.815  0.010   1.00 5.93  ? 83   VAL A CA  1 
ATOM   648  C  C   . VAL A 1 83  ? 1.500   -3.001  0.398   1.00 5.44  ? 83   VAL A C   1 
ATOM   649  O  O   . VAL A 1 83  ? 0.942   -4.093  0.255   1.00 5.22  ? 83   VAL A O   1 
ATOM   650  C  CB  . VAL A 1 83  ? 3.176   -3.216  -1.482  1.00 5.87  ? 83   VAL A CB  1 
ATOM   651  C  CG1 . VAL A 1 83  ? 2.380   -2.301  -2.402  1.00 5.24  ? 83   VAL A CG1 1 
ATOM   652  C  CG2 . VAL A 1 83  ? 4.663   -3.166  -1.871  1.00 5.51  ? 83   VAL A CG2 1 
ATOM   653  N  N   . LEU A 1 84  ? 0.895   -1.935  0.904   1.00 4.52  ? 84   LEU A N   1 
ATOM   654  C  CA  . LEU A 1 84  ? -0.534  -1.937  1.191   1.00 4.09  ? 84   LEU A CA  1 
ATOM   655  C  C   . LEU A 1 84  ? -1.302  -1.366  -0.002  1.00 3.71  ? 84   LEU A C   1 
ATOM   656  O  O   . LEU A 1 84  ? -1.073  -0.220  -0.405  1.00 3.16  ? 84   LEU A O   1 
ATOM   657  C  CB  . LEU A 1 84  ? -0.841  -1.116  2.453   1.00 3.79  ? 84   LEU A CB  1 
ATOM   658  C  CG  . LEU A 1 84  ? -2.316  -0.991  2.860   1.00 3.19  ? 84   LEU A CG  1 
ATOM   659  C  CD1 . LEU A 1 84  ? -2.928  -2.361  3.141   1.00 2.00  ? 84   LEU A CD1 1 
ATOM   660  C  CD2 . LEU A 1 84  ? -2.474  -0.085  4.061   1.00 3.50  ? 84   LEU A CD2 1 
ATOM   661  N  N   . MET A 1 85  ? -2.198  -2.164  -0.576  1.00 3.73  ? 85   MET A N   1 
ATOM   662  C  CA  . MET A 1 85  ? -3.053  -1.654  -1.641  1.00 3.83  ? 85   MET A CA  1 
ATOM   663  C  C   . MET A 1 85  ? -4.189  -0.846  -1.031  1.00 4.23  ? 85   MET A C   1 
ATOM   664  O  O   . MET A 1 85  ? -4.833  -1.288  -0.081  1.00 4.28  ? 85   MET A O   1 
ATOM   665  C  CB  . MET A 1 85  ? -3.610  -2.777  -2.534  1.00 4.20  ? 85   MET A CB  1 
ATOM   666  C  CG  . MET A 1 85  ? -2.565  -3.687  -3.196  1.00 3.38  ? 85   MET A CG  1 
ATOM   667  S  SD  . MET A 1 85  ? -1.257  -2.857  -4.144  1.00 7.52  ? 85   MET A SD  1 
ATOM   668  C  CE  . MET A 1 85  ? -2.184  -2.033  -5.437  1.00 3.68  ? 85   MET A CE  1 
ATOM   669  N  N   . VAL A 1 86  ? -4.409  0.357   -1.557  1.00 4.44  ? 86   VAL A N   1 
ATOM   670  C  CA  . VAL A 1 86  ? -5.553  1.186   -1.154  1.00 4.46  ? 86   VAL A CA  1 
ATOM   671  C  C   . VAL A 1 86  ? -6.184  1.653   -2.456  1.00 4.60  ? 86   VAL A C   1 
ATOM   672  O  O   . VAL A 1 86  ? -5.605  2.470   -3.174  1.00 5.20  ? 86   VAL A O   1 
ATOM   673  C  CB  . VAL A 1 86  ? -5.142  2.390   -0.254  1.00 4.05  ? 86   VAL A CB  1 
ATOM   674  C  CG1 . VAL A 1 86  ? -6.363  3.272   0.060   1.00 3.80  ? 86   VAL A CG1 1 
ATOM   675  C  CG2 . VAL A 1 86  ? -4.481  1.922   1.046   1.00 3.22  ? 86   VAL A CG2 1 
ATOM   676  N  N   . THR A 1 87  ? -7.360  1.120   -2.782  1.00 4.67  ? 87   THR A N   1 
ATOM   677  C  CA  . THR A 1 87  ? -7.859  1.223   -4.152  1.00 4.83  ? 87   THR A CA  1 
ATOM   678  C  C   . THR A 1 87  ? -9.367  1.074   -4.255  1.00 5.12  ? 87   THR A C   1 
ATOM   679  O  O   . THR A 1 87  ? -9.979  0.391   -3.453  1.00 5.07  ? 87   THR A O   1 
ATOM   680  C  CB  . THR A 1 87  ? -7.176  0.160   -5.061  1.00 5.08  ? 87   THR A CB  1 
ATOM   681  O  OG1 . THR A 1 87  ? -7.812  0.127   -6.341  1.00 5.33  ? 87   THR A OG1 1 
ATOM   682  C  CG2 . THR A 1 87  ? -7.265  -1.242  -4.441  1.00 4.80  ? 87   THR A CG2 1 
ATOM   683  N  N   . ALA A 1 88  ? -9.957  1.714   -5.263  1.00 5.85  ? 88   ALA A N   1 
ATOM   684  C  CA  . ALA A 1 88  ? -11.384 1.557   -5.560  1.00 6.51  ? 88   ALA A CA  1 
ATOM   685  C  C   . ALA A 1 88  ? -11.671 0.189   -6.163  1.00 7.13  ? 88   ALA A C   1 
ATOM   686  O  O   . ALA A 1 88  ? -12.813 -0.279  -6.161  1.00 7.25  ? 88   ALA A O   1 
ATOM   687  C  CB  . ALA A 1 88  ? -11.847 2.659   -6.515  1.00 6.74  ? 88   ALA A CB  1 
ATOM   688  N  N   . GLU A 1 89  ? -10.631 -0.451  -6.688  1.00 7.38  ? 89   GLU A N   1 
ATOM   689  C  CA  . GLU A 1 89  ? -10.774 -1.763  -7.310  1.00 8.08  ? 89   GLU A CA  1 
ATOM   690  C  C   . GLU A 1 89  ? -11.222 -2.800  -6.283  1.00 8.45  ? 89   GLU A C   1 
ATOM   691  O  O   . GLU A 1 89  ? -10.486 -3.104  -5.343  1.00 8.25  ? 89   GLU A O   1 
ATOM   692  C  CB  . GLU A 1 89  ? -9.465  -2.182  -7.986  1.00 7.77  ? 89   GLU A CB  1 
ATOM   693  C  CG  . GLU A 1 89  ? -9.471  -3.611  -8.523  1.00 9.31  ? 89   GLU A CG  1 
ATOM   694  C  CD  . GLU A 1 89  ? -10.541 -3.841  -9.573  1.00 10.93 ? 89   GLU A CD  1 
ATOM   695  O  OE1 . GLU A 1 89  ? -11.421 -4.700  -9.350  1.00 10.30 ? 89   GLU A OE1 1 
ATOM   696  O  OE2 . GLU A 1 89  ? -10.503 -3.159  -10.617 1.00 13.00 ? 89   GLU A OE2 1 
ATOM   697  N  N   . ALA A 1 90  ? -12.434 -3.329  -6.464  1.00 8.78  ? 90   ALA A N   1 
ATOM   698  C  CA  . ALA A 1 90  ? -13.037 -4.225  -5.465  1.00 9.68  ? 90   ALA A CA  1 
ATOM   699  C  C   . ALA A 1 90  ? -13.646 -5.521  -6.024  1.00 10.01 ? 90   ALA A C   1 
ATOM   700  O  O   . ALA A 1 90  ? -14.485 -6.151  -5.362  1.00 10.60 ? 90   ALA A O   1 
ATOM   701  C  CB  . ALA A 1 90  ? -14.081 -3.467  -4.631  1.00 9.58  ? 90   ALA A CB  1 
ATOM   702  N  N   . LYS A 1 91  ? -13.255 -5.907  -7.236  1.00 10.21 ? 91   LYS A N   1 
ATOM   703  C  CA  . LYS A 1 91  ? -13.670 -7.206  -7.790  1.00 10.88 ? 91   LYS A CA  1 
ATOM   704  C  C   . LYS A 1 91  ? -12.876 -8.329  -7.113  1.00 11.39 ? 91   LYS A C   1 
ATOM   705  O  O   . LYS A 1 91  ? -11.647 -8.237  -7.000  1.00 11.05 ? 91   LYS A O   1 
ATOM   706  C  CB  . LYS A 1 91  ? -13.471 -7.258  -9.309  1.00 10.53 ? 91   LYS A CB  1 
ATOM   707  C  CG  . LYS A 1 91  ? -14.349 -6.289  -10.083 1.00 10.97 ? 91   LYS A CG  1 
ATOM   708  C  CD  . LYS A 1 91  ? -14.262 -6.487  -11.593 1.00 11.52 ? 91   LYS A CD  1 
ATOM   709  C  CE  . LYS A 1 91  ? -12.914 -6.068  -12.170 1.00 13.95 ? 91   LYS A CE  1 
ATOM   710  N  NZ  . LYS A 1 91  ? -12.638 -4.605  -12.012 1.00 16.40 ? 91   LYS A NZ  1 
ATOM   711  N  N   . LYS A 1 92  ? -13.578 -9.369  -6.655  1.00 11.73 ? 92   LYS A N   1 
ATOM   712  C  CA  . LYS A 1 92  ? -12.940 -10.522 -6.008  1.00 12.91 ? 92   LYS A CA  1 
ATOM   713  C  C   . LYS A 1 92  ? -11.678 -10.985 -6.763  1.00 12.67 ? 92   LYS A C   1 
ATOM   714  O  O   . LYS A 1 92  ? -10.611 -11.120 -6.163  1.00 12.58 ? 92   LYS A O   1 
ATOM   715  C  CB  . LYS A 1 92  ? -13.940 -11.686 -5.832  1.00 13.08 ? 92   LYS A CB  1 
ATOM   716  C  CG  . LYS A 1 92  ? -13.361 -12.910 -5.130  1.00 13.37 ? 92   LYS A CG  1 
ATOM   717  C  CD  . LYS A 1 92  ? -14.397 -14.005 -4.847  1.00 14.68 ? 92   LYS A CD  1 
ATOM   718  C  CE  . LYS A 1 92  ? -13.686 -15.318 -4.483  1.00 17.62 ? 92   LYS A CE  1 
ATOM   719  N  NZ  . LYS A 1 92  ? -14.571 -16.360 -3.872  1.00 20.43 ? 92   LYS A NZ  1 
ATOM   720  N  N   . GLU A 1 93  ? -11.798 -11.191 -8.075  1.00 12.87 ? 93   GLU A N   1 
ATOM   721  C  CA  . GLU A 1 93  ? -10.672 -11.662 -8.917  1.00 13.20 ? 93   GLU A CA  1 
ATOM   722  C  C   . GLU A 1 93  ? -9.419  -10.807 -8.772  1.00 12.61 ? 93   GLU A C   1 
ATOM   723  O  O   . GLU A 1 93  ? -8.306  -11.326 -8.694  1.00 12.55 ? 93   GLU A O   1 
ATOM   724  C  CB  A GLU A 1 93  ? -11.069 -11.662 -10.397 0.50 13.14 ? 93   GLU A CB  1 
ATOM   725  C  CB  B GLU A 1 93  ? -11.086 -11.783 -10.391 0.50 13.27 ? 93   GLU A CB  1 
ATOM   726  C  CG  A GLU A 1 93  ? -11.803 -12.900 -10.886 0.50 14.05 ? 93   GLU A CG  1 
ATOM   727  C  CG  B GLU A 1 93  ? -12.294 -12.697 -10.646 0.50 14.48 ? 93   GLU A CG  1 
ATOM   728  C  CD  A GLU A 1 93  ? -12.021 -12.888 -12.395 0.50 14.12 ? 93   GLU A CD  1 
ATOM   729  C  CD  B GLU A 1 93  ? -11.979 -14.187 -10.568 0.50 15.66 ? 93   GLU A CD  1 
ATOM   730  O  OE1 A GLU A 1 93  ? -11.644 -11.894 -13.057 0.50 15.37 ? 93   GLU A OE1 1 
ATOM   731  O  OE1 B GLU A 1 93  ? -11.232 -14.614 -9.657  0.50 16.47 ? 93   GLU A OE1 1 
ATOM   732  O  OE2 A GLU A 1 93  ? -12.572 -13.877 -12.923 0.50 15.83 ? 93   GLU A OE2 1 
ATOM   733  O  OE2 B GLU A 1 93  ? -12.504 -14.940 -11.420 0.50 15.59 ? 93   GLU A OE2 1 
ATOM   734  N  N   . ASN A 1 94  ? -9.619  -9.496  -8.745  1.00 12.56 ? 94   ASN A N   1 
ATOM   735  C  CA  . ASN A 1 94  ? -8.532  -8.523  -8.675  1.00 12.28 ? 94   ASN A CA  1 
ATOM   736  C  C   . ASN A 1 94  ? -7.870  -8.514  -7.308  1.00 11.53 ? 94   ASN A C   1 
ATOM   737  O  O   . ASN A 1 94  ? -6.646  -8.394  -7.203  1.00 11.61 ? 94   ASN A O   1 
ATOM   738  C  CB  . ASN A 1 94  ? -9.061  -7.122  -8.997  1.00 12.50 ? 94   ASN A CB  1 
ATOM   739  C  CG  . ASN A 1 94  ? -9.375  -6.928  -10.466 1.00 14.37 ? 94   ASN A CG  1 
ATOM   740  O  OD1 . ASN A 1 94  ? -8.715  -6.144  -11.153 1.00 18.80 ? 94   ASN A OD1 1 
ATOM   741  N  ND2 . ASN A 1 94  ? -10.394 -7.613  -10.952 1.00 14.77 ? 94   ASN A ND2 1 
ATOM   742  N  N   . ILE A 1 95  ? -8.685  -8.622  -6.261  1.00 10.56 ? 95   ILE A N   1 
ATOM   743  C  CA  . ILE A 1 95  ? -8.184  -8.667  -4.892  1.00 9.96  ? 95   ILE A CA  1 
ATOM   744  C  C   . ILE A 1 95  ? -7.316  -9.910  -4.738  1.00 9.37  ? 95   ILE A C   1 
ATOM   745  O  O   . ILE A 1 95  ? -6.225  -9.831  -4.184  1.00 8.80  ? 95   ILE A O   1 
ATOM   746  C  CB  . ILE A 1 95  ? -9.341  -8.647  -3.850  1.00 10.15 ? 95   ILE A CB  1 
ATOM   747  C  CG1 . ILE A 1 95  ? -10.104 -7.315  -3.929  1.00 9.64  ? 95   ILE A CG1 1 
ATOM   748  C  CG2 . ILE A 1 95  ? -8.814  -8.901  -2.427  1.00 10.22 ? 95   ILE A CG2 1 
ATOM   749  C  CD1 . ILE A 1 95  ? -11.540 -7.410  -3.505  1.00 9.28  ? 95   ILE A CD1 1 
ATOM   750  N  N   . ILE A 1 96  ? -7.805  -11.044 -5.256  1.00 8.96  ? 96   ILE A N   1 
ATOM   751  C  CA  . ILE A 1 96  ? -7.050  -12.306 -5.262  1.00 9.29  ? 96   ILE A CA  1 
ATOM   752  C  C   . ILE A 1 96  ? -5.746  -12.164 -6.052  1.00 8.94  ? 96   ILE A C   1 
ATOM   753  O  O   . ILE A 1 96  ? -4.702  -12.625 -5.611  1.00 9.22  ? 96   ILE A O   1 
ATOM   754  C  CB  . ILE A 1 96  ? -7.880  -13.501 -5.826  1.00 9.01  ? 96   ILE A CB  1 
ATOM   755  C  CG1 . ILE A 1 96  ? -9.084  -13.805 -4.930  1.00 10.13 ? 96   ILE A CG1 1 
ATOM   756  C  CG2 . ILE A 1 96  ? -7.022  -14.767 -5.947  1.00 9.74  ? 96   ILE A CG2 1 
ATOM   757  C  CD1 . ILE A 1 96  ? -10.148 -14.691 -5.615  1.00 9.77  ? 96   ILE A CD1 1 
ATOM   758  N  N   . ALA A 1 97  ? -5.816  -11.531 -7.217  1.00 9.00  ? 97   ALA A N   1 
ATOM   759  C  CA  . ALA A 1 97  ? -4.641  -11.314 -8.044  1.00 8.89  ? 97   ALA A CA  1 
ATOM   760  C  C   . ALA A 1 97  ? -3.589  -10.459 -7.317  1.00 9.28  ? 97   ALA A C   1 
ATOM   761  O  O   . ALA A 1 97  ? -2.398  -10.802 -7.308  1.00 9.14  ? 97   ALA A O   1 
ATOM   762  C  CB  . ALA A 1 97  ? -5.035  -10.671 -9.364  1.00 9.07  ? 97   ALA A CB  1 
ATOM   763  N  N   . ALA A 1 98  ? -4.031  -9.354  -6.713  1.00 8.85  ? 98   ALA A N   1 
ATOM   764  C  CA  . ALA A 1 98  ? -3.125  -8.489  -5.937  1.00 8.94  ? 98   ALA A CA  1 
ATOM   765  C  C   . ALA A 1 98  ? -2.453  -9.285  -4.816  1.00 9.01  ? 98   ALA A C   1 
ATOM   766  O  O   . ALA A 1 98  ? -1.228  -9.249  -4.662  1.00 8.69  ? 98   ALA A O   1 
ATOM   767  C  CB  . ALA A 1 98  ? -3.879  -7.283  -5.378  1.00 8.23  ? 98   ALA A CB  1 
ATOM   768  N  N   . ALA A 1 99  ? -3.263  -10.032 -4.063  1.00 9.43  ? 99   ALA A N   1 
ATOM   769  C  CA  . ALA A 1 99  ? -2.762  -10.915 -3.003  1.00 9.88  ? 99   ALA A CA  1 
ATOM   770  C  C   . ALA A 1 99  ? -1.724  -11.914 -3.523  1.00 10.19 ? 99   ALA A C   1 
ATOM   771  O  O   . ALA A 1 99  ? -0.663  -12.075 -2.914  1.00 10.19 ? 99   ALA A O   1 
ATOM   772  C  CB  . ALA A 1 99  ? -3.914  -11.648 -2.336  1.00 10.04 ? 99   ALA A CB  1 
ATOM   773  N  N   . GLN A 1 100 ? -2.021  -12.573 -4.646  1.00 10.48 ? 100  GLN A N   1 
ATOM   774  C  CA  . GLN A 1 100 ? -1.102  -13.571 -5.222  1.00 11.25 ? 100  GLN A CA  1 
ATOM   775  C  C   . GLN A 1 100 ? 0.187   -12.914 -5.736  1.00 10.96 ? 100  GLN A C   1 
ATOM   776  O  O   . GLN A 1 100 ? 1.263   -13.529 -5.708  1.00 10.97 ? 100  GLN A O   1 
ATOM   777  C  CB  . GLN A 1 100 ? -1.767  -14.350 -6.360  1.00 11.91 ? 100  GLN A CB  1 
ATOM   778  C  CG  . GLN A 1 100 ? -3.015  -15.147 -5.962  1.00 15.29 ? 100  GLN A CG  1 
ATOM   779  C  CD  . GLN A 1 100 ? -2.722  -16.499 -5.331  1.00 18.90 ? 100  GLN A CD  1 
ATOM   780  O  OE1 . GLN A 1 100 ? -1.562  -16.932 -5.220  1.00 20.19 ? 100  GLN A OE1 1 
ATOM   781  N  NE2 . GLN A 1 100 ? -3.787  -17.182 -4.909  1.00 20.18 ? 100  GLN A NE2 1 
ATOM   782  N  N   . ALA A 1 101 ? 0.064   -11.670 -6.204  1.00 10.13 ? 101  ALA A N   1 
ATOM   783  C  CA  . ALA A 1 101 ? 1.208   -10.861 -6.639  1.00 9.82  ? 101  ALA A CA  1 
ATOM   784  C  C   . ALA A 1 101 ? 2.065   -10.356 -5.467  1.00 9.76  ? 101  ALA A C   1 
ATOM   785  O  O   . ALA A 1 101 ? 3.109   -9.730  -5.674  1.00 10.10 ? 101  ALA A O   1 
ATOM   786  C  CB  . ALA A 1 101 ? 0.739   -9.695  -7.508  1.00 9.84  ? 101  ALA A CB  1 
ATOM   787  N  N   . GLY A 1 102 ? 1.621   -10.623 -4.241  1.00 9.33  ? 102  GLY A N   1 
ATOM   788  C  CA  . GLY A 1 102 ? 2.432   -10.356 -3.061  1.00 8.72  ? 102  GLY A CA  1 
ATOM   789  C  C   . GLY A 1 102 ? 2.058   -9.113  -2.279  1.00 8.38  ? 102  GLY A C   1 
ATOM   790  O  O   . GLY A 1 102 ? 2.862   -8.623  -1.482  1.00 8.23  ? 102  GLY A O   1 
ATOM   791  N  N   . ALA A 1 103 ? 0.840   -8.606  -2.485  1.00 7.93  ? 103  ALA A N   1 
ATOM   792  C  CA  . ALA A 1 103 ? 0.334   -7.474  -1.694  1.00 7.67  ? 103  ALA A CA  1 
ATOM   793  C  C   . ALA A 1 103 ? 0.339   -7.844  -0.214  1.00 7.44  ? 103  ALA A C   1 
ATOM   794  O  O   . ALA A 1 103 ? -0.059  -8.952  0.164   1.00 7.64  ? 103  ALA A O   1 
ATOM   795  C  CB  . ALA A 1 103 ? -1.088  -7.073  -2.140  1.00 7.76  ? 103  ALA A CB  1 
ATOM   796  N  N   . SER A 1 104 ? 0.802   -6.918  0.613   1.00 6.79  ? 104  SER A N   1 
ATOM   797  C  CA  . SER A 1 104 ? 0.897   -7.143  2.051   1.00 6.88  ? 104  SER A CA  1 
ATOM   798  C  C   . SER A 1 104 ? -0.463  -6.979  2.727   1.00 6.35  ? 104  SER A C   1 
ATOM   799  O  O   . SER A 1 104 ? -0.712  -7.570  3.769   1.00 6.43  ? 104  SER A O   1 
ATOM   800  C  CB  . SER A 1 104 ? 1.927   -6.197  2.663   1.00 6.63  ? 104  SER A CB  1 
ATOM   801  O  OG  . SER A 1 104 ? 3.128   -6.256  1.910   1.00 7.44  ? 104  SER A OG  1 
ATOM   802  N  N   . GLY A 1 105 ? -1.336  -6.184  2.113   1.00 5.70  ? 105  GLY A N   1 
ATOM   803  C  CA  . GLY A 1 105 ? -2.708  -5.994  2.590   1.00 5.20  ? 105  GLY A CA  1 
ATOM   804  C  C   . GLY A 1 105 ? -3.525  -5.276  1.527   1.00 4.96  ? 105  GLY A C   1 
ATOM   805  O  O   . GLY A 1 105 ? -3.004  -4.946  0.469   1.00 4.80  ? 105  GLY A O   1 
ATOM   806  N  N   . TYR A 1 106 ? -4.798  -5.018  1.813   1.00 4.98  ? 106  TYR A N   1 
ATOM   807  C  CA  . TYR A 1 106 ? -5.720  -4.497  0.803   1.00 4.90  ? 106  TYR A CA  1 
ATOM   808  C  C   . TYR A 1 106 ? -6.872  -3.750  1.453   1.00 4.69  ? 106  TYR A C   1 
ATOM   809  O  O   . TYR A 1 106 ? -7.641  -4.324  2.235   1.00 4.79  ? 106  TYR A O   1 
ATOM   810  C  CB  . TYR A 1 106 ? -6.273  -5.660  -0.037  1.00 5.25  ? 106  TYR A CB  1 
ATOM   811  C  CG  . TYR A 1 106 ? -6.753  -5.293  -1.421  1.00 5.32  ? 106  TYR A CG  1 
ATOM   812  C  CD1 . TYR A 1 106 ? -6.000  -5.629  -2.542  1.00 5.24  ? 106  TYR A CD1 1 
ATOM   813  C  CD2 . TYR A 1 106 ? -7.964  -4.624  -1.619  1.00 5.95  ? 106  TYR A CD2 1 
ATOM   814  C  CE1 . TYR A 1 106 ? -6.433  -5.296  -3.829  1.00 6.11  ? 106  TYR A CE1 1 
ATOM   815  C  CE2 . TYR A 1 106 ? -8.407  -4.298  -2.903  1.00 4.90  ? 106  TYR A CE2 1 
ATOM   816  C  CZ  . TYR A 1 106 ? -7.637  -4.647  -4.001  1.00 5.71  ? 106  TYR A CZ  1 
ATOM   817  O  OH  . TYR A 1 106 ? -8.051  -4.327  -5.280  1.00 6.36  ? 106  TYR A OH  1 
ATOM   818  N  N   . VAL A 1 107 ? -6.982  -2.472  1.113   1.00 4.59  ? 107  VAL A N   1 
ATOM   819  C  CA  . VAL A 1 107 ? -8.046  -1.603  1.589   1.00 4.40  ? 107  VAL A CA  1 
ATOM   820  C  C   . VAL A 1 107 ? -8.843  -1.119  0.378   1.00 4.48  ? 107  VAL A C   1 
ATOM   821  O  O   . VAL A 1 107 ? -8.271  -0.597  -0.578  1.00 4.54  ? 107  VAL A O   1 
ATOM   822  C  CB  . VAL A 1 107 ? -7.478  -0.375  2.366   1.00 4.29  ? 107  VAL A CB  1 
ATOM   823  C  CG1 . VAL A 1 107 ? -8.579  0.639   2.659   1.00 3.99  ? 107  VAL A CG1 1 
ATOM   824  C  CG2 . VAL A 1 107 ? -6.796  -0.814  3.660   1.00 4.53  ? 107  VAL A CG2 1 
ATOM   825  N  N   . VAL A 1 108 ? -10.157 -1.312  0.408   1.00 4.33  ? 108  VAL A N   1 
ATOM   826  C  CA  . VAL A 1 108 ? -11.025 -0.769  -0.632  1.00 4.80  ? 108  VAL A CA  1 
ATOM   827  C  C   . VAL A 1 108 ? -11.495 0.646   -0.276  1.00 5.02  ? 108  VAL A C   1 
ATOM   828  O  O   . VAL A 1 108 ? -11.852 0.920   0.872   1.00 5.56  ? 108  VAL A O   1 
ATOM   829  C  CB  . VAL A 1 108 ? -12.236 -1.702  -0.945  1.00 4.83  ? 108  VAL A CB  1 
ATOM   830  C  CG1 . VAL A 1 108 ? -11.770 -2.901  -1.765  1.00 5.50  ? 108  VAL A CG1 1 
ATOM   831  C  CG2 . VAL A 1 108 ? -12.965 -2.165  0.355   1.00 3.97  ? 108  VAL A CG2 1 
ATOM   832  N  N   . LYS A 1 109 ? -11.463 1.542   -1.265  1.00 4.89  ? 109  LYS A N   1 
ATOM   833  C  CA  . LYS A 1 109 ? -12.020 2.889   -1.122  1.00 4.70  ? 109  LYS A CA  1 
ATOM   834  C  C   . LYS A 1 109 ? -13.548 2.831   -1.320  1.00 4.91  ? 109  LYS A C   1 
ATOM   835  O  O   . LYS A 1 109 ? -14.023 2.070   -2.157  1.00 4.57  ? 109  LYS A O   1 
ATOM   836  C  CB  . LYS A 1 109 ? -11.427 3.837   -2.163  1.00 4.39  ? 109  LYS A CB  1 
ATOM   837  C  CG  . LYS A 1 109 ? -9.924  4.010   -2.135  1.00 3.91  ? 109  LYS A CG  1 
ATOM   838  C  CD  . LYS A 1 109 ? -9.499  4.818   -3.366  1.00 4.09  ? 109  LYS A CD  1 
ATOM   839  C  CE  . LYS A 1 109 ? -8.018  5.168   -3.347  1.00 2.00  ? 109  LYS A CE  1 
ATOM   840  N  NZ  . LYS A 1 109 ? -7.576  5.821   -4.623  1.00 2.00  ? 109  LYS A NZ  1 
ATOM   841  N  N   . PRO A 1 110 ? -14.319 3.629   -0.551  1.00 5.34  ? 110  PRO A N   1 
ATOM   842  C  CA  . PRO A 1 110 ? -13.898 4.544   0.515   1.00 5.41  ? 110  PRO A CA  1 
ATOM   843  C  C   . PRO A 1 110 ? -13.547 3.834   1.828   1.00 5.70  ? 110  PRO A C   1 
ATOM   844  O  O   . PRO A 1 110 ? -14.134 2.787   2.156   1.00 5.78  ? 110  PRO A O   1 
ATOM   845  C  CB  . PRO A 1 110 ? -15.120 5.448   0.702   1.00 5.59  ? 110  PRO A CB  1 
ATOM   846  C  CG  . PRO A 1 110 ? -16.263 4.661   0.224   1.00 6.33  ? 110  PRO A CG  1 
ATOM   847  C  CD  . PRO A 1 110 ? -15.779 3.653   -0.758  1.00 5.05  ? 110  PRO A CD  1 
ATOM   848  N  N   . PHE A 1 111 ? -12.579 4.392   2.555   1.00 5.29  ? 111  PHE A N   1 
ATOM   849  C  CA  . PHE A 1 111 ? -12.126 3.799   3.801   1.00 5.69  ? 111  PHE A CA  1 
ATOM   850  C  C   . PHE A 1 111 ? -12.076 4.840   4.920   1.00 6.36  ? 111  PHE A C   1 
ATOM   851  O  O   . PHE A 1 111 ? -11.920 6.041   4.666   1.00 7.01  ? 111  PHE A O   1 
ATOM   852  C  CB  . PHE A 1 111 ? -10.752 3.128   3.624   1.00 5.18  ? 111  PHE A CB  1 
ATOM   853  C  CG  . PHE A 1 111 ? -9.641  4.091   3.276   1.00 5.02  ? 111  PHE A CG  1 
ATOM   854  C  CD1 . PHE A 1 111 ? -8.803  4.592   4.267   1.00 4.33  ? 111  PHE A CD1 1 
ATOM   855  C  CD2 . PHE A 1 111 ? -9.434  4.491   1.950   1.00 4.25  ? 111  PHE A CD2 1 
ATOM   856  C  CE1 . PHE A 1 111 ? -7.779  5.487   3.953   1.00 5.14  ? 111  PHE A CE1 1 
ATOM   857  C  CE2 . PHE A 1 111 ? -8.413  5.381   1.625   1.00 4.10  ? 111  PHE A CE2 1 
ATOM   858  C  CZ  . PHE A 1 111 ? -7.583  5.882   2.624   1.00 4.97  ? 111  PHE A CZ  1 
ATOM   859  N  N   . THR A 1 112 ? -12.202 4.357   6.152   1.00 6.78  ? 112  THR A N   1 
ATOM   860  C  CA  . THR A 1 112 ? -12.108 5.184   7.349   1.00 7.53  ? 112  THR A CA  1 
ATOM   861  C  C   . THR A 1 112 ? -10.667 5.248   7.832   1.00 7.88  ? 112  THR A C   1 
ATOM   862  O  O   . THR A 1 112 ? -9.850  4.391   7.481   1.00 7.59  ? 112  THR A O   1 
ATOM   863  C  CB  . THR A 1 112 ? -12.967 4.606   8.495   1.00 7.40  ? 112  THR A CB  1 
ATOM   864  O  OG1 . THR A 1 112 ? -12.545 3.265   8.782   1.00 8.02  ? 112  THR A OG1 1 
ATOM   865  C  CG2 . THR A 1 112 ? -14.438 4.601   8.119   1.00 8.00  ? 112  THR A CG2 1 
ATOM   866  N  N   . ALA A 1 113 ? -10.365 6.263   8.642   1.00 8.88  ? 113  ALA A N   1 
ATOM   867  C  CA  . ALA A 1 113 ? -9.077  6.382   9.318   1.00 9.12  ? 113  ALA A CA  1 
ATOM   868  C  C   . ALA A 1 113 ? -8.776  5.121   10.114  1.00 9.23  ? 113  ALA A C   1 
ATOM   869  O  O   . ALA A 1 113 ? -7.644  4.630   10.108  1.00 9.55  ? 113  ALA A O   1 
ATOM   870  C  CB  . ALA A 1 113 ? -9.074  7.603   10.247  1.00 9.43  ? 113  ALA A CB  1 
ATOM   871  N  N   . ALA A 1 114 ? -9.791  4.592   10.792  1.00 9.64  ? 114  ALA A N   1 
ATOM   872  C  CA  . ALA A 1 114 ? -9.625  3.392   11.618  1.00 9.75  ? 114  ALA A CA  1 
ATOM   873  C  C   . ALA A 1 114 ? -9.214  2.172   10.787  1.00 9.89  ? 114  ALA A C   1 
ATOM   874  O  O   . ALA A 1 114 ? -8.366  1.385   11.213  1.00 9.74  ? 114  ALA A O   1 
ATOM   875  C  CB  . ALA A 1 114 ? -10.893 3.100   12.432  1.00 10.19 ? 114  ALA A CB  1 
ATOM   876  N  N   . THR A 1 115 ? -9.811  2.019   9.605   1.00 9.67  ? 115  THR A N   1 
ATOM   877  C  CA  . THR A 1 115 ? -9.442  0.930   8.704   1.00 9.41  ? 115  THR A CA  1 
ATOM   878  C  C   . THR A 1 115 ? -7.964  0.992   8.311   1.00 9.63  ? 115  THR A C   1 
ATOM   879  O  O   . THR A 1 115 ? -7.267  -0.026  8.352   1.00 9.38  ? 115  THR A O   1 
ATOM   880  C  CB  . THR A 1 115 ? -10.330 0.895   7.424   1.00 9.34  ? 115  THR A CB  1 
ATOM   881  O  OG1 . THR A 1 115 ? -11.673 0.578   7.789   1.00 8.49  ? 115  THR A OG1 1 
ATOM   882  C  CG2 . THR A 1 115 ? -9.830  -0.153  6.435   1.00 8.98  ? 115  THR A CG2 1 
ATOM   883  N  N   . LEU A 1 116 ? -7.489  2.177   7.926   1.00 10.06 ? 116  LEU A N   1 
ATOM   884  C  CA  . LEU A 1 116 ? -6.090  2.315   7.524   1.00 10.52 ? 116  LEU A CA  1 
ATOM   885  C  C   . LEU A 1 116 ? -5.163  1.950   8.681   1.00 11.32 ? 116  LEU A C   1 
ATOM   886  O  O   . LEU A 1 116 ? -4.238  1.150   8.506   1.00 11.11 ? 116  LEU A O   1 
ATOM   887  C  CB  . LEU A 1 116 ? -5.779  3.715   6.982   1.00 10.20 ? 116  LEU A CB  1 
ATOM   888  C  CG  . LEU A 1 116 ? -4.426  3.840   6.263   1.00 10.48 ? 116  LEU A CG  1 
ATOM   889  C  CD1 . LEU A 1 116 ? -4.437  3.104   4.906   1.00 10.25 ? 116  LEU A CD1 1 
ATOM   890  C  CD2 . LEU A 1 116 ? -4.013  5.294   6.084   1.00 10.40 ? 116  LEU A CD2 1 
ATOM   891  N  N   . GLU A 1 117 ? -5.430  2.523   9.859   1.00 12.16 ? 117  GLU A N   1 
ATOM   892  C  CA  . GLU A 1 117 ? -4.648  2.223   11.058  1.00 13.12 ? 117  GLU A CA  1 
ATOM   893  C  C   . GLU A 1 117 ? -4.661  0.733   11.369  1.00 13.05 ? 117  GLU A C   1 
ATOM   894  O  O   . GLU A 1 117 ? -3.622  0.141   11.646  1.00 12.94 ? 117  GLU A O   1 
ATOM   895  C  CB  . GLU A 1 117 ? -5.149  3.011   12.273  1.00 13.17 ? 117  GLU A CB  1 
ATOM   896  C  CG  . GLU A 1 117 ? -4.531  2.517   13.578  1.00 13.88 ? 117  GLU A CG  1 
ATOM   897  C  CD  . GLU A 1 117 ? -4.838  3.397   14.773  1.00 14.84 ? 117  GLU A CD  1 
ATOM   898  O  OE1 . GLU A 1 117 ? -5.926  4.001   14.814  1.00 16.66 ? 117  GLU A OE1 1 
ATOM   899  O  OE2 . GLU A 1 117 ? -3.979  3.464   15.683  1.00 17.69 ? 117  GLU A OE2 1 
ATOM   900  N  N   . GLU A 1 118 ? -5.846  0.134   11.324  1.00 13.60 ? 118  GLU A N   1 
ATOM   901  C  CA  . GLU A 1 118 ? -5.989  -1.303  11.562  1.00 14.11 ? 118  GLU A CA  1 
ATOM   902  C  C   . GLU A 1 118 ? -5.173  -2.152  10.571  1.00 13.90 ? 118  GLU A C   1 
ATOM   903  O  O   . GLU A 1 118 ? -4.473  -3.082  10.990  1.00 13.47 ? 118  GLU A O   1 
ATOM   904  C  CB  . GLU A 1 118 ? -7.466  -1.695  11.544  1.00 14.48 ? 118  GLU A CB  1 
ATOM   905  C  CG  . GLU A 1 118 ? -7.750  -3.158  11.765  1.00 17.04 ? 118  GLU A CG  1 
ATOM   906  C  CD  . GLU A 1 118 ? -9.207  -3.498  11.512  1.00 21.30 ? 118  GLU A CD  1 
ATOM   907  O  OE1 . GLU A 1 118 ? -9.473  -4.556  10.889  1.00 22.46 ? 118  GLU A OE1 1 
ATOM   908  O  OE2 . GLU A 1 118 ? -10.084 -2.702  11.932  1.00 23.38 ? 118  GLU A OE2 1 
ATOM   909  N  N   . LYS A 1 119 ? -5.238  -1.824  9.275   1.00 13.38 ? 119  LYS A N   1 
ATOM   910  C  CA  . LYS A 1 119 ? -4.513  -2.606  8.264   1.00 13.38 ? 119  LYS A CA  1 
ATOM   911  C  C   . LYS A 1 119 ? -2.991  -2.438  8.334   1.00 13.54 ? 119  LYS A C   1 
ATOM   912  O  O   . LYS A 1 119 ? -2.248  -3.386  8.060   1.00 13.27 ? 119  LYS A O   1 
ATOM   913  C  CB  . LYS A 1 119 ? -4.999  -2.311  6.831   1.00 13.54 ? 119  LYS A CB  1 
ATOM   914  C  CG  . LYS A 1 119 ? -6.454  -2.668  6.519   1.00 13.07 ? 119  LYS A CG  1 
ATOM   915  C  CD  . LYS A 1 119 ? -6.969  -3.862  7.293   1.00 15.53 ? 119  LYS A CD  1 
ATOM   916  C  CE  . LYS A 1 119 ? -8.465  -4.016  7.102   1.00 16.64 ? 119  LYS A CE  1 
ATOM   917  N  NZ  . LYS A 1 119 ? -9.027  -5.001  8.057   1.00 15.97 ? 119  LYS A NZ  1 
ATOM   918  N  N   . LEU A 1 120 ? -2.533  -1.234  8.669   1.00 13.61 ? 120  LEU A N   1 
ATOM   919  C  CA  . LEU A 1 120 ? -1.098  -0.969  8.819   1.00 13.94 ? 120  LEU A CA  1 
ATOM   920  C  C   . LEU A 1 120 ? -0.535  -1.746  10.006  1.00 14.31 ? 120  LEU A C   1 
ATOM   921  O  O   . LEU A 1 120 ? 0.485   -2.427  9.876   1.00 14.02 ? 120  LEU A O   1 
ATOM   922  C  CB  . LEU A 1 120 ? -0.823  0.532   8.985   1.00 13.74 ? 120  LEU A CB  1 
ATOM   923  C  CG  . LEU A 1 120 ? -0.983  1.407   7.735   1.00 13.10 ? 120  LEU A CG  1 
ATOM   924  C  CD1 . LEU A 1 120 ? -0.985  2.881   8.099   1.00 12.30 ? 120  LEU A CD1 1 
ATOM   925  C  CD2 . LEU A 1 120 ? 0.098   1.117   6.711   1.00 12.14 ? 120  LEU A CD2 1 
ATOM   926  N  N   . ASN A 1 121 ? -1.226  -1.646  11.146  1.00 14.96 ? 121  ASN A N   1 
ATOM   927  C  CA  . ASN A 1 121 ? -0.907  -2.407  12.360  1.00 15.91 ? 121  ASN A CA  1 
ATOM   928  C  C   . ASN A 1 121 ? -0.777  -3.904  12.124  1.00 16.08 ? 121  ASN A C   1 
ATOM   929  O  O   . ASN A 1 121 ? 0.173   -4.533  12.605  1.00 16.65 ? 121  ASN A O   1 
ATOM   930  C  CB  . ASN A 1 121 ? -1.953  -2.146  13.457  1.00 16.15 ? 121  ASN A CB  1 
ATOM   931  C  CG  . ASN A 1 121 ? -1.817  -0.763  14.092  1.00 17.75 ? 121  ASN A CG  1 
ATOM   932  O  OD1 . ASN A 1 121 ? -0.741  -0.159  14.093  1.00 20.27 ? 121  ASN A OD1 1 
ATOM   933  N  ND2 . ASN A 1 121 ? -2.914  -0.261  14.643  1.00 18.90 ? 121  ASN A ND2 1 
ATOM   934  N  N   . LYS A 1 122 ? -1.728  -4.462  11.379  1.00 16.09 ? 122  LYS A N   1 
ATOM   935  C  CA  . LYS A 1 122 ? -1.741  -5.885  11.036  1.00 16.51 ? 122  LYS A CA  1 
ATOM   936  C  C   . LYS A 1 122 ? -0.501  -6.299  10.230  1.00 16.31 ? 122  LYS A C   1 
ATOM   937  O  O   . LYS A 1 122 ? 0.058   -7.383  10.447  1.00 15.94 ? 122  LYS A O   1 
ATOM   938  C  CB  . LYS A 1 122 ? -3.019  -6.234  10.266  1.00 16.53 ? 122  LYS A CB  1 
ATOM   939  C  CG  . LYS A 1 122 ? -3.084  -7.681  9.824   1.00 18.57 ? 122  LYS A CG  1 
ATOM   940  C  CD  . LYS A 1 122 ? -4.470  -8.088  9.380   1.00 21.52 ? 122  LYS A CD  1 
ATOM   941  C  CE  . LYS A 1 122 ? -4.467  -9.543  8.913   1.00 23.59 ? 122  LYS A CE  1 
ATOM   942  N  NZ  . LYS A 1 122 ? -5.842  -10.042 8.605   1.00 26.21 ? 122  LYS A NZ  1 
ATOM   943  N  N   . ILE A 1 123 ? -0.079  -5.434  9.306   1.00 15.86 ? 123  ILE A N   1 
ATOM   944  C  CA  . ILE A 1 123 ? 1.118   -5.687  8.505   1.00 15.62 ? 123  ILE A CA  1 
ATOM   945  C  C   . ILE A 1 123 ? 2.369   -5.634  9.394   1.00 16.01 ? 123  ILE A C   1 
ATOM   946  O  O   . ILE A 1 123 ? 3.217   -6.533  9.332   1.00 15.52 ? 123  ILE A O   1 
ATOM   947  C  CB  . ILE A 1 123 ? 1.221   -4.725  7.284   1.00 15.58 ? 123  ILE A CB  1 
ATOM   948  C  CG1 . ILE A 1 123 ? 0.120   -5.048  6.254   1.00 15.31 ? 123  ILE A CG1 1 
ATOM   949  C  CG2 . ILE A 1 123 ? 2.609   -4.812  6.646   1.00 15.04 ? 123  ILE A CG2 1 
ATOM   950  C  CD1 . ILE A 1 123 ? -0.054  -4.007  5.153   1.00 14.99 ? 123  ILE A CD1 1 
ATOM   951  N  N   . PHE A 1 124 ? 2.464   -4.597  10.232  1.00 16.82 ? 124  PHE A N   1 
ATOM   952  C  CA  . PHE A 1 124 ? 3.554   -4.479  11.210  1.00 17.72 ? 124  PHE A CA  1 
ATOM   953  C  C   . PHE A 1 124 ? 3.710   -5.774  12.015  1.00 18.32 ? 124  PHE A C   1 
ATOM   954  O  O   . PHE A 1 124 ? 4.819   -6.294  12.171  1.00 18.42 ? 124  PHE A O   1 
ATOM   955  C  CB  . PHE A 1 124 ? 3.321   -3.310  12.181  1.00 17.85 ? 124  PHE A CB  1 
ATOM   956  C  CG  . PHE A 1 124 ? 3.258   -1.944  11.529  1.00 18.43 ? 124  PHE A CG  1 
ATOM   957  C  CD1 . PHE A 1 124 ? 3.912   -1.675  10.332  1.00 18.34 ? 124  PHE A CD1 1 
ATOM   958  C  CD2 . PHE A 1 124 ? 2.556   -0.913  12.147  1.00 19.17 ? 124  PHE A CD2 1 
ATOM   959  C  CE1 . PHE A 1 124 ? 3.853   -0.410  9.755   1.00 17.79 ? 124  PHE A CE1 1 
ATOM   960  C  CE2 . PHE A 1 124 ? 2.492   0.358   11.574  1.00 19.46 ? 124  PHE A CE2 1 
ATOM   961  C  CZ  . PHE A 1 124 ? 3.142   0.605   10.374  1.00 18.71 ? 124  PHE A CZ  1 
ATOM   962  N  N   . GLU A 1 125 ? 2.587   -6.287  12.510  1.00 19.00 ? 125  GLU A N   1 
ATOM   963  C  CA  . GLU A 1 125 ? 2.561   -7.499  13.329  1.00 20.03 ? 125  GLU A CA  1 
ATOM   964  C  C   . GLU A 1 125 ? 3.034   -8.757  12.595  1.00 20.90 ? 125  GLU A C   1 
ATOM   965  O  O   . GLU A 1 125 ? 3.766   -9.568  13.177  1.00 21.28 ? 125  GLU A O   1 
ATOM   966  C  CB  . GLU A 1 125 ? 1.161   -7.718  13.903  1.00 19.79 ? 125  GLU A CB  1 
ATOM   967  C  CG  . GLU A 1 125 ? 0.760   -6.689  14.951  1.00 19.50 ? 125  GLU A CG  1 
ATOM   968  C  CD  . GLU A 1 125 ? -0.701  -6.783  15.349  1.00 20.17 ? 125  GLU A CD  1 
ATOM   969  O  OE1 . GLU A 1 125 ? -1.427  -7.651  14.810  1.00 20.04 ? 125  GLU A OE1 1 
ATOM   970  O  OE2 . GLU A 1 125 ? -1.126  -5.978  16.207  1.00 19.82 ? 125  GLU A OE2 1 
ATOM   971  N  N   . LYS A 1 126 ? 2.615   -8.917  11.335  1.00 21.69 ? 126  LYS A N   1 
ATOM   972  C  CA  . LYS A 1 126 ? 3.033   -10.048 10.497  1.00 22.75 ? 126  LYS A CA  1 
ATOM   973  C  C   . LYS A 1 126 ? 4.545   -10.092 10.301  1.00 23.09 ? 126  LYS A C   1 
ATOM   974  O  O   . LYS A 1 126 ? 5.115   -11.162 10.072  1.00 23.09 ? 126  LYS A O   1 
ATOM   975  C  CB  . LYS A 1 126 ? 2.376   -9.982  9.114   1.00 22.71 ? 126  LYS A CB  1 
ATOM   976  C  CG  . LYS A 1 126 ? 1.012   -10.648 8.999   1.00 23.51 ? 126  LYS A CG  1 
ATOM   977  C  CD  . LYS A 1 126 ? 0.598   -10.795 7.526   1.00 23.83 ? 126  LYS A CD  1 
ATOM   978  C  CE  . LYS A 1 126 ? 0.272   -9.441  6.870   1.00 24.94 ? 126  LYS A CE  1 
ATOM   979  N  NZ  . LYS A 1 126 ? 0.684   -9.370  5.431   1.00 22.58 ? 126  LYS A NZ  1 
ATOM   980  N  N   . LEU A 1 127 ? 5.182   -8.925  10.376  1.00 23.65 ? 127  LEU A N   1 
ATOM   981  C  CA  . LEU A 1 127 ? 6.593   -8.783  10.020  1.00 24.30 ? 127  LEU A CA  1 
ATOM   982  C  C   . LEU A 1 127 ? 7.509   -8.607  11.227  1.00 24.60 ? 127  LEU A C   1 
ATOM   983  O  O   . LEU A 1 127 ? 8.728   -8.551  11.076  1.00 24.75 ? 127  LEU A O   1 
ATOM   984  C  CB  . LEU A 1 127 ? 6.780   -7.611  9.047   1.00 24.52 ? 127  LEU A CB  1 
ATOM   985  C  CG  . LEU A 1 127 ? 6.035   -7.660  7.705   1.00 24.73 ? 127  LEU A CG  1 
ATOM   986  C  CD1 . LEU A 1 127 ? 6.243   -6.372  6.946   1.00 25.88 ? 127  LEU A CD1 1 
ATOM   987  C  CD2 . LEU A 1 127 ? 6.458   -8.853  6.851   1.00 25.66 ? 127  LEU A CD2 1 
ATOM   988  N  N   . GLY A 1 128 ? 6.921   -8.519  12.417  1.00 24.88 ? 128  GLY A N   1 
ATOM   989  C  CA  . GLY A 1 128 ? 7.690   -8.277  13.638  1.00 25.24 ? 128  GLY A CA  1 
ATOM   990  C  C   . GLY A 1 128 ? 8.093   -6.825  13.831  1.00 25.56 ? 128  GLY A C   1 
ATOM   991  O  O   . GLY A 1 128 ? 8.985   -6.527  14.631  1.00 25.28 ? 128  GLY A O   1 
ATOM   992  N  N   . MET A 1 129 ? 7.433   -5.925  13.098  1.00 25.88 ? 129  MET A N   1 
ATOM   993  C  CA  . MET A 1 129 ? 7.680   -4.483  13.198  1.00 26.28 ? 129  MET A CA  1 
ATOM   994  C  C   . MET A 1 129 ? 6.920   -3.871  14.377  1.00 26.42 ? 129  MET A C   1 
ATOM   995  O  O   . MET A 1 129 ? 7.238   -2.766  14.824  1.00 26.56 ? 129  MET A O   1 
ATOM   996  C  CB  . MET A 1 129 ? 7.276   -3.770  11.897  1.00 26.17 ? 129  MET A CB  1 
ATOM   997  C  CG  . MET A 1 129 ? 8.033   -4.218  10.641  1.00 26.55 ? 129  MET A CG  1 
ATOM   998  S  SD  . MET A 1 129 ? 7.306   -3.634  9.089   1.00 27.11 ? 129  MET A SD  1 
ATOM   999  C  CE  . MET A 1 129 ? 7.715   -1.892  9.150   1.00 27.00 ? 129  MET A CE  1 
ATOM   1000 O  OXT . MET A 1 129 ? 5.958   -4.441  14.908  1.00 26.39 ? 129  MET A OXT 1 
HETATM 1001 C  C   . ACE B 2 1   ? -18.098 -4.985  -4.543  1.00 13.43 ? 199  ACE B C   1 
HETATM 1002 O  O   . ACE B 2 1   ? -18.586 -4.822  -3.417  1.00 13.29 ? 199  ACE B O   1 
HETATM 1003 C  CH3 . ACE B 2 1   ? -18.000 -3.933  -5.604  1.00 13.40 ? 199  ACE B CH3 1 
ATOM   1004 N  N   . ALA B 2 2   ? -16.564 -5.856  -3.503  1.00 8.21  ? 200  ALA B N   1 
ATOM   1005 C  CA  . ALA B 2 2   ? -16.374 -6.350  -2.123  1.00 7.58  ? 200  ALA B CA  1 
ATOM   1006 C  C   . ALA B 2 2   ? -16.310 -5.170  -1.150  1.00 7.40  ? 200  ALA B C   1 
ATOM   1007 O  O   . ALA B 2 2   ? -15.654 -4.163  -1.427  1.00 7.48  ? 200  ALA B O   1 
ATOM   1008 C  CB  . ALA B 2 2   ? -15.117 -7.188  -2.045  1.00 7.57  ? 200  ALA B CB  1 
ATOM   1009 N  N   . SER B 2 3   ? -17.019 -5.302  -0.029  1.00 6.99  ? 201  SER B N   1 
ATOM   1010 C  CA  . SER B 2 3   ? -16.870 -4.419  1.133   1.00 6.61  ? 201  SER B CA  1 
ATOM   1011 C  C   . SER B 2 3   ? -15.539 -4.726  1.819   1.00 6.53  ? 201  SER B C   1 
ATOM   1012 O  O   . SER B 2 3   ? -14.939 -5.770  1.553   1.00 6.66  ? 201  SER B O   1 
ATOM   1013 C  CB  . SER B 2 3   ? -18.013 -4.684  2.127   1.00 6.62  ? 201  SER B CB  1 
ATOM   1014 O  OG  . SER B 2 3   ? -17.922 -6.010  2.655   1.00 4.84  ? 201  SER B OG  1 
ATOM   1015 N  N   . GLN B 2 4   ? -15.080 -3.851  2.717   1.00 6.84  ? 202  GLN B N   1 
ATOM   1016 C  CA  . GLN B 2 4   ? -13.878 -4.167  3.500   1.00 7.17  ? 202  GLN B CA  1 
ATOM   1017 C  C   . GLN B 2 4   ? -14.011 -5.496  4.266   1.00 7.54  ? 202  GLN B C   1 
ATOM   1018 O  O   . GLN B 2 4   ? -13.062 -6.273  4.323   1.00 6.85  ? 202  GLN B O   1 
ATOM   1019 C  CB  . GLN B 2 4   ? -13.486 -3.036  4.453   1.00 7.12  ? 202  GLN B CB  1 
ATOM   1020 C  CG  . GLN B 2 4   ? -12.076 -3.210  5.032   1.00 7.93  ? 202  GLN B CG  1 
ATOM   1021 C  CD  . GLN B 2 4   ? -10.980 -3.124  3.968   1.00 7.88  ? 202  GLN B CD  1 
ATOM   1022 O  OE1 . GLN B 2 4   ? -10.931 -2.170  3.203   1.00 8.05  ? 202  GLN B OE1 1 
ATOM   1023 N  NE2 . GLN B 2 4   ? -10.091 -4.118  3.934   1.00 7.33  ? 202  GLN B NE2 1 
ATOM   1024 N  N   . ASP B 2 5   ? -15.191 -5.765  4.829   1.00 8.27  ? 203  ASP B N   1 
ATOM   1025 C  CA  . ASP B 2 5   ? -15.407 -7.034  5.538   1.00 9.02  ? 203  ASP B CA  1 
ATOM   1026 C  C   . ASP B 2 5   ? -15.255 -8.246  4.604   1.00 8.85  ? 203  ASP B C   1 
ATOM   1027 O  O   . ASP B 2 5   ? -14.620 -9.235  4.968   1.00 9.36  ? 203  ASP B O   1 
ATOM   1028 C  CB  . ASP B 2 5   ? -16.743 -7.034  6.300   1.00 9.22  ? 203  ASP B CB  1 
ATOM   1029 C  CG  . ASP B 2 5   ? -16.748 -6.043  7.467   1.00 10.19 ? 203  ASP B CG  1 
ATOM   1030 O  OD1 . ASP B 2 5   ? -15.665 -5.752  8.013   1.00 14.42 ? 203  ASP B OD1 1 
ATOM   1031 O  OD2 . ASP B 2 5   ? -17.826 -5.547  7.843   1.00 10.83 ? 203  ASP B OD2 1 
ATOM   1032 N  N   . GLN B 2 6   ? -15.795 -8.149  3.394   1.00 8.98  ? 204  GLN B N   1 
ATOM   1033 C  CA  . GLN B 2 6   ? -15.564 -9.168  2.363   1.00 9.28  ? 204  GLN B CA  1 
ATOM   1034 C  C   . GLN B 2 6   ? -14.095 -9.329  1.949   1.00 9.10  ? 204  GLN B C   1 
ATOM   1035 O  O   . GLN B 2 6   ? -13.631 -10.453 1.763   1.00 9.40  ? 204  GLN B O   1 
ATOM   1036 C  CB  . GLN B 2 6   ? -16.435 -8.917  1.136   1.00 9.39  ? 204  GLN B CB  1 
ATOM   1037 C  CG  . GLN B 2 6   ? -17.900 -9.287  1.350   1.00 10.27 ? 204  GLN B CG  1 
ATOM   1038 C  CD  . GLN B 2 6   ? -18.780 -8.902  0.177   1.00 11.51 ? 204  GLN B CD  1 
ATOM   1039 O  OE1 . GLN B 2 6   ? -18.800 -7.749  -0.252  1.00 10.79 ? 204  GLN B OE1 1 
ATOM   1040 N  NE2 . GLN B 2 6   ? -19.533 -9.867  -0.334  1.00 12.60 ? 204  GLN B NE2 1 
ATOM   1041 N  N   . VAL B 2 7   ? -13.380 -8.215  1.792   1.00 9.16  ? 205  VAL B N   1 
ATOM   1042 C  CA  . VAL B 2 7   ? -11.934 -8.238  1.527   1.00 9.02  ? 205  VAL B CA  1 
ATOM   1043 C  C   . VAL B 2 7   ? -11.176 -8.967  2.646   1.00 9.78  ? 205  VAL B C   1 
ATOM   1044 O  O   . VAL B 2 7   ? -10.371 -9.856  2.377   1.00 9.80  ? 205  VAL B O   1 
ATOM   1045 C  CB  . VAL B 2 7   ? -11.344 -6.809  1.361   1.00 8.71  ? 205  VAL B CB  1 
ATOM   1046 C  CG1 . VAL B 2 7   ? -9.828  -6.882  1.184   1.00 8.00  ? 205  VAL B CG1 1 
ATOM   1047 C  CG2 . VAL B 2 7   ? -11.977 -6.091  0.180   1.00 7.46  ? 205  VAL B CG2 1 
ATOM   1048 N  N   . ASP B 2 8   ? -11.450 -8.587  3.896   1.00 10.99 ? 206  ASP B N   1 
ATOM   1049 C  CA  . ASP B 2 8   ? -10.808 -9.197  5.062   1.00 12.46 ? 206  ASP B CA  1 
ATOM   1050 C  C   . ASP B 2 8   ? -11.057 -10.699 5.123   1.00 13.89 ? 206  ASP B C   1 
ATOM   1051 O  O   . ASP B 2 8   ? -10.143 -11.462 5.434   1.00 14.04 ? 206  ASP B O   1 
ATOM   1052 C  CB  . ASP B 2 8   ? -11.263 -8.524  6.365   1.00 12.39 ? 206  ASP B CB  1 
ATOM   1053 C  CG  . ASP B 2 8   ? -10.892 -7.041  6.428   1.00 12.70 ? 206  ASP B CG  1 
ATOM   1054 O  OD1 . ASP B 2 8   ? -10.147 -6.560  5.543   1.00 11.63 ? 206  ASP B OD1 1 
ATOM   1055 O  OD2 . ASP B 2 8   ? -11.361 -6.347  7.359   1.00 13.38 ? 206  ASP B OD2 1 
ATOM   1056 N  N   . ASP B 2 9   ? -12.290 -11.116 4.822   1.00 15.43 ? 207  ASP B N   1 
ATOM   1057 C  CA  . ASP B 2 9   ? -12.649 -12.535 4.795   1.00 17.03 ? 207  ASP B CA  1 
ATOM   1058 C  C   . ASP B 2 9   ? -11.913 -13.262 3.674   1.00 17.41 ? 207  ASP B C   1 
ATOM   1059 O  O   . ASP B 2 9   ? -11.409 -14.372 3.865   1.00 17.35 ? 207  ASP B O   1 
ATOM   1060 C  CB  . ASP B 2 9   ? -14.161 -12.715 4.633   1.00 17.51 ? 207  ASP B CB  1 
ATOM   1061 C  CG  . ASP B 2 9   ? -14.597 -14.158 4.818   1.00 19.86 ? 207  ASP B CG  1 
ATOM   1062 O  OD1 . ASP B 2 9   ? -14.847 -14.844 3.800   1.00 22.61 ? 207  ASP B OD1 1 
ATOM   1063 O  OD2 . ASP B 2 9   ? -14.663 -14.612 5.981   1.00 21.47 ? 207  ASP B OD2 1 
ATOM   1064 N  N   . LEU B 2 10  ? -11.849 -12.618 2.512   1.00 17.92 ? 208  LEU B N   1 
ATOM   1065 C  CA  . LEU B 2 10  ? -11.120 -13.146 1.368   1.00 18.61 ? 208  LEU B CA  1 
ATOM   1066 C  C   . LEU B 2 10  ? -9.632  -13.352 1.677   1.00 18.76 ? 208  LEU B C   1 
ATOM   1067 O  O   . LEU B 2 10  ? -9.079  -14.427 1.412   1.00 18.56 ? 208  LEU B O   1 
ATOM   1068 C  CB  . LEU B 2 10  ? -11.298 -12.215 0.164   1.00 18.81 ? 208  LEU B CB  1 
ATOM   1069 C  CG  . LEU B 2 10  ? -11.219 -12.816 -1.236  1.00 19.43 ? 208  LEU B CG  1 
ATOM   1070 C  CD1 . LEU B 2 10  ? -12.334 -13.833 -1.434  1.00 20.98 ? 208  LEU B CD1 1 
ATOM   1071 C  CD2 . LEU B 2 10  ? -11.322 -11.713 -2.264  1.00 18.94 ? 208  LEU B CD2 1 
ATOM   1072 N  N   . LEU B 2 11  ? -9.004  -12.326 2.249   1.00 19.26 ? 209  LEU B N   1 
ATOM   1073 C  CA  . LEU B 2 11  ? -7.574  -12.358 2.571   1.00 20.06 ? 209  LEU B CA  1 
ATOM   1074 C  C   . LEU B 2 11  ? -7.252  -13.304 3.716   1.00 20.89 ? 209  LEU B C   1 
ATOM   1075 O  O   . LEU B 2 11  ? -6.180  -13.913 3.732   1.00 20.46 ? 209  LEU B O   1 
ATOM   1076 C  CB  . LEU B 2 11  ? -7.042  -10.954 2.889   1.00 19.90 ? 209  LEU B CB  1 
ATOM   1077 C  CG  . LEU B 2 11  ? -6.959  -9.927  1.754   1.00 19.51 ? 209  LEU B CG  1 
ATOM   1078 C  CD1 . LEU B 2 11  ? -6.218  -8.685  2.242   1.00 19.32 ? 209  LEU B CD1 1 
ATOM   1079 C  CD2 . LEU B 2 11  ? -6.283  -10.491 0.515   1.00 19.48 ? 209  LEU B CD2 1 
ATOM   1080 N  N   . ASP B 2 12  ? -8.173  -13.422 4.672   1.00 22.04 ? 210  ASP B N   1 
ATOM   1081 C  CA  . ASP B 2 12  ? -8.036  -14.410 5.746   1.00 23.71 ? 210  ASP B CA  1 
ATOM   1082 C  C   . ASP B 2 12  ? -8.015  -15.828 5.194   1.00 24.29 ? 210  ASP B C   1 
ATOM   1083 O  O   . ASP B 2 12  ? -7.240  -16.660 5.660   1.00 24.57 ? 210  ASP B O   1 
ATOM   1084 C  CB  . ASP B 2 12  ? -9.150  -14.269 6.784   1.00 24.13 ? 210  ASP B CB  1 
ATOM   1085 C  CG  . ASP B 2 12  ? -8.853  -13.202 7.824   1.00 25.73 ? 210  ASP B CG  1 
ATOM   1086 O  OD1 . ASP B 2 12  ? -7.736  -12.633 7.824   1.00 27.50 ? 210  ASP B OD1 1 
ATOM   1087 O  OD2 . ASP B 2 12  ? -9.749  -12.933 8.653   1.00 28.59 ? 210  ASP B OD2 1 
ATOM   1088 N  N   . SER B 2 13  ? -8.855  -16.087 4.191   1.00 25.08 ? 211  SER B N   1 
ATOM   1089 C  CA  . SER B 2 13  ? -8.907  -17.396 3.542   1.00 25.63 ? 211  SER B CA  1 
ATOM   1090 C  C   . SER B 2 13  ? -7.681  -17.662 2.666   1.00 26.13 ? 211  SER B C   1 
ATOM   1091 O  O   . SER B 2 13  ? -7.405  -18.809 2.328   1.00 26.10 ? 211  SER B O   1 
ATOM   1092 C  CB  . SER B 2 13  ? -10.189 -17.555 2.727   1.00 25.71 ? 211  SER B CB  1 
ATOM   1093 O  OG  . SER B 2 13  ? -10.101 -16.888 1.481   1.00 26.26 ? 211  SER B OG  1 
ATOM   1094 N  N   . LEU B 2 14  ? -6.957  -16.602 2.305   1.00 26.67 ? 212  LEU B N   1 
ATOM   1095 C  CA  . LEU B 2 14  ? -5.692  -16.728 1.581   1.00 27.36 ? 212  LEU B CA  1 
ATOM   1096 C  C   . LEU B 2 14  ? -4.482  -16.810 2.528   1.00 27.93 ? 212  LEU B C   1 
ATOM   1097 O  O   . LEU B 2 14  ? -3.340  -16.943 2.076   1.00 28.03 ? 212  LEU B O   1 
ATOM   1098 C  CB  . LEU B 2 14  ? -5.518  -15.573 0.587   1.00 27.45 ? 212  LEU B CB  1 
ATOM   1099 C  CG  . LEU B 2 14  ? -6.510  -15.455 -0.578  1.00 27.86 ? 212  LEU B CG  1 
ATOM   1100 C  CD1 . LEU B 2 14  ? -6.426  -14.078 -1.221  1.00 27.87 ? 212  LEU B CD1 1 
ATOM   1101 C  CD2 . LEU B 2 14  ? -6.303  -16.553 -1.617  1.00 28.01 ? 212  LEU B CD2 1 
ATOM   1102 N  N   . GLY B 2 15  ? -4.735  -16.711 3.833   1.00 28.44 ? 213  GLY B N   1 
ATOM   1103 C  CA  . GLY B 2 15  ? -3.692  -16.890 4.847   1.00 29.21 ? 213  GLY B CA  1 
ATOM   1104 C  C   . GLY B 2 15  ? -3.032  -15.632 5.395   1.00 29.78 ? 213  GLY B C   1 
ATOM   1105 O  O   . GLY B 2 15  ? -1.941  -15.704 5.968   1.00 29.61 ? 213  GLY B O   1 
ATOM   1106 N  N   . PHE B 2 16  ? -3.689  -14.484 5.229   1.00 30.28 ? 214  PHE B N   1 
ATOM   1107 C  CA  . PHE B 2 16  ? -3.151  -13.203 5.697   1.00 30.89 ? 214  PHE B CA  1 
ATOM   1108 C  C   . PHE B 2 16  ? -3.383  -13.004 7.195   1.00 31.02 ? 214  PHE B C   1 
ATOM   1109 O  O   . PHE B 2 16  ? -2.753  -12.148 7.814   1.00 31.23 ? 214  PHE B O   1 
ATOM   1110 C  CB  . PHE B 2 16  ? -3.755  -12.035 4.907   1.00 31.15 ? 214  PHE B CB  1 
ATOM   1111 C  CG  . PHE B 2 16  ? -3.131  -11.815 3.553   1.00 32.19 ? 214  PHE B CG  1 
ATOM   1112 C  CD1 . PHE B 2 16  ? -2.668  -12.893 2.782   1.00 33.75 ? 214  PHE B CD1 1 
ATOM   1113 C  CD2 . PHE B 2 16  ? -3.027  -10.522 3.033   1.00 32.83 ? 214  PHE B CD2 1 
ATOM   1114 C  CE1 . PHE B 2 16  ? -2.102  -12.679 1.526   1.00 33.77 ? 214  PHE B CE1 1 
ATOM   1115 C  CE2 . PHE B 2 16  ? -2.468  -10.303 1.779   1.00 32.74 ? 214  PHE B CE2 1 
ATOM   1116 C  CZ  . PHE B 2 16  ? -2.005  -11.380 1.025   1.00 32.47 ? 214  PHE B CZ  1 
ATOM   1117 O  OXT . PHE B 2 16  ? -4.192  -13.691 7.826   1.00 30.95 ? 214  PHE B OXT 1 
HETATM 1118 MG MG  . MG  C 3 .   ? -6.173  5.887   -9.214  1.00 7.43  ? 9001 MG  A MG  1 
HETATM 1119 BE BE  . BEF D 4 .   ? -7.284  3.592   -7.475  1.00 5.16  ? 501  BEF A BE  1 
HETATM 1120 F  F1  . BEF D 4 .   ? -7.359  4.459   -8.703  1.00 6.02  ? 501  BEF A F1  1 
HETATM 1121 F  F2  . BEF D 4 .   ? -7.293  2.146   -7.878  1.00 5.18  ? 501  BEF A F2  1 
HETATM 1122 F  F3  . BEF D 4 .   ? -8.458  3.871   -6.580  1.00 3.69  ? 501  BEF A F3  1 
HETATM 1123 O  O   . HOH E 5 .   ? 10.744  4.764   -13.283 1.00 4.49  ? 9002 HOH A O   1 
HETATM 1124 O  O   . HOH E 5 .   ? -6.790  7.196   -7.590  1.00 3.17  ? 9003 HOH A O   1 
HETATM 1125 O  O   . HOH E 5 .   ? 17.890  7.276   12.338  1.00 8.51  ? 9004 HOH A O   1 
HETATM 1126 O  O   . HOH E 5 .   ? -10.335 7.925   3.377   1.00 5.32  ? 9005 HOH A O   1 
HETATM 1127 O  O   . HOH E 5 .   ? 14.202  6.381   -14.565 1.00 5.72  ? 9006 HOH A O   1 
HETATM 1128 O  O   . HOH E 5 .   ? -4.417  4.999   -2.607  1.00 4.74  ? 9007 HOH A O   1 
HETATM 1129 O  O   . HOH E 5 .   ? 0.328   -6.591  -13.875 1.00 8.74  ? 9008 HOH A O   1 
HETATM 1130 O  O   . HOH E 5 .   ? -10.265 5.675   -7.330  1.00 8.26  ? 9009 HOH A O   1 
HETATM 1131 O  O   . HOH E 5 .   ? 12.148  3.392   6.405   1.00 4.88  ? 9010 HOH A O   1 
HETATM 1132 O  O   . HOH E 5 .   ? -13.305 1.413   6.013   1.00 5.63  ? 9011 HOH A O   1 
HETATM 1133 O  O   . HOH E 5 .   ? -12.252 7.332   -1.342  1.00 8.46  ? 9012 HOH A O   1 
HETATM 1134 O  O   . HOH E 5 .   ? 6.926   -10.092 -9.218  1.00 5.54  ? 9013 HOH A O   1 
HETATM 1135 O  O   . HOH E 5 .   ? -16.335 -9.413  -7.122  1.00 18.88 ? 9014 HOH A O   1 
HETATM 1136 O  O   . HOH E 5 .   ? 12.604  9.937   -3.039  1.00 16.41 ? 9015 HOH A O   1 
HETATM 1137 O  O   . HOH E 5 .   ? 13.069  3.997   -11.939 1.00 6.65  ? 9016 HOH A O   1 
HETATM 1138 O  O   . HOH E 5 .   ? -1.536  -11.871 -9.659  1.00 10.43 ? 9017 HOH A O   1 
HETATM 1139 O  O   . HOH E 5 .   ? 15.442  -10.433 -2.520  1.00 13.58 ? 9018 HOH A O   1 
HETATM 1140 O  O   . HOH E 5 .   ? -2.655  2.447   -16.486 1.00 11.62 ? 9019 HOH A O   1 
HETATM 1141 O  O   . HOH E 5 .   ? -1.772  -10.998 -12.251 1.00 14.60 ? 9020 HOH A O   1 
HETATM 1142 O  O   . HOH E 5 .   ? -2.849  14.625  10.647  1.00 10.70 ? 9021 HOH A O   1 
HETATM 1143 O  O   . HOH E 5 .   ? 7.849   8.342   9.468   1.00 14.09 ? 9022 HOH A O   1 
HETATM 1144 O  O   . HOH E 5 .   ? 2.733   12.270  7.304   1.00 10.91 ? 9023 HOH A O   1 
HETATM 1145 O  O   . HOH E 5 .   ? -11.315 9.212   -3.181  1.00 7.54  ? 9024 HOH A O   1 
HETATM 1146 O  O   . HOH E 5 .   ? -11.398 11.423  -1.718  1.00 14.48 ? 9025 HOH A O   1 
HETATM 1147 O  O   . HOH E 5 .   ? -12.631 8.259   8.896   1.00 14.35 ? 9026 HOH A O   1 
HETATM 1148 O  O   . HOH E 5 .   ? 16.366  -1.009  -8.096  0.50 6.45  ? 9027 HOH A O   1 
HETATM 1149 O  O   . HOH E 5 .   ? -1.883  5.560   -1.646  1.00 7.65  ? 9028 HOH A O   1 
HETATM 1150 O  O   . HOH E 5 .   ? -14.502 -10.751 -9.495  1.00 10.58 ? 9029 HOH A O   1 
HETATM 1151 O  O   . HOH E 5 .   ? -15.638 0.827   1.107   1.00 9.38  ? 9030 HOH A O   1 
HETATM 1152 O  O   . HOH E 5 .   ? -1.838  23.247  0.098   1.00 16.35 ? 9031 HOH A O   1 
HETATM 1153 O  O   . HOH E 5 .   ? 0.451   9.680   -12.868 1.00 20.59 ? 9032 HOH A O   1 
HETATM 1154 O  O   . HOH E 5 .   ? -5.397  -6.020  4.509   1.00 13.54 ? 9033 HOH A O   1 
HETATM 1155 O  O   . HOH E 5 .   ? 9.279   10.383  -12.024 1.00 11.61 ? 9034 HOH A O   1 
HETATM 1156 O  O   . HOH E 5 .   ? -7.416  6.739   -10.632 1.00 9.40  ? 9035 HOH A O   1 
HETATM 1157 O  O   . HOH E 5 .   ? -10.363 4.106   -9.881  1.00 19.25 ? 9036 HOH A O   1 
HETATM 1158 O  O   . HOH E 5 .   ? -7.934  5.629   -13.192 1.00 20.07 ? 9037 HOH A O   1 
HETATM 1159 O  O   . HOH E 5 .   ? -5.757  4.953   -14.622 1.00 16.72 ? 9038 HOH A O   1 
HETATM 1160 O  O   . HOH E 5 .   ? -14.047 5.884   -3.223  1.00 16.16 ? 9039 HOH A O   1 
HETATM 1161 O  O   . HOH E 5 .   ? -7.599  -10.140 6.259   1.00 24.28 ? 9040 HOH A O   1 
HETATM 1162 O  O   . HOH E 5 .   ? 12.207  2.460   9.931   1.00 20.23 ? 9041 HOH A O   1 
HETATM 1163 O  O   . HOH E 5 .   ? 7.901   10.526  12.261  1.00 16.41 ? 9042 HOH A O   1 
HETATM 1164 O  O   . HOH E 5 .   ? 4.285   2.301   15.704  1.00 29.43 ? 9043 HOH A O   1 
HETATM 1165 O  O   . HOH E 5 .   ? 13.456  10.369  -0.340  1.00 21.43 ? 9044 HOH A O   1 
HETATM 1166 O  O   . HOH E 5 .   ? -8.050  18.348  -3.513  1.00 14.51 ? 9045 HOH A O   1 
HETATM 1167 O  O   . HOH E 5 .   ? 2.952   13.446  13.568  1.00 19.66 ? 9046 HOH A O   1 
HETATM 1168 O  O   . HOH E 5 .   ? 4.844   10.193  -13.436 1.00 22.24 ? 9047 HOH A O   1 
HETATM 1169 O  O   . HOH E 5 .   ? 13.795  11.484  -5.156  1.00 22.12 ? 9048 HOH A O   1 
HETATM 1170 O  O   . HOH E 5 .   ? 3.689   7.608   -20.837 1.00 16.46 ? 9049 HOH A O   1 
HETATM 1171 O  O   . HOH E 5 .   ? -1.483  -4.644  -14.512 1.00 13.47 ? 9050 HOH A O   1 
HETATM 1172 O  O   . HOH E 5 .   ? 4.588   -5.395  -18.128 1.00 19.37 ? 9051 HOH A O   1 
HETATM 1173 O  O   . HOH E 5 .   ? -11.115 -0.501  -10.680 1.00 19.71 ? 9052 HOH A O   1 
HETATM 1174 O  O   . HOH E 5 .   ? -12.089 6.064   11.558  1.00 12.87 ? 9053 HOH A O   1 
HETATM 1175 O  O   . HOH E 5 .   ? -14.007 5.141   12.790  1.00 15.78 ? 9054 HOH A O   1 
HETATM 1176 O  O   . HOH E 5 .   ? -14.838 3.220   11.184  1.00 26.85 ? 9055 HOH A O   1 
HETATM 1177 O  O   . HOH E 5 .   ? -5.487  5.845   10.074  1.00 21.53 ? 9056 HOH A O   1 
HETATM 1178 O  O   . HOH E 5 .   ? -1.053  -9.803  11.639  1.00 25.21 ? 9057 HOH A O   1 
HETATM 1179 O  O   . HOH E 5 .   ? 0.153   -11.554 13.217  1.00 20.91 ? 9058 HOH A O   1 
HETATM 1180 O  O   . HOH E 5 .   ? -15.956 2.927   4.517   1.00 22.81 ? 9059 HOH A O   1 
HETATM 1181 O  O   . HOH E 5 .   ? 6.015   10.959  15.842  1.00 16.39 ? 9060 HOH A O   1 
HETATM 1182 O  O   . HOH E 5 .   ? -5.204  14.947  -8.576  1.00 17.39 ? 9061 HOH A O   1 
HETATM 1183 O  O   . HOH E 5 .   ? -1.232  13.097  -9.668  1.00 22.08 ? 9062 HOH A O   1 
HETATM 1184 O  O   . HOH E 5 .   ? -12.624 13.767  -2.553  1.00 14.29 ? 9063 HOH A O   1 
HETATM 1185 O  O   . HOH E 5 .   ? -14.777 14.389  -1.253  1.00 14.48 ? 9064 HOH A O   1 
HETATM 1186 O  O   . HOH E 5 .   ? -2.705  14.975  13.157  1.00 20.67 ? 9065 HOH A O   1 
HETATM 1187 O  O   . HOH E 5 .   ? 14.040  2.971   -1.051  1.00 11.27 ? 9066 HOH A O   1 
HETATM 1188 O  O   . HOH E 5 .   ? 13.390  0.512   -0.150  1.00 17.05 ? 9067 HOH A O   1 
HETATM 1189 O  O   . HOH E 5 .   ? 17.038  -7.112  -8.849  1.00 28.94 ? 9068 HOH A O   1 
HETATM 1190 O  O   . HOH E 5 .   ? -4.170  -10.069 -13.203 1.00 18.27 ? 9069 HOH A O   1 
HETATM 1191 O  O   . HOH E 5 .   ? -6.009  -8.423  -12.176 1.00 17.36 ? 9070 HOH A O   1 
HETATM 1192 O  O   . HOH E 5 .   ? -2.542  -7.714  6.060   1.00 18.17 ? 9071 HOH A O   1 
HETATM 1193 O  O   . HOH E 5 .   ? -3.430  -5.361  6.363   1.00 14.18 ? 9072 HOH A O   1 
HETATM 1194 O  O   . HOH E 5 .   ? -8.298  -2.479  -11.606 1.00 21.74 ? 9073 HOH A O   1 
HETATM 1195 O  O   . HOH E 5 .   ? -2.185  -0.533  -17.049 1.00 21.32 ? 9074 HOH A O   1 
HETATM 1196 O  O   . HOH E 5 .   ? 0.661   -0.902  -15.472 1.00 38.11 ? 9075 HOH A O   1 
HETATM 1197 O  O   . HOH E 5 .   ? 15.115  -5.502  -0.530  1.00 25.94 ? 9076 HOH A O   1 
HETATM 1198 O  O   . HOH E 5 .   ? 13.480  -6.968  0.887   0.50 25.52 ? 9077 HOH A O   1 
HETATM 1199 O  O   . HOH E 5 .   ? -11.506 -2.253  8.559   1.00 22.29 ? 9078 HOH A O   1 
HETATM 1200 O  O   . HOH F 5 .   ? -20.132 -6.328  6.688   1.00 6.22  ? 7    HOH B O   1 
HETATM 1201 O  O   . HOH F 5 .   ? -12.388 0.142   3.487   1.00 9.45  ? 26   HOH B O   1 
HETATM 1202 O  O   . HOH F 5 .   ? -20.303 -7.273  2.858   1.00 12.26 ? 30   HOH B O   1 
HETATM 1203 O  O   . HOH F 5 .   ? -21.088 -6.297  -0.959  1.00 20.70 ? 42   HOH B O   1 
HETATM 1204 O  O   . HOH F 5 .   ? -17.823 -10.200 5.295   1.00 21.94 ? 43   HOH B O   1 
HETATM 1205 O  O   . HOH F 5 .   ? -17.521 -12.223 3.482   1.00 15.46 ? 44   HOH B O   1 
HETATM 1206 O  O   . HOH F 5 .   ? -16.421 -1.119  2.804   1.00 13.97 ? 45   HOH B O   1 
HETATM 1207 O  O   . HOH F 5 .   ? -17.190 -3.626  5.442   1.00 12.12 ? 46   HOH B O   1 
HETATM 1208 O  O   . HOH F 5 .   ? -16.848 -3.228  8.826   1.00 23.91 ? 47   HOH B O   1 
HETATM 1209 O  O   . HOH F 5 .   ? -13.411 -4.574  8.300   1.00 16.57 ? 48   HOH B O   1 
HETATM 1210 O  O   . HOH F 5 .   ? -14.205 -8.081  9.170   1.00 17.81 ? 49   HOH B O   1 
HETATM 1211 O  O   . HOH F 5 .   ? -11.595 -7.655  9.696   1.00 22.48 ? 50   HOH B O   1 
HETATM 1212 O  O   . HOH F 5 .   ? -15.323 -12.354 1.128   1.00 22.53 ? 84   HOH B O   1 
# 
